data_1FAJ
# 
_entry.id   1FAJ 
# 
_audit_conform.dict_name       mmcif_pdbx.dic 
_audit_conform.dict_version    5.385 
_audit_conform.dict_location   http://mmcif.pdb.org/dictionaries/ascii/mmcif_pdbx.dic 
# 
loop_
_database_2.database_id 
_database_2.database_code 
_database_2.pdbx_database_accession 
_database_2.pdbx_DOI 
PDB   1FAJ         pdb_00001faj 10.2210/pdb1faj/pdb 
WWPDB D_1000173206 ?            ?                   
# 
loop_
_pdbx_audit_revision_history.ordinal 
_pdbx_audit_revision_history.data_content_type 
_pdbx_audit_revision_history.major_revision 
_pdbx_audit_revision_history.minor_revision 
_pdbx_audit_revision_history.revision_date 
1 'Structure model' 1 0 1996-11-08 
2 'Structure model' 1 1 2008-03-24 
3 'Structure model' 1 2 2011-07-13 
4 'Structure model' 1 3 2024-02-07 
# 
_pdbx_audit_revision_details.ordinal             1 
_pdbx_audit_revision_details.revision_ordinal    1 
_pdbx_audit_revision_details.data_content_type   'Structure model' 
_pdbx_audit_revision_details.provider            repository 
_pdbx_audit_revision_details.type                'Initial release' 
_pdbx_audit_revision_details.description         ? 
_pdbx_audit_revision_details.details             ? 
# 
loop_
_pdbx_audit_revision_group.ordinal 
_pdbx_audit_revision_group.revision_ordinal 
_pdbx_audit_revision_group.data_content_type 
_pdbx_audit_revision_group.group 
1 2 'Structure model' 'Version format compliance' 
2 3 'Structure model' 'Derived calculations'      
3 3 'Structure model' 'Version format compliance' 
4 4 'Structure model' 'Data collection'           
5 4 'Structure model' 'Database references'       
6 4 'Structure model' Other                       
# 
loop_
_pdbx_audit_revision_category.ordinal 
_pdbx_audit_revision_category.revision_ordinal 
_pdbx_audit_revision_category.data_content_type 
_pdbx_audit_revision_category.category 
1 4 'Structure model' chem_comp_atom       
2 4 'Structure model' chem_comp_bond       
3 4 'Structure model' database_2           
4 4 'Structure model' pdbx_database_status 
# 
loop_
_pdbx_audit_revision_item.ordinal 
_pdbx_audit_revision_item.revision_ordinal 
_pdbx_audit_revision_item.data_content_type 
_pdbx_audit_revision_item.item 
1 4 'Structure model' '_database_2.pdbx_DOI'                
2 4 'Structure model' '_database_2.pdbx_database_accession' 
3 4 'Structure model' '_pdbx_database_status.process_site'  
# 
_pdbx_database_status.status_code                     REL 
_pdbx_database_status.entry_id                        1FAJ 
_pdbx_database_status.recvd_initial_deposition_date   1996-01-10 
_pdbx_database_status.deposit_site                    ? 
_pdbx_database_status.process_site                    BNL 
_pdbx_database_status.status_code_sf                  REL 
_pdbx_database_status.status_code_mr                  ? 
_pdbx_database_status.SG_entry                        ? 
_pdbx_database_status.pdb_format_compatible           Y 
_pdbx_database_status.status_code_cs                  ? 
_pdbx_database_status.status_code_nmr_data            ? 
_pdbx_database_status.methods_development_category    ? 
# 
loop_
_audit_author.name 
_audit_author.pdbx_ordinal 
'Kankare, J.A.' 1 
'Salminen, T.'  2 
'Goldman, A.'   3 
# 
loop_
_citation.id 
_citation.title 
_citation.journal_abbrev 
_citation.journal_volume 
_citation.page_first 
_citation.page_last 
_citation.year 
_citation.journal_id_ASTM 
_citation.country 
_citation.journal_id_ISSN 
_citation.journal_id_CSD 
_citation.book_publisher 
_citation.pdbx_database_id_PubMed 
_citation.pdbx_database_id_DOI 
primary 'Structure of Escherichia coli inorganic pyrophosphatase at 2.2 A resolution.'                         
'Acta Crystallogr.,Sect.D' 52 551 563 1996 ABCRE6 DK 0907-4449 0766 ? 15299678 10.1107/S0907444996000376 
1       'New Crystal Forms of Escherichia Coli and Saccharomyces Cerevisiae Soluble Inorganic Pyrophosphatase' 
'Acta Crystallogr.,Sect.D' 51 399 ?   1995 ABCRE6 DK 0907-4449 0766 ? ?        ?                         
2       'The Structure of E.Coli Soluble Inorganic Pyrophosphatase at 2.7 A Resolution'                        'Protein Eng.' 7  
823 ?   1994 PRENE9 UK 0269-2139 0859 ? ?        ?                         
# 
loop_
_citation_author.citation_id 
_citation_author.name 
_citation_author.ordinal 
_citation_author.identifier_ORCID 
primary 'Kankare, J.'     1  ? 
primary 'Salminen, T.'    2  ? 
primary 'Lahti, R.'       3  ? 
primary 'Cooperman, B.S.' 4  ? 
primary 'Baykov, A.A.'    5  ? 
primary 'Goldman, A.'     6  ? 
1       'Heikinheimo, P.' 7  ? 
1       'Salminen, T.'    8  ? 
1       'Cooperman, B.'   9  ? 
1       'Lahti, R.'       10 ? 
1       'Goldman, A.'     11 ? 
2       'Kankare, J.'     12 ? 
2       'Neal, G.S.'      13 ? 
2       'Salminen, T.'    14 ? 
2       'Glumhoff, T.'    15 ? 
2       'Cooperman, B.S.' 16 ? 
2       'Lahti, R.'       17 ? 
2       'Goldman, A.'     18 ? 
# 
loop_
_entity.id 
_entity.type 
_entity.src_method 
_entity.pdbx_description 
_entity.formula_weight 
_entity.pdbx_number_of_molecules 
_entity.pdbx_ec 
_entity.pdbx_mutation 
_entity.pdbx_fragment 
_entity.details 
1 polymer nat 'SOLUBLE INORGANIC PYROPHOSPHATASE' 19597.334 1  3.6.1.1 ? ? ? 
2 water   nat water                               18.015    81 ?       ? ? ? 
# 
_entity_poly.entity_id                      1 
_entity_poly.type                           'polypeptide(L)' 
_entity_poly.nstd_linkage                   no 
_entity_poly.nstd_monomer                   no 
_entity_poly.pdbx_seq_one_letter_code       
;SLLNVPAGKDLPEDIYVVIEIPANADPIKYEIDKESGALFVDRFMSTAMFYPCNYGYINHTLSLDGDPVDVLVPTPYPLQ
PGSVIRCRPVGVLKMTDEAGEDAKLVAVPHSKLSKEYDHIKDVNDLPELLKAQIAHFFEHYKDLEKGKWVKVEGWENAEA
AKAEIVASFERAKNK
;
_entity_poly.pdbx_seq_one_letter_code_can   
;SLLNVPAGKDLPEDIYVVIEIPANADPIKYEIDKESGALFVDRFMSTAMFYPCNYGYINHTLSLDGDPVDVLVPTPYPLQ
PGSVIRCRPVGVLKMTDEAGEDAKLVAVPHSKLSKEYDHIKDVNDLPELLKAQIAHFFEHYKDLEKGKWVKVEGWENAEA
AKAEIVASFERAKNK
;
_entity_poly.pdbx_strand_id                 A 
_entity_poly.pdbx_target_identifier         ? 
# 
_pdbx_entity_nonpoly.entity_id   2 
_pdbx_entity_nonpoly.name        water 
_pdbx_entity_nonpoly.comp_id     HOH 
# 
loop_
_entity_poly_seq.entity_id 
_entity_poly_seq.num 
_entity_poly_seq.mon_id 
_entity_poly_seq.hetero 
1 1   SER n 
1 2   LEU n 
1 3   LEU n 
1 4   ASN n 
1 5   VAL n 
1 6   PRO n 
1 7   ALA n 
1 8   GLY n 
1 9   LYS n 
1 10  ASP n 
1 11  LEU n 
1 12  PRO n 
1 13  GLU n 
1 14  ASP n 
1 15  ILE n 
1 16  TYR n 
1 17  VAL n 
1 18  VAL n 
1 19  ILE n 
1 20  GLU n 
1 21  ILE n 
1 22  PRO n 
1 23  ALA n 
1 24  ASN n 
1 25  ALA n 
1 26  ASP n 
1 27  PRO n 
1 28  ILE n 
1 29  LYS n 
1 30  TYR n 
1 31  GLU n 
1 32  ILE n 
1 33  ASP n 
1 34  LYS n 
1 35  GLU n 
1 36  SER n 
1 37  GLY n 
1 38  ALA n 
1 39  LEU n 
1 40  PHE n 
1 41  VAL n 
1 42  ASP n 
1 43  ARG n 
1 44  PHE n 
1 45  MET n 
1 46  SER n 
1 47  THR n 
1 48  ALA n 
1 49  MET n 
1 50  PHE n 
1 51  TYR n 
1 52  PRO n 
1 53  CYS n 
1 54  ASN n 
1 55  TYR n 
1 56  GLY n 
1 57  TYR n 
1 58  ILE n 
1 59  ASN n 
1 60  HIS n 
1 61  THR n 
1 62  LEU n 
1 63  SER n 
1 64  LEU n 
1 65  ASP n 
1 66  GLY n 
1 67  ASP n 
1 68  PRO n 
1 69  VAL n 
1 70  ASP n 
1 71  VAL n 
1 72  LEU n 
1 73  VAL n 
1 74  PRO n 
1 75  THR n 
1 76  PRO n 
1 77  TYR n 
1 78  PRO n 
1 79  LEU n 
1 80  GLN n 
1 81  PRO n 
1 82  GLY n 
1 83  SER n 
1 84  VAL n 
1 85  ILE n 
1 86  ARG n 
1 87  CYS n 
1 88  ARG n 
1 89  PRO n 
1 90  VAL n 
1 91  GLY n 
1 92  VAL n 
1 93  LEU n 
1 94  LYS n 
1 95  MET n 
1 96  THR n 
1 97  ASP n 
1 98  GLU n 
1 99  ALA n 
1 100 GLY n 
1 101 GLU n 
1 102 ASP n 
1 103 ALA n 
1 104 LYS n 
1 105 LEU n 
1 106 VAL n 
1 107 ALA n 
1 108 VAL n 
1 109 PRO n 
1 110 HIS n 
1 111 SER n 
1 112 LYS n 
1 113 LEU n 
1 114 SER n 
1 115 LYS n 
1 116 GLU n 
1 117 TYR n 
1 118 ASP n 
1 119 HIS n 
1 120 ILE n 
1 121 LYS n 
1 122 ASP n 
1 123 VAL n 
1 124 ASN n 
1 125 ASP n 
1 126 LEU n 
1 127 PRO n 
1 128 GLU n 
1 129 LEU n 
1 130 LEU n 
1 131 LYS n 
1 132 ALA n 
1 133 GLN n 
1 134 ILE n 
1 135 ALA n 
1 136 HIS n 
1 137 PHE n 
1 138 PHE n 
1 139 GLU n 
1 140 HIS n 
1 141 TYR n 
1 142 LYS n 
1 143 ASP n 
1 144 LEU n 
1 145 GLU n 
1 146 LYS n 
1 147 GLY n 
1 148 LYS n 
1 149 TRP n 
1 150 VAL n 
1 151 LYS n 
1 152 VAL n 
1 153 GLU n 
1 154 GLY n 
1 155 TRP n 
1 156 GLU n 
1 157 ASN n 
1 158 ALA n 
1 159 GLU n 
1 160 ALA n 
1 161 ALA n 
1 162 LYS n 
1 163 ALA n 
1 164 GLU n 
1 165 ILE n 
1 166 VAL n 
1 167 ALA n 
1 168 SER n 
1 169 PHE n 
1 170 GLU n 
1 171 ARG n 
1 172 ALA n 
1 173 LYS n 
1 174 ASN n 
1 175 LYS n 
# 
_entity_src_nat.entity_id                  1 
_entity_src_nat.pdbx_src_id                1 
_entity_src_nat.pdbx_alt_source_flag       sample 
_entity_src_nat.pdbx_beg_seq_num           ? 
_entity_src_nat.pdbx_end_seq_num           ? 
_entity_src_nat.common_name                ? 
_entity_src_nat.pdbx_organism_scientific   'Escherichia coli' 
_entity_src_nat.pdbx_ncbi_taxonomy_id      562 
_entity_src_nat.genus                      Escherichia 
_entity_src_nat.species                    ? 
_entity_src_nat.strain                     ? 
_entity_src_nat.tissue                     ? 
_entity_src_nat.tissue_fraction            ? 
_entity_src_nat.pdbx_secretion             ? 
_entity_src_nat.pdbx_fragment              ? 
_entity_src_nat.pdbx_variant               ? 
_entity_src_nat.pdbx_cell_line             ? 
_entity_src_nat.pdbx_atcc                  ? 
_entity_src_nat.pdbx_cellular_location     ? 
_entity_src_nat.pdbx_organ                 ? 
_entity_src_nat.pdbx_organelle             ? 
_entity_src_nat.pdbx_cell                  ? 
_entity_src_nat.pdbx_plasmid_name          ? 
_entity_src_nat.pdbx_plasmid_details       ? 
_entity_src_nat.details                    ? 
# 
loop_
_chem_comp.id 
_chem_comp.type 
_chem_comp.mon_nstd_flag 
_chem_comp.name 
_chem_comp.pdbx_synonyms 
_chem_comp.formula 
_chem_comp.formula_weight 
ALA 'L-peptide linking' y ALANINE         ? 'C3 H7 N O2'     89.093  
ARG 'L-peptide linking' y ARGININE        ? 'C6 H15 N4 O2 1' 175.209 
ASN 'L-peptide linking' y ASPARAGINE      ? 'C4 H8 N2 O3'    132.118 
ASP 'L-peptide linking' y 'ASPARTIC ACID' ? 'C4 H7 N O4'     133.103 
CYS 'L-peptide linking' y CYSTEINE        ? 'C3 H7 N O2 S'   121.158 
GLN 'L-peptide linking' y GLUTAMINE       ? 'C5 H10 N2 O3'   146.144 
GLU 'L-peptide linking' y 'GLUTAMIC ACID' ? 'C5 H9 N O4'     147.129 
GLY 'peptide linking'   y GLYCINE         ? 'C2 H5 N O2'     75.067  
HIS 'L-peptide linking' y HISTIDINE       ? 'C6 H10 N3 O2 1' 156.162 
HOH non-polymer         . WATER           ? 'H2 O'           18.015  
ILE 'L-peptide linking' y ISOLEUCINE      ? 'C6 H13 N O2'    131.173 
LEU 'L-peptide linking' y LEUCINE         ? 'C6 H13 N O2'    131.173 
LYS 'L-peptide linking' y LYSINE          ? 'C6 H15 N2 O2 1' 147.195 
MET 'L-peptide linking' y METHIONINE      ? 'C5 H11 N O2 S'  149.211 
PHE 'L-peptide linking' y PHENYLALANINE   ? 'C9 H11 N O2'    165.189 
PRO 'L-peptide linking' y PROLINE         ? 'C5 H9 N O2'     115.130 
SER 'L-peptide linking' y SERINE          ? 'C3 H7 N O3'     105.093 
THR 'L-peptide linking' y THREONINE       ? 'C4 H9 N O3'     119.119 
TRP 'L-peptide linking' y TRYPTOPHAN      ? 'C11 H12 N2 O2'  204.225 
TYR 'L-peptide linking' y TYROSINE        ? 'C9 H11 N O3'    181.189 
VAL 'L-peptide linking' y VALINE          ? 'C5 H11 N O2'    117.146 
# 
loop_
_pdbx_poly_seq_scheme.asym_id 
_pdbx_poly_seq_scheme.entity_id 
_pdbx_poly_seq_scheme.seq_id 
_pdbx_poly_seq_scheme.mon_id 
_pdbx_poly_seq_scheme.ndb_seq_num 
_pdbx_poly_seq_scheme.pdb_seq_num 
_pdbx_poly_seq_scheme.auth_seq_num 
_pdbx_poly_seq_scheme.pdb_mon_id 
_pdbx_poly_seq_scheme.auth_mon_id 
_pdbx_poly_seq_scheme.pdb_strand_id 
_pdbx_poly_seq_scheme.pdb_ins_code 
_pdbx_poly_seq_scheme.hetero 
A 1 1   SER 1   1   1   SER SER A . n 
A 1 2   LEU 2   2   2   LEU LEU A . n 
A 1 3   LEU 3   3   3   LEU LEU A . n 
A 1 4   ASN 4   4   4   ASN ASN A . n 
A 1 5   VAL 5   5   5   VAL VAL A . n 
A 1 6   PRO 6   6   6   PRO PRO A . n 
A 1 7   ALA 7   7   7   ALA ALA A . n 
A 1 8   GLY 8   8   8   GLY GLY A . n 
A 1 9   LYS 9   9   9   LYS LYS A . n 
A 1 10  ASP 10  10  10  ASP ASP A . n 
A 1 11  LEU 11  11  11  LEU LEU A . n 
A 1 12  PRO 12  12  12  PRO PRO A . n 
A 1 13  GLU 13  13  13  GLU GLU A . n 
A 1 14  ASP 14  14  14  ASP ASP A . n 
A 1 15  ILE 15  15  15  ILE ILE A . n 
A 1 16  TYR 16  16  16  TYR TYR A . n 
A 1 17  VAL 17  17  17  VAL VAL A . n 
A 1 18  VAL 18  18  18  VAL VAL A . n 
A 1 19  ILE 19  19  19  ILE ILE A . n 
A 1 20  GLU 20  20  20  GLU GLU A . n 
A 1 21  ILE 21  21  21  ILE ILE A . n 
A 1 22  PRO 22  22  22  PRO PRO A . n 
A 1 23  ALA 23  23  23  ALA ALA A . n 
A 1 24  ASN 24  24  24  ASN ASN A . n 
A 1 25  ALA 25  25  25  ALA ALA A . n 
A 1 26  ASP 26  26  26  ASP ASP A . n 
A 1 27  PRO 27  27  27  PRO PRO A . n 
A 1 28  ILE 28  28  28  ILE ILE A . n 
A 1 29  LYS 29  29  29  LYS LYS A . n 
A 1 30  TYR 30  30  30  TYR TYR A . n 
A 1 31  GLU 31  31  31  GLU GLU A . n 
A 1 32  ILE 32  32  32  ILE ILE A . n 
A 1 33  ASP 33  33  33  ASP ASP A . n 
A 1 34  LYS 34  34  34  LYS LYS A . n 
A 1 35  GLU 35  35  35  GLU GLU A . n 
A 1 36  SER 36  36  36  SER SER A . n 
A 1 37  GLY 37  37  37  GLY GLY A . n 
A 1 38  ALA 38  38  38  ALA ALA A . n 
A 1 39  LEU 39  39  39  LEU LEU A . n 
A 1 40  PHE 40  40  40  PHE PHE A . n 
A 1 41  VAL 41  41  41  VAL VAL A . n 
A 1 42  ASP 42  42  42  ASP ASP A . n 
A 1 43  ARG 43  43  43  ARG ARG A . n 
A 1 44  PHE 44  44  44  PHE PHE A . n 
A 1 45  MET 45  45  45  MET MET A . n 
A 1 46  SER 46  46  46  SER SER A . n 
A 1 47  THR 47  47  47  THR THR A . n 
A 1 48  ALA 48  48  48  ALA ALA A . n 
A 1 49  MET 49  49  49  MET MET A . n 
A 1 50  PHE 50  50  50  PHE PHE A . n 
A 1 51  TYR 51  51  51  TYR TYR A . n 
A 1 52  PRO 52  52  52  PRO PRO A . n 
A 1 53  CYS 53  53  53  CYS CYS A . n 
A 1 54  ASN 54  54  54  ASN ASN A . n 
A 1 55  TYR 55  55  55  TYR TYR A . n 
A 1 56  GLY 56  56  56  GLY GLY A . n 
A 1 57  TYR 57  57  57  TYR TYR A . n 
A 1 58  ILE 58  58  58  ILE ILE A . n 
A 1 59  ASN 59  59  59  ASN ASN A . n 
A 1 60  HIS 60  60  60  HIS HIS A . n 
A 1 61  THR 61  61  61  THR THR A . n 
A 1 62  LEU 62  62  62  LEU LEU A . n 
A 1 63  SER 63  63  63  SER SER A . n 
A 1 64  LEU 64  64  64  LEU LEU A . n 
A 1 65  ASP 65  65  65  ASP ASP A . n 
A 1 66  GLY 66  66  66  GLY GLY A . n 
A 1 67  ASP 67  67  67  ASP ASP A . n 
A 1 68  PRO 68  68  68  PRO PRO A . n 
A 1 69  VAL 69  69  69  VAL VAL A . n 
A 1 70  ASP 70  70  70  ASP ASP A . n 
A 1 71  VAL 71  71  71  VAL VAL A . n 
A 1 72  LEU 72  72  72  LEU LEU A . n 
A 1 73  VAL 73  73  73  VAL VAL A . n 
A 1 74  PRO 74  74  74  PRO PRO A . n 
A 1 75  THR 75  75  75  THR THR A . n 
A 1 76  PRO 76  76  76  PRO PRO A . n 
A 1 77  TYR 77  77  77  TYR TYR A . n 
A 1 78  PRO 78  78  78  PRO PRO A . n 
A 1 79  LEU 79  79  79  LEU LEU A . n 
A 1 80  GLN 80  80  80  GLN GLN A . n 
A 1 81  PRO 81  81  81  PRO PRO A . n 
A 1 82  GLY 82  82  82  GLY GLY A . n 
A 1 83  SER 83  83  83  SER SER A . n 
A 1 84  VAL 84  84  84  VAL VAL A . n 
A 1 85  ILE 85  85  85  ILE ILE A . n 
A 1 86  ARG 86  86  86  ARG ARG A . n 
A 1 87  CYS 87  87  87  CYS CYS A . n 
A 1 88  ARG 88  88  88  ARG ARG A . n 
A 1 89  PRO 89  89  89  PRO PRO A . n 
A 1 90  VAL 90  90  90  VAL VAL A . n 
A 1 91  GLY 91  91  91  GLY GLY A . n 
A 1 92  VAL 92  92  92  VAL VAL A . n 
A 1 93  LEU 93  93  93  LEU LEU A . n 
A 1 94  LYS 94  94  94  LYS LYS A . n 
A 1 95  MET 95  95  95  MET MET A . n 
A 1 96  THR 96  96  96  THR THR A . n 
A 1 97  ASP 97  97  97  ASP ASP A . n 
A 1 98  GLU 98  98  ?   ?   ?   A . n 
A 1 99  ALA 99  99  ?   ?   ?   A . n 
A 1 100 GLY 100 100 100 GLY GLY A . n 
A 1 101 GLU 101 101 101 GLU GLU A . n 
A 1 102 ASP 102 102 102 ASP ASP A . n 
A 1 103 ALA 103 103 103 ALA ALA A . n 
A 1 104 LYS 104 104 104 LYS LYS A . n 
A 1 105 LEU 105 105 105 LEU LEU A . n 
A 1 106 VAL 106 106 106 VAL VAL A . n 
A 1 107 ALA 107 107 107 ALA ALA A . n 
A 1 108 VAL 108 108 108 VAL VAL A . n 
A 1 109 PRO 109 109 109 PRO PRO A . n 
A 1 110 HIS 110 110 110 HIS HIS A . n 
A 1 111 SER 111 111 111 SER SER A . n 
A 1 112 LYS 112 112 112 LYS LYS A . n 
A 1 113 LEU 113 113 113 LEU LEU A . n 
A 1 114 SER 114 114 114 SER SER A . n 
A 1 115 LYS 115 115 115 LYS LYS A . n 
A 1 116 GLU 116 116 116 GLU GLU A . n 
A 1 117 TYR 117 117 117 TYR TYR A . n 
A 1 118 ASP 118 118 118 ASP ASP A . n 
A 1 119 HIS 119 119 119 HIS HIS A . n 
A 1 120 ILE 120 120 120 ILE ILE A . n 
A 1 121 LYS 121 121 121 LYS LYS A . n 
A 1 122 ASP 122 122 122 ASP ASP A . n 
A 1 123 VAL 123 123 123 VAL VAL A . n 
A 1 124 ASN 124 124 124 ASN ASN A . n 
A 1 125 ASP 125 125 125 ASP ASP A . n 
A 1 126 LEU 126 126 126 LEU LEU A . n 
A 1 127 PRO 127 127 127 PRO PRO A . n 
A 1 128 GLU 128 128 128 GLU GLU A . n 
A 1 129 LEU 129 129 129 LEU LEU A . n 
A 1 130 LEU 130 130 130 LEU LEU A . n 
A 1 131 LYS 131 131 131 LYS LYS A . n 
A 1 132 ALA 132 132 132 ALA ALA A . n 
A 1 133 GLN 133 133 133 GLN GLN A . n 
A 1 134 ILE 134 134 134 ILE ILE A . n 
A 1 135 ALA 135 135 135 ALA ALA A . n 
A 1 136 HIS 136 136 136 HIS HIS A . n 
A 1 137 PHE 137 137 137 PHE PHE A . n 
A 1 138 PHE 138 138 138 PHE PHE A . n 
A 1 139 GLU 139 139 139 GLU GLU A . n 
A 1 140 HIS 140 140 140 HIS HIS A . n 
A 1 141 TYR 141 141 141 TYR TYR A . n 
A 1 142 LYS 142 142 142 LYS LYS A . n 
A 1 143 ASP 143 143 143 ASP ASP A . n 
A 1 144 LEU 144 144 144 LEU LEU A . n 
A 1 145 GLU 145 145 145 GLU GLU A . n 
A 1 146 LYS 146 146 ?   ?   ?   A . n 
A 1 147 GLY 147 147 ?   ?   ?   A . n 
A 1 148 LYS 148 148 ?   ?   ?   A . n 
A 1 149 TRP 149 149 149 TRP TRP A . n 
A 1 150 VAL 150 150 150 VAL VAL A . n 
A 1 151 LYS 151 151 151 LYS LYS A . n 
A 1 152 VAL 152 152 152 VAL VAL A . n 
A 1 153 GLU 153 153 153 GLU GLU A . n 
A 1 154 GLY 154 154 154 GLY GLY A . n 
A 1 155 TRP 155 155 155 TRP TRP A . n 
A 1 156 GLU 156 156 156 GLU GLU A . n 
A 1 157 ASN 157 157 157 ASN ASN A . n 
A 1 158 ALA 158 158 158 ALA ALA A . n 
A 1 159 GLU 159 159 159 GLU GLU A . n 
A 1 160 ALA 160 160 160 ALA ALA A . n 
A 1 161 ALA 161 161 161 ALA ALA A . n 
A 1 162 LYS 162 162 162 LYS LYS A . n 
A 1 163 ALA 163 163 163 ALA ALA A . n 
A 1 164 GLU 164 164 164 GLU GLU A . n 
A 1 165 ILE 165 165 165 ILE ILE A . n 
A 1 166 VAL 166 166 166 VAL VAL A . n 
A 1 167 ALA 167 167 167 ALA ALA A . n 
A 1 168 SER 168 168 168 SER SER A . n 
A 1 169 PHE 169 169 169 PHE PHE A . n 
A 1 170 GLU 170 170 170 GLU GLU A . n 
A 1 171 ARG 171 171 171 ARG ARG A . n 
A 1 172 ALA 172 172 172 ALA ALA A . n 
A 1 173 LYS 173 173 173 LYS LYS A . n 
A 1 174 ASN 174 174 ?   ?   ?   A . n 
A 1 175 LYS 175 175 ?   ?   ?   A . n 
# 
loop_
_pdbx_nonpoly_scheme.asym_id 
_pdbx_nonpoly_scheme.entity_id 
_pdbx_nonpoly_scheme.mon_id 
_pdbx_nonpoly_scheme.ndb_seq_num 
_pdbx_nonpoly_scheme.pdb_seq_num 
_pdbx_nonpoly_scheme.auth_seq_num 
_pdbx_nonpoly_scheme.pdb_mon_id 
_pdbx_nonpoly_scheme.auth_mon_id 
_pdbx_nonpoly_scheme.pdb_strand_id 
_pdbx_nonpoly_scheme.pdb_ins_code 
B 2 HOH 1  176 1  HOH HOH A . 
B 2 HOH 2  177 2  HOH HOH A . 
B 2 HOH 3  178 3  HOH HOH A . 
B 2 HOH 4  179 4  HOH HOH A . 
B 2 HOH 5  180 5  HOH HOH A . 
B 2 HOH 6  181 6  HOH HOH A . 
B 2 HOH 7  182 7  HOH HOH A . 
B 2 HOH 8  183 8  HOH HOH A . 
B 2 HOH 9  184 9  HOH HOH A . 
B 2 HOH 10 185 10 HOH HOH A . 
B 2 HOH 11 186 11 HOH HOH A . 
B 2 HOH 12 187 12 HOH HOH A . 
B 2 HOH 13 188 13 HOH HOH A . 
B 2 HOH 14 189 14 HOH HOH A . 
B 2 HOH 15 190 15 HOH HOH A . 
B 2 HOH 16 191 16 HOH HOH A . 
B 2 HOH 17 192 17 HOH HOH A . 
B 2 HOH 18 193 18 HOH HOH A . 
B 2 HOH 19 194 19 HOH HOH A . 
B 2 HOH 20 195 20 HOH HOH A . 
B 2 HOH 21 196 21 HOH HOH A . 
B 2 HOH 22 197 22 HOH HOH A . 
B 2 HOH 23 198 23 HOH HOH A . 
B 2 HOH 24 199 24 HOH HOH A . 
B 2 HOH 25 200 25 HOH HOH A . 
B 2 HOH 26 201 26 HOH HOH A . 
B 2 HOH 27 202 27 HOH HOH A . 
B 2 HOH 28 203 28 HOH HOH A . 
B 2 HOH 29 204 29 HOH HOH A . 
B 2 HOH 30 205 30 HOH HOH A . 
B 2 HOH 31 206 31 HOH HOH A . 
B 2 HOH 32 207 32 HOH HOH A . 
B 2 HOH 33 208 33 HOH HOH A . 
B 2 HOH 34 209 34 HOH HOH A . 
B 2 HOH 35 210 35 HOH HOH A . 
B 2 HOH 36 211 36 HOH HOH A . 
B 2 HOH 37 212 37 HOH HOH A . 
B 2 HOH 38 213 38 HOH HOH A . 
B 2 HOH 39 214 39 HOH HOH A . 
B 2 HOH 40 215 40 HOH HOH A . 
B 2 HOH 41 216 41 HOH HOH A . 
B 2 HOH 42 217 42 HOH HOH A . 
B 2 HOH 43 218 43 HOH HOH A . 
B 2 HOH 44 219 44 HOH HOH A . 
B 2 HOH 45 220 45 HOH HOH A . 
B 2 HOH 46 221 46 HOH HOH A . 
B 2 HOH 47 222 47 HOH HOH A . 
B 2 HOH 48 223 48 HOH HOH A . 
B 2 HOH 49 224 49 HOH HOH A . 
B 2 HOH 50 225 50 HOH HOH A . 
B 2 HOH 51 226 51 HOH HOH A . 
B 2 HOH 52 227 52 HOH HOH A . 
B 2 HOH 53 228 53 HOH HOH A . 
B 2 HOH 54 229 54 HOH HOH A . 
B 2 HOH 55 230 55 HOH HOH A . 
B 2 HOH 56 231 56 HOH HOH A . 
B 2 HOH 57 232 57 HOH HOH A . 
B 2 HOH 58 233 58 HOH HOH A . 
B 2 HOH 59 234 59 HOH HOH A . 
B 2 HOH 60 235 60 HOH HOH A . 
B 2 HOH 61 236 61 HOH HOH A . 
B 2 HOH 62 237 62 HOH HOH A . 
B 2 HOH 63 238 63 HOH HOH A . 
B 2 HOH 64 239 64 HOH HOH A . 
B 2 HOH 65 240 65 HOH HOH A . 
B 2 HOH 66 241 66 HOH HOH A . 
B 2 HOH 67 242 67 HOH HOH A . 
B 2 HOH 68 243 68 HOH HOH A . 
B 2 HOH 69 244 69 HOH HOH A . 
B 2 HOH 70 245 70 HOH HOH A . 
B 2 HOH 71 246 71 HOH HOH A . 
B 2 HOH 72 247 72 HOH HOH A . 
B 2 HOH 73 248 73 HOH HOH A . 
B 2 HOH 74 249 74 HOH HOH A . 
B 2 HOH 75 250 75 HOH HOH A . 
B 2 HOH 76 251 76 HOH HOH A . 
B 2 HOH 77 252 77 HOH HOH A . 
B 2 HOH 78 253 78 HOH HOH A . 
B 2 HOH 79 254 79 HOH HOH A . 
B 2 HOH 80 255 80 HOH HOH A . 
B 2 HOH 81 256 81 HOH HOH A . 
# 
loop_
_software.name 
_software.classification 
_software.version 
_software.citation_id 
_software.pdbx_ordinal 
X-PLOR 'model building' 3.1 ? 1 
X-PLOR refinement       3.1 ? 2 
DENZO  'data reduction' .   ? 3 
X-PLOR phasing          3.1 ? 4 
# 
_cell.entry_id           1FAJ 
_cell.length_a           111.500 
_cell.length_b           111.500 
_cell.length_c           76.500 
_cell.angle_alpha        90.00 
_cell.angle_beta         90.00 
_cell.angle_gamma        120.00 
_cell.Z_PDB              18 
_cell.pdbx_unique_axis   ? 
# 
_symmetry.entry_id                         1FAJ 
_symmetry.space_group_name_H-M             'H 3 2' 
_symmetry.pdbx_full_space_group_name_H-M   ? 
_symmetry.cell_setting                     ? 
_symmetry.Int_Tables_number                155 
# 
_exptl.entry_id          1FAJ 
_exptl.method            'X-RAY DIFFRACTION' 
_exptl.crystals_number   ? 
# 
loop_
_exptl_crystal.id 
_exptl_crystal.density_meas 
_exptl_crystal.density_Matthews 
_exptl_crystal.density_percent_sol 
_exptl_crystal.description 
1 ? 2.33 47.29 ? 
2 ? ?    ?     ? 
# 
_diffrn.id                     1 
_diffrn.ambient_temp           ? 
_diffrn.ambient_temp_details   ? 
_diffrn.crystal_id             1 
# 
_diffrn_detector.diffrn_id              1 
_diffrn_detector.detector               'IMAGE PLATE' 
_diffrn_detector.type                   'RIGAKU RAXIS IIC' 
_diffrn_detector.pdbx_collection_date   ? 
_diffrn_detector.details                ? 
# 
_diffrn_radiation.diffrn_id                        1 
_diffrn_radiation.wavelength_id                    1 
_diffrn_radiation.pdbx_monochromatic_or_laue_m_l   ? 
_diffrn_radiation.monochromator                    ? 
_diffrn_radiation.pdbx_diffrn_protocol             ? 
_diffrn_radiation.pdbx_scattering_type             x-ray 
# 
_diffrn_radiation_wavelength.id           1 
_diffrn_radiation_wavelength.wavelength   1.5418 
_diffrn_radiation_wavelength.wt           1.0 
# 
_diffrn_source.diffrn_id                   1 
_diffrn_source.source                      ? 
_diffrn_source.type                        ? 
_diffrn_source.pdbx_synchrotron_site       ? 
_diffrn_source.pdbx_synchrotron_beamline   ? 
_diffrn_source.pdbx_wavelength             1.5418 
_diffrn_source.pdbx_wavelength_list        ? 
# 
_reflns.entry_id                     1FAJ 
_reflns.observed_criterion_sigma_I   2. 
_reflns.observed_criterion_sigma_F   ? 
_reflns.d_resolution_low             20.0 
_reflns.d_resolution_high            2.0 
_reflns.number_obs                   12452 
_reflns.number_all                   ? 
_reflns.percent_possible_obs         99.9 
_reflns.pdbx_Rmerge_I_obs            0.0730000 
_reflns.pdbx_Rsym_value              ? 
_reflns.pdbx_netI_over_sigmaI        ? 
_reflns.B_iso_Wilson_estimate        ? 
_reflns.pdbx_redundancy              ? 
_reflns.pdbx_ordinal                 1 
_reflns.pdbx_diffrn_id               1 
# 
_refine.entry_id                                 1FAJ 
_refine.ls_number_reflns_obs                     8942 
_refine.ls_number_reflns_all                     ? 
_refine.pdbx_ls_sigma_I                          ? 
_refine.pdbx_ls_sigma_F                          2. 
_refine.pdbx_data_cutoff_high_absF               ? 
_refine.pdbx_data_cutoff_low_absF                ? 
_refine.pdbx_data_cutoff_high_rms_absF           ? 
_refine.ls_d_res_low                             8.0 
_refine.ls_d_res_high                            2.15 
_refine.ls_percent_reflns_obs                    99.9 
_refine.ls_R_factor_obs                          0.1870000 
_refine.ls_R_factor_all                          ? 
_refine.ls_R_factor_R_work                       0.1870000 
_refine.ls_R_factor_R_free                       ? 
_refine.ls_R_factor_R_free_error                 ? 
_refine.ls_R_factor_R_free_error_details         ? 
_refine.ls_percent_reflns_R_free                 ? 
_refine.ls_number_reflns_R_free                  ? 
_refine.ls_number_parameters                     ? 
_refine.ls_number_restraints                     ? 
_refine.occupancy_min                            ? 
_refine.occupancy_max                            ? 
_refine.B_iso_mean                               33.7 
_refine.aniso_B[1][1]                            ? 
_refine.aniso_B[2][2]                            ? 
_refine.aniso_B[3][3]                            ? 
_refine.aniso_B[1][2]                            ? 
_refine.aniso_B[1][3]                            ? 
_refine.aniso_B[2][3]                            ? 
_refine.solvent_model_details                    ? 
_refine.solvent_model_param_ksol                 ? 
_refine.solvent_model_param_bsol                 ? 
_refine.pdbx_ls_cross_valid_method               ? 
_refine.details                                  ? 
_refine.pdbx_starting_model                      ? 
_refine.pdbx_method_to_determine_struct          ? 
_refine.pdbx_isotropic_thermal_model             ? 
_refine.pdbx_stereochemistry_target_values       ? 
_refine.pdbx_stereochem_target_val_spec_case     ? 
_refine.pdbx_R_Free_selection_details            ? 
_refine.pdbx_overall_ESU_R                       ? 
_refine.pdbx_overall_ESU_R_Free                  ? 
_refine.overall_SU_ML                            ? 
_refine.overall_SU_B                             ? 
_refine.pdbx_refine_id                           'X-RAY DIFFRACTION' 
_refine.pdbx_diffrn_id                           1 
_refine.pdbx_TLS_residual_ADP_flag               ? 
_refine.correlation_coeff_Fo_to_Fc               ? 
_refine.correlation_coeff_Fo_to_Fc_free          ? 
_refine.pdbx_solvent_vdw_probe_radii             ? 
_refine.pdbx_solvent_ion_probe_radii             ? 
_refine.pdbx_solvent_shrinkage_radii             ? 
_refine.pdbx_overall_phase_error                 ? 
_refine.overall_SU_R_Cruickshank_DPI             ? 
_refine.pdbx_overall_SU_R_free_Cruickshank_DPI   ? 
_refine.pdbx_overall_SU_R_Blow_DPI               ? 
_refine.pdbx_overall_SU_R_free_Blow_DPI          ? 
# 
_refine_hist.pdbx_refine_id                   'X-RAY DIFFRACTION' 
_refine_hist.cycle_id                         LAST 
_refine_hist.pdbx_number_atoms_protein        1327 
_refine_hist.pdbx_number_atoms_nucleic_acid   0 
_refine_hist.pdbx_number_atoms_ligand         0 
_refine_hist.number_atoms_solvent             81 
_refine_hist.number_atoms_total               1408 
_refine_hist.d_res_high                       2.15 
_refine_hist.d_res_low                        8.0 
# 
loop_
_refine_ls_restr.type 
_refine_ls_restr.dev_ideal 
_refine_ls_restr.dev_ideal_target 
_refine_ls_restr.weight 
_refine_ls_restr.number 
_refine_ls_restr.pdbx_refine_id 
_refine_ls_restr.pdbx_restraint_function 
x_bond_d                0.02 ? ? ? 'X-RAY DIFFRACTION' ? 
x_bond_d_na             ?    ? ? ? 'X-RAY DIFFRACTION' ? 
x_bond_d_prot           ?    ? ? ? 'X-RAY DIFFRACTION' ? 
x_angle_d               ?    ? ? ? 'X-RAY DIFFRACTION' ? 
x_angle_d_na            ?    ? ? ? 'X-RAY DIFFRACTION' ? 
x_angle_d_prot          ?    ? ? ? 'X-RAY DIFFRACTION' ? 
x_angle_deg             2.0  ? ? ? 'X-RAY DIFFRACTION' ? 
x_angle_deg_na          ?    ? ? ? 'X-RAY DIFFRACTION' ? 
x_angle_deg_prot        ?    ? ? ? 'X-RAY DIFFRACTION' ? 
x_dihedral_angle_d      25.7 ? ? ? 'X-RAY DIFFRACTION' ? 
x_dihedral_angle_d_na   ?    ? ? ? 'X-RAY DIFFRACTION' ? 
x_dihedral_angle_d_prot ?    ? ? ? 'X-RAY DIFFRACTION' ? 
x_improper_angle_d      ?    ? ? ? 'X-RAY DIFFRACTION' ? 
x_improper_angle_d_na   ?    ? ? ? 'X-RAY DIFFRACTION' ? 
x_improper_angle_d_prot ?    ? ? ? 'X-RAY DIFFRACTION' ? 
x_mcbond_it             ?    ? ? ? 'X-RAY DIFFRACTION' ? 
x_mcangle_it            ?    ? ? ? 'X-RAY DIFFRACTION' ? 
x_scbond_it             ?    ? ? ? 'X-RAY DIFFRACTION' ? 
x_scangle_it            ?    ? ? ? 'X-RAY DIFFRACTION' ? 
# 
_struct.entry_id                  1FAJ 
_struct.title                     'INORGANIC PYROPHOSPHATASE' 
_struct.pdbx_model_details        ? 
_struct.pdbx_CASP_flag            ? 
_struct.pdbx_model_type_details   ? 
# 
_struct_keywords.entry_id        1FAJ 
_struct_keywords.pdbx_keywords   'INORGANIC PYROPHOSPHATASE' 
_struct_keywords.text            'HYDROLASE, MAGNESIUM, INORGANIC PYROPHOSPHATASE' 
# 
loop_
_struct_asym.id 
_struct_asym.pdbx_blank_PDB_chainid_flag 
_struct_asym.pdbx_modified 
_struct_asym.entity_id 
_struct_asym.details 
A N N 1 ? 
B N N 2 ? 
# 
_struct_ref.id                         1 
_struct_ref.db_name                    UNP 
_struct_ref.db_code                    IPYR_ECOLI 
_struct_ref.entity_id                  1 
_struct_ref.pdbx_db_accession          P0A7A9 
_struct_ref.pdbx_align_begin           1 
_struct_ref.pdbx_seq_one_letter_code   
;SLLNVPAGKDLPEDIYVVIEIPANADPIKYEIDKESGALFVDRFMSTAMFYPCNYGYINHTLSLDGDPVDVLVPTPYPLQ
PGSVIRCRPVGVLKMTDEAGEDAKLVAVPHSKLSKEYDHIKDVNDLPELLKAQIAHFFEHYKDLEKGKWVKVEGWENAEA
AKAEIVASFERAKNK
;
_struct_ref.pdbx_db_isoform            ? 
# 
_struct_ref_seq.align_id                      1 
_struct_ref_seq.ref_id                        1 
_struct_ref_seq.pdbx_PDB_id_code              1FAJ 
_struct_ref_seq.pdbx_strand_id                A 
_struct_ref_seq.seq_align_beg                 1 
_struct_ref_seq.pdbx_seq_align_beg_ins_code   ? 
_struct_ref_seq.seq_align_end                 175 
_struct_ref_seq.pdbx_seq_align_end_ins_code   ? 
_struct_ref_seq.pdbx_db_accession             P0A7A9 
_struct_ref_seq.db_align_beg                  1 
_struct_ref_seq.pdbx_db_align_beg_ins_code    ? 
_struct_ref_seq.db_align_end                  175 
_struct_ref_seq.pdbx_db_align_end_ins_code    ? 
_struct_ref_seq.pdbx_auth_seq_align_beg       1 
_struct_ref_seq.pdbx_auth_seq_align_end       175 
# 
_pdbx_struct_assembly.id                   1 
_pdbx_struct_assembly.details              author_and_software_defined_assembly 
_pdbx_struct_assembly.method_details       PISA,PQS 
_pdbx_struct_assembly.oligomeric_details   hexameric 
_pdbx_struct_assembly.oligomeric_count     6 
# 
loop_
_pdbx_struct_assembly_prop.biol_id 
_pdbx_struct_assembly_prop.type 
_pdbx_struct_assembly_prop.value 
_pdbx_struct_assembly_prop.details 
1 'ABSA (A^2)' 12700 ? 
1 MORE         -102  ? 
1 'SSA (A^2)'  37540 ? 
# 
_pdbx_struct_assembly_gen.assembly_id       1 
_pdbx_struct_assembly_gen.oper_expression   1,2,3,4,5,6 
_pdbx_struct_assembly_gen.asym_id_list      A,B 
# 
loop_
_pdbx_struct_oper_list.id 
_pdbx_struct_oper_list.type 
_pdbx_struct_oper_list.name 
_pdbx_struct_oper_list.symmetry_operation 
_pdbx_struct_oper_list.matrix[1][1] 
_pdbx_struct_oper_list.matrix[1][2] 
_pdbx_struct_oper_list.matrix[1][3] 
_pdbx_struct_oper_list.vector[1] 
_pdbx_struct_oper_list.matrix[2][1] 
_pdbx_struct_oper_list.matrix[2][2] 
_pdbx_struct_oper_list.matrix[2][3] 
_pdbx_struct_oper_list.vector[2] 
_pdbx_struct_oper_list.matrix[3][1] 
_pdbx_struct_oper_list.matrix[3][2] 
_pdbx_struct_oper_list.matrix[3][3] 
_pdbx_struct_oper_list.vector[3] 
1 'identity operation'         1_555 x,y,z        1.0000000000  0.0000000000  0.0000000000  0.0000000000  0.0000000000  1.0000000000  0.0000000000  0.0000000000  0.0000000000  0.0000000000  1.0000000000  0.0000000000   
2 'crystal symmetry operation' 2_555 -y,x-y,z     -0.4846410593 0.7329090392  0.4774593009  -3.7606673711 -0.5268479963 0.1911471651  -0.8281871468 24.0693893301 -0.6982508378 -0.6529219721 0.2934938941  21.9403506129  
3 'crystal symmetry operation' 3_555 -x+y,-x,z    -0.4846410593 -0.5268479963 -0.6982508378 26.1782039192 0.7329090392  0.1911471651  -0.6529219721 12.4807685622 0.4774593009  -0.8281871468 0.2934938941  15.2901655477  
4 'crystal symmetry operation' 4_556 y,x,-z+1     0.3028116109  0.5995703856  0.7408241904  -8.1803685079 0.5995703856  -0.7240701232 0.3409366648  33.1455756611 0.7408241904  0.3409366648  -0.5787414877 -12.4396943660 
5 'crystal symmetry operation' 5_556 x-y,-y,-z+1  -0.9799185077 -0.1471608451 -0.1345488904 21.3660932687 -0.1471608451 0.0784215643  0.9859988560  20.9431351408 -0.1345488904 0.9859988560  -0.0985030566 -19.7173415576 
6 'crystal symmetry operation' 6_556 -x,-x+y,-z+1 0.6463890154  -0.6584705834 -0.3854837630 18.5571193228 -0.6584705834 -0.7366457713 0.1541735981  45.0172778949 -0.3854837630 0.1541735981  -0.9097432441 2.3598508100 
# 
_struct_biol.id                    1 
_struct_biol.details               
;THE ACTIVE ENZYME IS A HEXAMER.  THE ASYMMETRIC UNIT OF
THIS CRYSTAL FORM CONTAINS A MONOMER OF THE ACTIVE HEXAMER.
THE WHOLE HEXAMER CAN BE GENERATED AS FOLLOWS
I) APPLY TWICE THE CRYSTALLOGRAPHIC THREE-FOLD ROTATION
OPERATION AROUND C-AXIS TO GENERATE A TRIMER.
II) ROTATE THE TRIMER AROUND THE CRYSTALLOGRAPHIC TWO-FOLD
AND TRANSLATE (0. 0. 1.) IN FRACTIONAL UNITS.
1.5 B=111.5 C=76.5
;
_struct_biol.pdbx_parent_biol_id   ? 
# 
loop_
_struct_conf.conf_type_id 
_struct_conf.id 
_struct_conf.pdbx_PDB_helix_id 
_struct_conf.beg_label_comp_id 
_struct_conf.beg_label_asym_id 
_struct_conf.beg_label_seq_id 
_struct_conf.pdbx_beg_PDB_ins_code 
_struct_conf.end_label_comp_id 
_struct_conf.end_label_asym_id 
_struct_conf.end_label_seq_id 
_struct_conf.pdbx_end_PDB_ins_code 
_struct_conf.beg_auth_comp_id 
_struct_conf.beg_auth_asym_id 
_struct_conf.beg_auth_seq_id 
_struct_conf.end_auth_comp_id 
_struct_conf.end_auth_asym_id 
_struct_conf.end_auth_seq_id 
_struct_conf.pdbx_PDB_helix_class 
_struct_conf.details 
_struct_conf.pdbx_PDB_helix_length 
HELX_P HELX_P1 1 LEU A 2   ? ASN A 4   ? LEU A 2   ASN A 4   5 ? 3  
HELX_P HELX_P2 2 LYS A 115 ? TYR A 117 ? LYS A 115 TYR A 117 5 ? 3  
HELX_P HELX_P3 3 VAL A 123 ? ASP A 125 ? VAL A 123 ASP A 125 5 ? 3  
HELX_P HELX_P4 4 GLU A 128 ? HIS A 140 ? GLU A 128 HIS A 140 1 ? 13 
HELX_P HELX_P5 5 ALA A 158 ? ARG A 171 ? ALA A 158 ARG A 171 1 ? 14 
# 
_struct_conf_type.id          HELX_P 
_struct_conf_type.criteria    ? 
_struct_conf_type.reference   ? 
# 
_struct_mon_prot_cis.pdbx_id                1 
_struct_mon_prot_cis.label_comp_id          LEU 
_struct_mon_prot_cis.label_seq_id           11 
_struct_mon_prot_cis.label_asym_id          A 
_struct_mon_prot_cis.label_alt_id           . 
_struct_mon_prot_cis.pdbx_PDB_ins_code      ? 
_struct_mon_prot_cis.auth_comp_id           LEU 
_struct_mon_prot_cis.auth_seq_id            11 
_struct_mon_prot_cis.auth_asym_id           A 
_struct_mon_prot_cis.pdbx_label_comp_id_2   PRO 
_struct_mon_prot_cis.pdbx_label_seq_id_2    12 
_struct_mon_prot_cis.pdbx_label_asym_id_2   A 
_struct_mon_prot_cis.pdbx_PDB_ins_code_2    ? 
_struct_mon_prot_cis.pdbx_auth_comp_id_2    PRO 
_struct_mon_prot_cis.pdbx_auth_seq_id_2     12 
_struct_mon_prot_cis.pdbx_auth_asym_id_2    A 
_struct_mon_prot_cis.pdbx_PDB_model_num     1 
_struct_mon_prot_cis.pdbx_omega_angle       -0.48 
# 
loop_
_struct_sheet.id 
_struct_sheet.type 
_struct_sheet.number_strands 
_struct_sheet.details 
A ? 7 ? 
B ? 2 ? 
# 
loop_
_struct_sheet_order.sheet_id 
_struct_sheet_order.range_id_1 
_struct_sheet_order.range_id_2 
_struct_sheet_order.offset 
_struct_sheet_order.sense 
A 1 2 ? anti-parallel 
A 2 3 ? anti-parallel 
A 3 4 ? anti-parallel 
A 4 5 ? parallel      
A 5 6 ? anti-parallel 
A 6 7 ? anti-parallel 
B 1 2 ? anti-parallel 
# 
loop_
_struct_sheet_range.sheet_id 
_struct_sheet_range.id 
_struct_sheet_range.beg_label_comp_id 
_struct_sheet_range.beg_label_asym_id 
_struct_sheet_range.beg_label_seq_id 
_struct_sheet_range.pdbx_beg_PDB_ins_code 
_struct_sheet_range.end_label_comp_id 
_struct_sheet_range.end_label_asym_id 
_struct_sheet_range.end_label_seq_id 
_struct_sheet_range.pdbx_end_PDB_ins_code 
_struct_sheet_range.beg_auth_comp_id 
_struct_sheet_range.beg_auth_asym_id 
_struct_sheet_range.beg_auth_seq_id 
_struct_sheet_range.end_auth_comp_id 
_struct_sheet_range.end_auth_asym_id 
_struct_sheet_range.end_auth_seq_id 
A 1 VAL A 84  ? CYS A 87  ? VAL A 84  CYS A 87  
A 2 ILE A 15  ? ILE A 21  ? ILE A 15  ILE A 21  
A 3 ASN A 54  ? TYR A 57  ? ASN A 54  TYR A 57  
A 4 ASP A 70  ? PRO A 74  ? ASP A 70  PRO A 74  
A 5 ASP A 102 ? PRO A 109 ? ASP A 102 PRO A 109 
A 6 CYS A 87  ? THR A 96  ? CYS A 87  THR A 96  
A 7 LYS A 151 ? GLU A 156 ? LYS A 151 GLU A 156 
B 1 ILE A 28  ? ILE A 32  ? ILE A 28  ILE A 32  
B 2 LEU A 39  ? PHE A 44  ? LEU A 39  PHE A 44  
# 
loop_
_pdbx_struct_sheet_hbond.sheet_id 
_pdbx_struct_sheet_hbond.range_id_1 
_pdbx_struct_sheet_hbond.range_id_2 
_pdbx_struct_sheet_hbond.range_1_label_atom_id 
_pdbx_struct_sheet_hbond.range_1_label_comp_id 
_pdbx_struct_sheet_hbond.range_1_label_asym_id 
_pdbx_struct_sheet_hbond.range_1_label_seq_id 
_pdbx_struct_sheet_hbond.range_1_PDB_ins_code 
_pdbx_struct_sheet_hbond.range_1_auth_atom_id 
_pdbx_struct_sheet_hbond.range_1_auth_comp_id 
_pdbx_struct_sheet_hbond.range_1_auth_asym_id 
_pdbx_struct_sheet_hbond.range_1_auth_seq_id 
_pdbx_struct_sheet_hbond.range_2_label_atom_id 
_pdbx_struct_sheet_hbond.range_2_label_comp_id 
_pdbx_struct_sheet_hbond.range_2_label_asym_id 
_pdbx_struct_sheet_hbond.range_2_label_seq_id 
_pdbx_struct_sheet_hbond.range_2_PDB_ins_code 
_pdbx_struct_sheet_hbond.range_2_auth_atom_id 
_pdbx_struct_sheet_hbond.range_2_auth_comp_id 
_pdbx_struct_sheet_hbond.range_2_auth_asym_id 
_pdbx_struct_sheet_hbond.range_2_auth_seq_id 
A 1 2 O ILE A 85  ? O ILE A 85  N VAL A 17  ? N VAL A 17  
A 2 3 O VAL A 18  ? O VAL A 18  N TYR A 57  ? N TYR A 57  
A 3 4 O ASN A 54  ? O ASN A 54  N VAL A 73  ? N VAL A 73  
A 4 5 O ASP A 70  ? O ASP A 70  N LEU A 105 ? N LEU A 105 
A 5 6 O ASP A 102 ? O ASP A 102 N MET A 95  ? N MET A 95  
A 6 7 O VAL A 92  ? O VAL A 92  N GLU A 156 ? N GLU A 156 
B 1 2 O LYS A 29  ? O LYS A 29  N ARG A 43  ? N ARG A 43  
# 
_pdbx_validate_symm_contact.id                1 
_pdbx_validate_symm_contact.PDB_model_num     1 
_pdbx_validate_symm_contact.auth_atom_id_1    NE2 
_pdbx_validate_symm_contact.auth_asym_id_1    A 
_pdbx_validate_symm_contact.auth_comp_id_1    GLN 
_pdbx_validate_symm_contact.auth_seq_id_1     80 
_pdbx_validate_symm_contact.PDB_ins_code_1    ? 
_pdbx_validate_symm_contact.label_alt_id_1    ? 
_pdbx_validate_symm_contact.site_symmetry_1   1_555 
_pdbx_validate_symm_contact.auth_atom_id_2    O 
_pdbx_validate_symm_contact.auth_asym_id_2    A 
_pdbx_validate_symm_contact.auth_comp_id_2    HOH 
_pdbx_validate_symm_contact.auth_seq_id_2     245 
_pdbx_validate_symm_contact.PDB_ins_code_2    ? 
_pdbx_validate_symm_contact.label_alt_id_2    ? 
_pdbx_validate_symm_contact.site_symmetry_2   2_555 
_pdbx_validate_symm_contact.dist              2.07 
# 
loop_
_pdbx_validate_rmsd_angle.id 
_pdbx_validate_rmsd_angle.PDB_model_num 
_pdbx_validate_rmsd_angle.auth_atom_id_1 
_pdbx_validate_rmsd_angle.auth_asym_id_1 
_pdbx_validate_rmsd_angle.auth_comp_id_1 
_pdbx_validate_rmsd_angle.auth_seq_id_1 
_pdbx_validate_rmsd_angle.PDB_ins_code_1 
_pdbx_validate_rmsd_angle.label_alt_id_1 
_pdbx_validate_rmsd_angle.auth_atom_id_2 
_pdbx_validate_rmsd_angle.auth_asym_id_2 
_pdbx_validate_rmsd_angle.auth_comp_id_2 
_pdbx_validate_rmsd_angle.auth_seq_id_2 
_pdbx_validate_rmsd_angle.PDB_ins_code_2 
_pdbx_validate_rmsd_angle.label_alt_id_2 
_pdbx_validate_rmsd_angle.auth_atom_id_3 
_pdbx_validate_rmsd_angle.auth_asym_id_3 
_pdbx_validate_rmsd_angle.auth_comp_id_3 
_pdbx_validate_rmsd_angle.auth_seq_id_3 
_pdbx_validate_rmsd_angle.PDB_ins_code_3 
_pdbx_validate_rmsd_angle.label_alt_id_3 
_pdbx_validate_rmsd_angle.angle_value 
_pdbx_validate_rmsd_angle.angle_target_value 
_pdbx_validate_rmsd_angle.angle_deviation 
_pdbx_validate_rmsd_angle.angle_standard_deviation 
_pdbx_validate_rmsd_angle.linker_flag 
1 1 CA A CYS 87  ? ? CB A CYS 87  ? ? SG A CYS 87  ? ? 122.19 114.20 7.99   1.10 N 
2 1 N  A ALA 103 ? ? CA A ALA 103 ? ? C  A ALA 103 ? ? 94.77  111.00 -16.23 2.70 N 
3 1 CA A LEU 126 ? ? CB A LEU 126 ? ? CG A LEU 126 ? ? 130.47 115.30 15.17  2.30 N 
# 
loop_
_pdbx_validate_torsion.id 
_pdbx_validate_torsion.PDB_model_num 
_pdbx_validate_torsion.auth_comp_id 
_pdbx_validate_torsion.auth_asym_id 
_pdbx_validate_torsion.auth_seq_id 
_pdbx_validate_torsion.PDB_ins_code 
_pdbx_validate_torsion.label_alt_id 
_pdbx_validate_torsion.phi 
_pdbx_validate_torsion.psi 
1 1 PRO A 27  ? ? -68.25  48.87  
2 1 HIS A 60  ? ? 71.85   35.55  
3 1 VAL A 90  ? ? -141.28 -6.77  
4 1 SER A 114 ? ? -171.08 142.45 
# 
loop_
_pdbx_unobs_or_zero_occ_residues.id 
_pdbx_unobs_or_zero_occ_residues.PDB_model_num 
_pdbx_unobs_or_zero_occ_residues.polymer_flag 
_pdbx_unobs_or_zero_occ_residues.occupancy_flag 
_pdbx_unobs_or_zero_occ_residues.auth_asym_id 
_pdbx_unobs_or_zero_occ_residues.auth_comp_id 
_pdbx_unobs_or_zero_occ_residues.auth_seq_id 
_pdbx_unobs_or_zero_occ_residues.PDB_ins_code 
_pdbx_unobs_or_zero_occ_residues.label_asym_id 
_pdbx_unobs_or_zero_occ_residues.label_comp_id 
_pdbx_unobs_or_zero_occ_residues.label_seq_id 
1 1 Y 1 A GLU 98  ? A GLU 98  
2 1 Y 1 A ALA 99  ? A ALA 99  
3 1 Y 1 A LYS 146 ? A LYS 146 
4 1 Y 1 A GLY 147 ? A GLY 147 
5 1 Y 1 A LYS 148 ? A LYS 148 
6 1 Y 1 A ASN 174 ? A ASN 174 
7 1 Y 1 A LYS 175 ? A LYS 175 
# 
loop_
_chem_comp_atom.comp_id 
_chem_comp_atom.atom_id 
_chem_comp_atom.type_symbol 
_chem_comp_atom.pdbx_aromatic_flag 
_chem_comp_atom.pdbx_stereo_config 
_chem_comp_atom.pdbx_ordinal 
ALA N    N N N 1   
ALA CA   C N S 2   
ALA C    C N N 3   
ALA O    O N N 4   
ALA CB   C N N 5   
ALA OXT  O N N 6   
ALA H    H N N 7   
ALA H2   H N N 8   
ALA HA   H N N 9   
ALA HB1  H N N 10  
ALA HB2  H N N 11  
ALA HB3  H N N 12  
ALA HXT  H N N 13  
ARG N    N N N 14  
ARG CA   C N S 15  
ARG C    C N N 16  
ARG O    O N N 17  
ARG CB   C N N 18  
ARG CG   C N N 19  
ARG CD   C N N 20  
ARG NE   N N N 21  
ARG CZ   C N N 22  
ARG NH1  N N N 23  
ARG NH2  N N N 24  
ARG OXT  O N N 25  
ARG H    H N N 26  
ARG H2   H N N 27  
ARG HA   H N N 28  
ARG HB2  H N N 29  
ARG HB3  H N N 30  
ARG HG2  H N N 31  
ARG HG3  H N N 32  
ARG HD2  H N N 33  
ARG HD3  H N N 34  
ARG HE   H N N 35  
ARG HH11 H N N 36  
ARG HH12 H N N 37  
ARG HH21 H N N 38  
ARG HH22 H N N 39  
ARG HXT  H N N 40  
ASN N    N N N 41  
ASN CA   C N S 42  
ASN C    C N N 43  
ASN O    O N N 44  
ASN CB   C N N 45  
ASN CG   C N N 46  
ASN OD1  O N N 47  
ASN ND2  N N N 48  
ASN OXT  O N N 49  
ASN H    H N N 50  
ASN H2   H N N 51  
ASN HA   H N N 52  
ASN HB2  H N N 53  
ASN HB3  H N N 54  
ASN HD21 H N N 55  
ASN HD22 H N N 56  
ASN HXT  H N N 57  
ASP N    N N N 58  
ASP CA   C N S 59  
ASP C    C N N 60  
ASP O    O N N 61  
ASP CB   C N N 62  
ASP CG   C N N 63  
ASP OD1  O N N 64  
ASP OD2  O N N 65  
ASP OXT  O N N 66  
ASP H    H N N 67  
ASP H2   H N N 68  
ASP HA   H N N 69  
ASP HB2  H N N 70  
ASP HB3  H N N 71  
ASP HD2  H N N 72  
ASP HXT  H N N 73  
CYS N    N N N 74  
CYS CA   C N R 75  
CYS C    C N N 76  
CYS O    O N N 77  
CYS CB   C N N 78  
CYS SG   S N N 79  
CYS OXT  O N N 80  
CYS H    H N N 81  
CYS H2   H N N 82  
CYS HA   H N N 83  
CYS HB2  H N N 84  
CYS HB3  H N N 85  
CYS HG   H N N 86  
CYS HXT  H N N 87  
GLN N    N N N 88  
GLN CA   C N S 89  
GLN C    C N N 90  
GLN O    O N N 91  
GLN CB   C N N 92  
GLN CG   C N N 93  
GLN CD   C N N 94  
GLN OE1  O N N 95  
GLN NE2  N N N 96  
GLN OXT  O N N 97  
GLN H    H N N 98  
GLN H2   H N N 99  
GLN HA   H N N 100 
GLN HB2  H N N 101 
GLN HB3  H N N 102 
GLN HG2  H N N 103 
GLN HG3  H N N 104 
GLN HE21 H N N 105 
GLN HE22 H N N 106 
GLN HXT  H N N 107 
GLU N    N N N 108 
GLU CA   C N S 109 
GLU C    C N N 110 
GLU O    O N N 111 
GLU CB   C N N 112 
GLU CG   C N N 113 
GLU CD   C N N 114 
GLU OE1  O N N 115 
GLU OE2  O N N 116 
GLU OXT  O N N 117 
GLU H    H N N 118 
GLU H2   H N N 119 
GLU HA   H N N 120 
GLU HB2  H N N 121 
GLU HB3  H N N 122 
GLU HG2  H N N 123 
GLU HG3  H N N 124 
GLU HE2  H N N 125 
GLU HXT  H N N 126 
GLY N    N N N 127 
GLY CA   C N N 128 
GLY C    C N N 129 
GLY O    O N N 130 
GLY OXT  O N N 131 
GLY H    H N N 132 
GLY H2   H N N 133 
GLY HA2  H N N 134 
GLY HA3  H N N 135 
GLY HXT  H N N 136 
HIS N    N N N 137 
HIS CA   C N S 138 
HIS C    C N N 139 
HIS O    O N N 140 
HIS CB   C N N 141 
HIS CG   C Y N 142 
HIS ND1  N Y N 143 
HIS CD2  C Y N 144 
HIS CE1  C Y N 145 
HIS NE2  N Y N 146 
HIS OXT  O N N 147 
HIS H    H N N 148 
HIS H2   H N N 149 
HIS HA   H N N 150 
HIS HB2  H N N 151 
HIS HB3  H N N 152 
HIS HD1  H N N 153 
HIS HD2  H N N 154 
HIS HE1  H N N 155 
HIS HE2  H N N 156 
HIS HXT  H N N 157 
HOH O    O N N 158 
HOH H1   H N N 159 
HOH H2   H N N 160 
ILE N    N N N 161 
ILE CA   C N S 162 
ILE C    C N N 163 
ILE O    O N N 164 
ILE CB   C N S 165 
ILE CG1  C N N 166 
ILE CG2  C N N 167 
ILE CD1  C N N 168 
ILE OXT  O N N 169 
ILE H    H N N 170 
ILE H2   H N N 171 
ILE HA   H N N 172 
ILE HB   H N N 173 
ILE HG12 H N N 174 
ILE HG13 H N N 175 
ILE HG21 H N N 176 
ILE HG22 H N N 177 
ILE HG23 H N N 178 
ILE HD11 H N N 179 
ILE HD12 H N N 180 
ILE HD13 H N N 181 
ILE HXT  H N N 182 
LEU N    N N N 183 
LEU CA   C N S 184 
LEU C    C N N 185 
LEU O    O N N 186 
LEU CB   C N N 187 
LEU CG   C N N 188 
LEU CD1  C N N 189 
LEU CD2  C N N 190 
LEU OXT  O N N 191 
LEU H    H N N 192 
LEU H2   H N N 193 
LEU HA   H N N 194 
LEU HB2  H N N 195 
LEU HB3  H N N 196 
LEU HG   H N N 197 
LEU HD11 H N N 198 
LEU HD12 H N N 199 
LEU HD13 H N N 200 
LEU HD21 H N N 201 
LEU HD22 H N N 202 
LEU HD23 H N N 203 
LEU HXT  H N N 204 
LYS N    N N N 205 
LYS CA   C N S 206 
LYS C    C N N 207 
LYS O    O N N 208 
LYS CB   C N N 209 
LYS CG   C N N 210 
LYS CD   C N N 211 
LYS CE   C N N 212 
LYS NZ   N N N 213 
LYS OXT  O N N 214 
LYS H    H N N 215 
LYS H2   H N N 216 
LYS HA   H N N 217 
LYS HB2  H N N 218 
LYS HB3  H N N 219 
LYS HG2  H N N 220 
LYS HG3  H N N 221 
LYS HD2  H N N 222 
LYS HD3  H N N 223 
LYS HE2  H N N 224 
LYS HE3  H N N 225 
LYS HZ1  H N N 226 
LYS HZ2  H N N 227 
LYS HZ3  H N N 228 
LYS HXT  H N N 229 
MET N    N N N 230 
MET CA   C N S 231 
MET C    C N N 232 
MET O    O N N 233 
MET CB   C N N 234 
MET CG   C N N 235 
MET SD   S N N 236 
MET CE   C N N 237 
MET OXT  O N N 238 
MET H    H N N 239 
MET H2   H N N 240 
MET HA   H N N 241 
MET HB2  H N N 242 
MET HB3  H N N 243 
MET HG2  H N N 244 
MET HG3  H N N 245 
MET HE1  H N N 246 
MET HE2  H N N 247 
MET HE3  H N N 248 
MET HXT  H N N 249 
PHE N    N N N 250 
PHE CA   C N S 251 
PHE C    C N N 252 
PHE O    O N N 253 
PHE CB   C N N 254 
PHE CG   C Y N 255 
PHE CD1  C Y N 256 
PHE CD2  C Y N 257 
PHE CE1  C Y N 258 
PHE CE2  C Y N 259 
PHE CZ   C Y N 260 
PHE OXT  O N N 261 
PHE H    H N N 262 
PHE H2   H N N 263 
PHE HA   H N N 264 
PHE HB2  H N N 265 
PHE HB3  H N N 266 
PHE HD1  H N N 267 
PHE HD2  H N N 268 
PHE HE1  H N N 269 
PHE HE2  H N N 270 
PHE HZ   H N N 271 
PHE HXT  H N N 272 
PRO N    N N N 273 
PRO CA   C N S 274 
PRO C    C N N 275 
PRO O    O N N 276 
PRO CB   C N N 277 
PRO CG   C N N 278 
PRO CD   C N N 279 
PRO OXT  O N N 280 
PRO H    H N N 281 
PRO HA   H N N 282 
PRO HB2  H N N 283 
PRO HB3  H N N 284 
PRO HG2  H N N 285 
PRO HG3  H N N 286 
PRO HD2  H N N 287 
PRO HD3  H N N 288 
PRO HXT  H N N 289 
SER N    N N N 290 
SER CA   C N S 291 
SER C    C N N 292 
SER O    O N N 293 
SER CB   C N N 294 
SER OG   O N N 295 
SER OXT  O N N 296 
SER H    H N N 297 
SER H2   H N N 298 
SER HA   H N N 299 
SER HB2  H N N 300 
SER HB3  H N N 301 
SER HG   H N N 302 
SER HXT  H N N 303 
THR N    N N N 304 
THR CA   C N S 305 
THR C    C N N 306 
THR O    O N N 307 
THR CB   C N R 308 
THR OG1  O N N 309 
THR CG2  C N N 310 
THR OXT  O N N 311 
THR H    H N N 312 
THR H2   H N N 313 
THR HA   H N N 314 
THR HB   H N N 315 
THR HG1  H N N 316 
THR HG21 H N N 317 
THR HG22 H N N 318 
THR HG23 H N N 319 
THR HXT  H N N 320 
TRP N    N N N 321 
TRP CA   C N S 322 
TRP C    C N N 323 
TRP O    O N N 324 
TRP CB   C N N 325 
TRP CG   C Y N 326 
TRP CD1  C Y N 327 
TRP CD2  C Y N 328 
TRP NE1  N Y N 329 
TRP CE2  C Y N 330 
TRP CE3  C Y N 331 
TRP CZ2  C Y N 332 
TRP CZ3  C Y N 333 
TRP CH2  C Y N 334 
TRP OXT  O N N 335 
TRP H    H N N 336 
TRP H2   H N N 337 
TRP HA   H N N 338 
TRP HB2  H N N 339 
TRP HB3  H N N 340 
TRP HD1  H N N 341 
TRP HE1  H N N 342 
TRP HE3  H N N 343 
TRP HZ2  H N N 344 
TRP HZ3  H N N 345 
TRP HH2  H N N 346 
TRP HXT  H N N 347 
TYR N    N N N 348 
TYR CA   C N S 349 
TYR C    C N N 350 
TYR O    O N N 351 
TYR CB   C N N 352 
TYR CG   C Y N 353 
TYR CD1  C Y N 354 
TYR CD2  C Y N 355 
TYR CE1  C Y N 356 
TYR CE2  C Y N 357 
TYR CZ   C Y N 358 
TYR OH   O N N 359 
TYR OXT  O N N 360 
TYR H    H N N 361 
TYR H2   H N N 362 
TYR HA   H N N 363 
TYR HB2  H N N 364 
TYR HB3  H N N 365 
TYR HD1  H N N 366 
TYR HD2  H N N 367 
TYR HE1  H N N 368 
TYR HE2  H N N 369 
TYR HH   H N N 370 
TYR HXT  H N N 371 
VAL N    N N N 372 
VAL CA   C N S 373 
VAL C    C N N 374 
VAL O    O N N 375 
VAL CB   C N N 376 
VAL CG1  C N N 377 
VAL CG2  C N N 378 
VAL OXT  O N N 379 
VAL H    H N N 380 
VAL H2   H N N 381 
VAL HA   H N N 382 
VAL HB   H N N 383 
VAL HG11 H N N 384 
VAL HG12 H N N 385 
VAL HG13 H N N 386 
VAL HG21 H N N 387 
VAL HG22 H N N 388 
VAL HG23 H N N 389 
VAL HXT  H N N 390 
# 
loop_
_chem_comp_bond.comp_id 
_chem_comp_bond.atom_id_1 
_chem_comp_bond.atom_id_2 
_chem_comp_bond.value_order 
_chem_comp_bond.pdbx_aromatic_flag 
_chem_comp_bond.pdbx_stereo_config 
_chem_comp_bond.pdbx_ordinal 
ALA N   CA   sing N N 1   
ALA N   H    sing N N 2   
ALA N   H2   sing N N 3   
ALA CA  C    sing N N 4   
ALA CA  CB   sing N N 5   
ALA CA  HA   sing N N 6   
ALA C   O    doub N N 7   
ALA C   OXT  sing N N 8   
ALA CB  HB1  sing N N 9   
ALA CB  HB2  sing N N 10  
ALA CB  HB3  sing N N 11  
ALA OXT HXT  sing N N 12  
ARG N   CA   sing N N 13  
ARG N   H    sing N N 14  
ARG N   H2   sing N N 15  
ARG CA  C    sing N N 16  
ARG CA  CB   sing N N 17  
ARG CA  HA   sing N N 18  
ARG C   O    doub N N 19  
ARG C   OXT  sing N N 20  
ARG CB  CG   sing N N 21  
ARG CB  HB2  sing N N 22  
ARG CB  HB3  sing N N 23  
ARG CG  CD   sing N N 24  
ARG CG  HG2  sing N N 25  
ARG CG  HG3  sing N N 26  
ARG CD  NE   sing N N 27  
ARG CD  HD2  sing N N 28  
ARG CD  HD3  sing N N 29  
ARG NE  CZ   sing N N 30  
ARG NE  HE   sing N N 31  
ARG CZ  NH1  sing N N 32  
ARG CZ  NH2  doub N N 33  
ARG NH1 HH11 sing N N 34  
ARG NH1 HH12 sing N N 35  
ARG NH2 HH21 sing N N 36  
ARG NH2 HH22 sing N N 37  
ARG OXT HXT  sing N N 38  
ASN N   CA   sing N N 39  
ASN N   H    sing N N 40  
ASN N   H2   sing N N 41  
ASN CA  C    sing N N 42  
ASN CA  CB   sing N N 43  
ASN CA  HA   sing N N 44  
ASN C   O    doub N N 45  
ASN C   OXT  sing N N 46  
ASN CB  CG   sing N N 47  
ASN CB  HB2  sing N N 48  
ASN CB  HB3  sing N N 49  
ASN CG  OD1  doub N N 50  
ASN CG  ND2  sing N N 51  
ASN ND2 HD21 sing N N 52  
ASN ND2 HD22 sing N N 53  
ASN OXT HXT  sing N N 54  
ASP N   CA   sing N N 55  
ASP N   H    sing N N 56  
ASP N   H2   sing N N 57  
ASP CA  C    sing N N 58  
ASP CA  CB   sing N N 59  
ASP CA  HA   sing N N 60  
ASP C   O    doub N N 61  
ASP C   OXT  sing N N 62  
ASP CB  CG   sing N N 63  
ASP CB  HB2  sing N N 64  
ASP CB  HB3  sing N N 65  
ASP CG  OD1  doub N N 66  
ASP CG  OD2  sing N N 67  
ASP OD2 HD2  sing N N 68  
ASP OXT HXT  sing N N 69  
CYS N   CA   sing N N 70  
CYS N   H    sing N N 71  
CYS N   H2   sing N N 72  
CYS CA  C    sing N N 73  
CYS CA  CB   sing N N 74  
CYS CA  HA   sing N N 75  
CYS C   O    doub N N 76  
CYS C   OXT  sing N N 77  
CYS CB  SG   sing N N 78  
CYS CB  HB2  sing N N 79  
CYS CB  HB3  sing N N 80  
CYS SG  HG   sing N N 81  
CYS OXT HXT  sing N N 82  
GLN N   CA   sing N N 83  
GLN N   H    sing N N 84  
GLN N   H2   sing N N 85  
GLN CA  C    sing N N 86  
GLN CA  CB   sing N N 87  
GLN CA  HA   sing N N 88  
GLN C   O    doub N N 89  
GLN C   OXT  sing N N 90  
GLN CB  CG   sing N N 91  
GLN CB  HB2  sing N N 92  
GLN CB  HB3  sing N N 93  
GLN CG  CD   sing N N 94  
GLN CG  HG2  sing N N 95  
GLN CG  HG3  sing N N 96  
GLN CD  OE1  doub N N 97  
GLN CD  NE2  sing N N 98  
GLN NE2 HE21 sing N N 99  
GLN NE2 HE22 sing N N 100 
GLN OXT HXT  sing N N 101 
GLU N   CA   sing N N 102 
GLU N   H    sing N N 103 
GLU N   H2   sing N N 104 
GLU CA  C    sing N N 105 
GLU CA  CB   sing N N 106 
GLU CA  HA   sing N N 107 
GLU C   O    doub N N 108 
GLU C   OXT  sing N N 109 
GLU CB  CG   sing N N 110 
GLU CB  HB2  sing N N 111 
GLU CB  HB3  sing N N 112 
GLU CG  CD   sing N N 113 
GLU CG  HG2  sing N N 114 
GLU CG  HG3  sing N N 115 
GLU CD  OE1  doub N N 116 
GLU CD  OE2  sing N N 117 
GLU OE2 HE2  sing N N 118 
GLU OXT HXT  sing N N 119 
GLY N   CA   sing N N 120 
GLY N   H    sing N N 121 
GLY N   H2   sing N N 122 
GLY CA  C    sing N N 123 
GLY CA  HA2  sing N N 124 
GLY CA  HA3  sing N N 125 
GLY C   O    doub N N 126 
GLY C   OXT  sing N N 127 
GLY OXT HXT  sing N N 128 
HIS N   CA   sing N N 129 
HIS N   H    sing N N 130 
HIS N   H2   sing N N 131 
HIS CA  C    sing N N 132 
HIS CA  CB   sing N N 133 
HIS CA  HA   sing N N 134 
HIS C   O    doub N N 135 
HIS C   OXT  sing N N 136 
HIS CB  CG   sing N N 137 
HIS CB  HB2  sing N N 138 
HIS CB  HB3  sing N N 139 
HIS CG  ND1  sing Y N 140 
HIS CG  CD2  doub Y N 141 
HIS ND1 CE1  doub Y N 142 
HIS ND1 HD1  sing N N 143 
HIS CD2 NE2  sing Y N 144 
HIS CD2 HD2  sing N N 145 
HIS CE1 NE2  sing Y N 146 
HIS CE1 HE1  sing N N 147 
HIS NE2 HE2  sing N N 148 
HIS OXT HXT  sing N N 149 
HOH O   H1   sing N N 150 
HOH O   H2   sing N N 151 
ILE N   CA   sing N N 152 
ILE N   H    sing N N 153 
ILE N   H2   sing N N 154 
ILE CA  C    sing N N 155 
ILE CA  CB   sing N N 156 
ILE CA  HA   sing N N 157 
ILE C   O    doub N N 158 
ILE C   OXT  sing N N 159 
ILE CB  CG1  sing N N 160 
ILE CB  CG2  sing N N 161 
ILE CB  HB   sing N N 162 
ILE CG1 CD1  sing N N 163 
ILE CG1 HG12 sing N N 164 
ILE CG1 HG13 sing N N 165 
ILE CG2 HG21 sing N N 166 
ILE CG2 HG22 sing N N 167 
ILE CG2 HG23 sing N N 168 
ILE CD1 HD11 sing N N 169 
ILE CD1 HD12 sing N N 170 
ILE CD1 HD13 sing N N 171 
ILE OXT HXT  sing N N 172 
LEU N   CA   sing N N 173 
LEU N   H    sing N N 174 
LEU N   H2   sing N N 175 
LEU CA  C    sing N N 176 
LEU CA  CB   sing N N 177 
LEU CA  HA   sing N N 178 
LEU C   O    doub N N 179 
LEU C   OXT  sing N N 180 
LEU CB  CG   sing N N 181 
LEU CB  HB2  sing N N 182 
LEU CB  HB3  sing N N 183 
LEU CG  CD1  sing N N 184 
LEU CG  CD2  sing N N 185 
LEU CG  HG   sing N N 186 
LEU CD1 HD11 sing N N 187 
LEU CD1 HD12 sing N N 188 
LEU CD1 HD13 sing N N 189 
LEU CD2 HD21 sing N N 190 
LEU CD2 HD22 sing N N 191 
LEU CD2 HD23 sing N N 192 
LEU OXT HXT  sing N N 193 
LYS N   CA   sing N N 194 
LYS N   H    sing N N 195 
LYS N   H2   sing N N 196 
LYS CA  C    sing N N 197 
LYS CA  CB   sing N N 198 
LYS CA  HA   sing N N 199 
LYS C   O    doub N N 200 
LYS C   OXT  sing N N 201 
LYS CB  CG   sing N N 202 
LYS CB  HB2  sing N N 203 
LYS CB  HB3  sing N N 204 
LYS CG  CD   sing N N 205 
LYS CG  HG2  sing N N 206 
LYS CG  HG3  sing N N 207 
LYS CD  CE   sing N N 208 
LYS CD  HD2  sing N N 209 
LYS CD  HD3  sing N N 210 
LYS CE  NZ   sing N N 211 
LYS CE  HE2  sing N N 212 
LYS CE  HE3  sing N N 213 
LYS NZ  HZ1  sing N N 214 
LYS NZ  HZ2  sing N N 215 
LYS NZ  HZ3  sing N N 216 
LYS OXT HXT  sing N N 217 
MET N   CA   sing N N 218 
MET N   H    sing N N 219 
MET N   H2   sing N N 220 
MET CA  C    sing N N 221 
MET CA  CB   sing N N 222 
MET CA  HA   sing N N 223 
MET C   O    doub N N 224 
MET C   OXT  sing N N 225 
MET CB  CG   sing N N 226 
MET CB  HB2  sing N N 227 
MET CB  HB3  sing N N 228 
MET CG  SD   sing N N 229 
MET CG  HG2  sing N N 230 
MET CG  HG3  sing N N 231 
MET SD  CE   sing N N 232 
MET CE  HE1  sing N N 233 
MET CE  HE2  sing N N 234 
MET CE  HE3  sing N N 235 
MET OXT HXT  sing N N 236 
PHE N   CA   sing N N 237 
PHE N   H    sing N N 238 
PHE N   H2   sing N N 239 
PHE CA  C    sing N N 240 
PHE CA  CB   sing N N 241 
PHE CA  HA   sing N N 242 
PHE C   O    doub N N 243 
PHE C   OXT  sing N N 244 
PHE CB  CG   sing N N 245 
PHE CB  HB2  sing N N 246 
PHE CB  HB3  sing N N 247 
PHE CG  CD1  doub Y N 248 
PHE CG  CD2  sing Y N 249 
PHE CD1 CE1  sing Y N 250 
PHE CD1 HD1  sing N N 251 
PHE CD2 CE2  doub Y N 252 
PHE CD2 HD2  sing N N 253 
PHE CE1 CZ   doub Y N 254 
PHE CE1 HE1  sing N N 255 
PHE CE2 CZ   sing Y N 256 
PHE CE2 HE2  sing N N 257 
PHE CZ  HZ   sing N N 258 
PHE OXT HXT  sing N N 259 
PRO N   CA   sing N N 260 
PRO N   CD   sing N N 261 
PRO N   H    sing N N 262 
PRO CA  C    sing N N 263 
PRO CA  CB   sing N N 264 
PRO CA  HA   sing N N 265 
PRO C   O    doub N N 266 
PRO C   OXT  sing N N 267 
PRO CB  CG   sing N N 268 
PRO CB  HB2  sing N N 269 
PRO CB  HB3  sing N N 270 
PRO CG  CD   sing N N 271 
PRO CG  HG2  sing N N 272 
PRO CG  HG3  sing N N 273 
PRO CD  HD2  sing N N 274 
PRO CD  HD3  sing N N 275 
PRO OXT HXT  sing N N 276 
SER N   CA   sing N N 277 
SER N   H    sing N N 278 
SER N   H2   sing N N 279 
SER CA  C    sing N N 280 
SER CA  CB   sing N N 281 
SER CA  HA   sing N N 282 
SER C   O    doub N N 283 
SER C   OXT  sing N N 284 
SER CB  OG   sing N N 285 
SER CB  HB2  sing N N 286 
SER CB  HB3  sing N N 287 
SER OG  HG   sing N N 288 
SER OXT HXT  sing N N 289 
THR N   CA   sing N N 290 
THR N   H    sing N N 291 
THR N   H2   sing N N 292 
THR CA  C    sing N N 293 
THR CA  CB   sing N N 294 
THR CA  HA   sing N N 295 
THR C   O    doub N N 296 
THR C   OXT  sing N N 297 
THR CB  OG1  sing N N 298 
THR CB  CG2  sing N N 299 
THR CB  HB   sing N N 300 
THR OG1 HG1  sing N N 301 
THR CG2 HG21 sing N N 302 
THR CG2 HG22 sing N N 303 
THR CG2 HG23 sing N N 304 
THR OXT HXT  sing N N 305 
TRP N   CA   sing N N 306 
TRP N   H    sing N N 307 
TRP N   H2   sing N N 308 
TRP CA  C    sing N N 309 
TRP CA  CB   sing N N 310 
TRP CA  HA   sing N N 311 
TRP C   O    doub N N 312 
TRP C   OXT  sing N N 313 
TRP CB  CG   sing N N 314 
TRP CB  HB2  sing N N 315 
TRP CB  HB3  sing N N 316 
TRP CG  CD1  doub Y N 317 
TRP CG  CD2  sing Y N 318 
TRP CD1 NE1  sing Y N 319 
TRP CD1 HD1  sing N N 320 
TRP CD2 CE2  doub Y N 321 
TRP CD2 CE3  sing Y N 322 
TRP NE1 CE2  sing Y N 323 
TRP NE1 HE1  sing N N 324 
TRP CE2 CZ2  sing Y N 325 
TRP CE3 CZ3  doub Y N 326 
TRP CE3 HE3  sing N N 327 
TRP CZ2 CH2  doub Y N 328 
TRP CZ2 HZ2  sing N N 329 
TRP CZ3 CH2  sing Y N 330 
TRP CZ3 HZ3  sing N N 331 
TRP CH2 HH2  sing N N 332 
TRP OXT HXT  sing N N 333 
TYR N   CA   sing N N 334 
TYR N   H    sing N N 335 
TYR N   H2   sing N N 336 
TYR CA  C    sing N N 337 
TYR CA  CB   sing N N 338 
TYR CA  HA   sing N N 339 
TYR C   O    doub N N 340 
TYR C   OXT  sing N N 341 
TYR CB  CG   sing N N 342 
TYR CB  HB2  sing N N 343 
TYR CB  HB3  sing N N 344 
TYR CG  CD1  doub Y N 345 
TYR CG  CD2  sing Y N 346 
TYR CD1 CE1  sing Y N 347 
TYR CD1 HD1  sing N N 348 
TYR CD2 CE2  doub Y N 349 
TYR CD2 HD2  sing N N 350 
TYR CE1 CZ   doub Y N 351 
TYR CE1 HE1  sing N N 352 
TYR CE2 CZ   sing Y N 353 
TYR CE2 HE2  sing N N 354 
TYR CZ  OH   sing N N 355 
TYR OH  HH   sing N N 356 
TYR OXT HXT  sing N N 357 
VAL N   CA   sing N N 358 
VAL N   H    sing N N 359 
VAL N   H2   sing N N 360 
VAL CA  C    sing N N 361 
VAL CA  CB   sing N N 362 
VAL CA  HA   sing N N 363 
VAL C   O    doub N N 364 
VAL C   OXT  sing N N 365 
VAL CB  CG1  sing N N 366 
VAL CB  CG2  sing N N 367 
VAL CB  HB   sing N N 368 
VAL CG1 HG11 sing N N 369 
VAL CG1 HG12 sing N N 370 
VAL CG1 HG13 sing N N 371 
VAL CG2 HG21 sing N N 372 
VAL CG2 HG22 sing N N 373 
VAL CG2 HG23 sing N N 374 
VAL OXT HXT  sing N N 375 
# 
_atom_sites.entry_id                    1FAJ 
_atom_sites.fract_transf_matrix[1][1]   -0.00422650 
_atom_sites.fract_transf_matrix[1][2]   -0.00661162 
_atom_sites.fract_transf_matrix[1][3]   -0.00675853 
_atom_sites.fract_transf_matrix[2][1]   -0.01025045 
_atom_sites.fract_transf_matrix[2][2]   -0.00005120 
_atom_sites.fract_transf_matrix[2][3]   -0.00147389 
_atom_sites.fract_transf_matrix[3][1]   0.00132275 
_atom_sites.fract_transf_matrix[3][2]   0.00887323 
_atom_sites.fract_transf_matrix[3][3]   -0.00950754 
_atom_sites.fract_transf_vector[1]      0.196009 
_atom_sites.fract_transf_vector[2]      0.095512 
_atom_sites.fract_transf_vector[3]      0.299225 
# 
loop_
_atom_type.symbol 
C 
N 
O 
S 
# 
loop_
_atom_site.group_PDB 
_atom_site.id 
_atom_site.type_symbol 
_atom_site.label_atom_id 
_atom_site.label_alt_id 
_atom_site.label_comp_id 
_atom_site.label_asym_id 
_atom_site.label_entity_id 
_atom_site.label_seq_id 
_atom_site.pdbx_PDB_ins_code 
_atom_site.Cartn_x 
_atom_site.Cartn_y 
_atom_site.Cartn_z 
_atom_site.occupancy 
_atom_site.B_iso_or_equiv 
_atom_site.pdbx_formal_charge 
_atom_site.auth_seq_id 
_atom_site.auth_comp_id 
_atom_site.auth_asym_id 
_atom_site.auth_atom_id 
_atom_site.pdbx_PDB_model_num 
ATOM   1    N N   . SER A 1 1   ? 2.631   1.536   20.567  1.00 35.51 ? 1   SER A N   1 
ATOM   2    C CA  . SER A 1 1   ? 3.490   1.830   19.395  1.00 36.86 ? 1   SER A CA  1 
ATOM   3    C C   . SER A 1 1   ? 2.752   1.424   18.128  1.00 35.63 ? 1   SER A C   1 
ATOM   4    O O   . SER A 1 1   ? 1.622   0.927   18.183  1.00 36.86 ? 1   SER A O   1 
ATOM   5    C CB  . SER A 1 1   ? 4.782   1.000   19.477  1.00 37.97 ? 1   SER A CB  1 
ATOM   6    O OG  . SER A 1 1   ? 4.504   -0.401  19.411  1.00 39.75 ? 1   SER A OG  1 
ATOM   7    N N   . LEU A 1 2   ? 3.431   1.585   16.997  1.00 34.12 ? 2   LEU A N   1 
ATOM   8    C CA  . LEU A 1 2   ? 2.881   1.192   15.711  1.00 32.93 ? 2   LEU A CA  1 
ATOM   9    C C   . LEU A 1 2   ? 2.713   -0.334  15.698  1.00 32.40 ? 2   LEU A C   1 
ATOM   10   O O   . LEU A 1 2   ? 1.857   -0.854  15.006  1.00 32.48 ? 2   LEU A O   1 
ATOM   11   C CB  . LEU A 1 2   ? 3.780   1.674   14.531  1.00 30.03 ? 2   LEU A CB  1 
ATOM   12   C CG  . LEU A 1 2   ? 3.865   3.194   14.238  1.00 26.98 ? 2   LEU A CG  1 
ATOM   13   C CD1 . LEU A 1 2   ? 4.924   3.513   13.193  1.00 25.18 ? 2   LEU A CD1 1 
ATOM   14   C CD2 . LEU A 1 2   ? 2.504   3.754   13.822  1.00 25.60 ? 2   LEU A CD2 1 
ATOM   15   N N   . LEU A 1 3   ? 3.446   -1.054  16.526  1.00 32.43 ? 3   LEU A N   1 
ATOM   16   C CA  . LEU A 1 3   ? 3.293   -2.494  16.489  1.00 33.69 ? 3   LEU A CA  1 
ATOM   17   C C   . LEU A 1 3   ? 1.914   -2.919  16.977  1.00 34.76 ? 3   LEU A C   1 
ATOM   18   O O   . LEU A 1 3   ? 1.430   -3.991  16.624  1.00 35.16 ? 3   LEU A O   1 
ATOM   19   C CB  . LEU A 1 3   ? 4.395   -3.187  17.300  1.00 33.43 ? 3   LEU A CB  1 
ATOM   20   C CG  . LEU A 1 3   ? 5.846   -2.752  17.094  1.00 32.48 ? 3   LEU A CG  1 
ATOM   21   C CD1 . LEU A 1 3   ? 6.743   -3.448  18.064  1.00 29.84 ? 3   LEU A CD1 1 
ATOM   22   C CD2 . LEU A 1 3   ? 6.274   -3.029  15.666  1.00 33.33 ? 3   LEU A CD2 1 
ATOM   23   N N   . ASN A 1 4   ? 1.225   -2.019  17.665  1.00 36.21 ? 4   ASN A N   1 
ATOM   24   C CA  . ASN A 1 4   ? -0.083  -2.346  18.223  1.00 38.05 ? 4   ASN A CA  1 
ATOM   25   C C   . ASN A 1 4   ? -1.335  -1.868  17.475  1.00 37.83 ? 4   ASN A C   1 
ATOM   26   O O   . ASN A 1 4   ? -2.469  -1.980  17.965  1.00 37.91 ? 4   ASN A O   1 
ATOM   27   C CB  . ASN A 1 4   ? -0.112  -1.869  19.663  1.00 43.27 ? 4   ASN A CB  1 
ATOM   28   C CG  . ASN A 1 4   ? 1.166   -2.215  20.395  1.00 48.60 ? 4   ASN A CG  1 
ATOM   29   O OD1 . ASN A 1 4   ? 1.586   -3.387  20.441  1.00 51.28 ? 4   ASN A OD1 1 
ATOM   30   N ND2 . ASN A 1 4   ? 1.834   -1.191  20.923  1.00 50.51 ? 4   ASN A ND2 1 
ATOM   31   N N   . VAL A 1 5   ? -1.131  -1.355  16.275  1.00 35.17 ? 5   VAL A N   1 
ATOM   32   C CA  . VAL A 1 5   ? -2.231  -0.885  15.477  1.00 31.98 ? 5   VAL A CA  1 
ATOM   33   C C   . VAL A 1 5   ? -2.981  -2.087  14.909  1.00 31.58 ? 5   VAL A C   1 
ATOM   34   O O   . VAL A 1 5   ? -2.368  -3.070  14.444  1.00 31.48 ? 5   VAL A O   1 
ATOM   35   C CB  . VAL A 1 5   ? -1.718  -0.030  14.327  1.00 30.06 ? 5   VAL A CB  1 
ATOM   36   C CG1 . VAL A 1 5   ? -2.820  0.238   13.362  1.00 28.99 ? 5   VAL A CG1 1 
ATOM   37   C CG2 . VAL A 1 5   ? -1.210  1.266   14.862  1.00 29.76 ? 5   VAL A CG2 1 
ATOM   38   N N   . PRO A 1 6   ? -4.319  -2.045  14.971  1.00 29.99 ? 6   PRO A N   1 
ATOM   39   C CA  . PRO A 1 6   ? -5.122  -3.138  14.443  1.00 28.19 ? 6   PRO A CA  1 
ATOM   40   C C   . PRO A 1 6   ? -4.992  -3.186  12.948  1.00 27.66 ? 6   PRO A C   1 
ATOM   41   O O   . PRO A 1 6   ? -4.509  -2.252  12.317  1.00 26.26 ? 6   PRO A O   1 
ATOM   42   C CB  . PRO A 1 6   ? -6.541  -2.721  14.799  1.00 27.10 ? 6   PRO A CB  1 
ATOM   43   C CG  . PRO A 1 6   ? -6.372  -1.977  16.016  1.00 27.77 ? 6   PRO A CG  1 
ATOM   44   C CD  . PRO A 1 6   ? -5.163  -1.114  15.731  1.00 29.31 ? 6   PRO A CD  1 
ATOM   45   N N   . ALA A 1 7   ? -5.414  -4.304  12.396  1.00 27.40 ? 7   ALA A N   1 
ATOM   46   C CA  . ALA A 1 7   ? -5.413  -4.486  10.978  1.00 26.89 ? 7   ALA A CA  1 
ATOM   47   C C   . ALA A 1 7   ? -6.567  -3.643  10.441  1.00 27.48 ? 7   ALA A C   1 
ATOM   48   O O   . ALA A 1 7   ? -6.530  -3.181  9.310   1.00 28.86 ? 7   ALA A O   1 
ATOM   49   C CB  . ALA A 1 7   ? -5.624  -5.942  10.642  1.00 26.90 ? 7   ALA A CB  1 
ATOM   50   N N   . GLY A 1 8   ? -7.621  -3.432  11.213  1.00 27.83 ? 8   GLY A N   1 
ATOM   51   C CA  . GLY A 1 8   ? -8.676  -2.638  10.641  1.00 29.58 ? 8   GLY A CA  1 
ATOM   52   C C   . GLY A 1 8   ? -9.842  -2.710  11.555  1.00 33.06 ? 8   GLY A C   1 
ATOM   53   O O   . GLY A 1 8   ? -9.835  -3.506  12.472  1.00 34.35 ? 8   GLY A O   1 
ATOM   54   N N   . LYS A 1 9   ? -10.844 -1.889  11.298  1.00 36.21 ? 9   LYS A N   1 
ATOM   55   C CA  . LYS A 1 9   ? -12.043 -1.873  12.115  1.00 38.85 ? 9   LYS A CA  1 
ATOM   56   C C   . LYS A 1 9   ? -12.970 -3.029  11.714  1.00 39.19 ? 9   LYS A C   1 
ATOM   57   O O   . LYS A 1 9   ? -13.596 -3.693  12.555  1.00 39.65 ? 9   LYS A O   1 
ATOM   58   C CB  . LYS A 1 9   ? -12.803 -0.562  11.878  1.00 41.39 ? 9   LYS A CB  1 
ATOM   59   C CG  . LYS A 1 9   ? -12.221 0.663   12.525  1.00 45.78 ? 9   LYS A CG  1 
ATOM   60   C CD  . LYS A 1 9   ? -13.139 1.183   13.627  1.00 50.30 ? 9   LYS A CD  1 
ATOM   61   C CE  . LYS A 1 9   ? -14.596 1.364   13.136  1.00 53.96 ? 9   LYS A CE  1 
ATOM   62   N NZ  . LYS A 1 9   ? -15.510 1.992   14.169  1.00 57.61 ? 9   LYS A NZ  1 
ATOM   63   N N   . ASP A 1 10  ? -13.045 -3.257  10.417  1.00 39.07 ? 10  ASP A N   1 
ATOM   64   C CA  . ASP A 1 10  ? -13.933 -4.251  9.872   1.00 39.00 ? 10  ASP A CA  1 
ATOM   65   C C   . ASP A 1 10  ? -13.312 -4.896  8.615   1.00 37.25 ? 10  ASP A C   1 
ATOM   66   O O   . ASP A 1 10  ? -13.743 -4.667  7.491   1.00 36.71 ? 10  ASP A O   1 
ATOM   67   C CB  . ASP A 1 10  ? -15.253 -3.514  9.569   1.00 43.09 ? 10  ASP A CB  1 
ATOM   68   C CG  . ASP A 1 10  ? -16.415 -4.444  9.291   1.00 47.87 ? 10  ASP A CG  1 
ATOM   69   O OD1 . ASP A 1 10  ? -16.407 -5.597  9.801   1.00 49.41 ? 10  ASP A OD1 1 
ATOM   70   O OD2 . ASP A 1 10  ? -17.341 -4.017  8.558   1.00 51.33 ? 10  ASP A OD2 1 
ATOM   71   N N   . LEU A 1 11  ? -12.283 -5.710  8.823   1.00 36.76 ? 11  LEU A N   1 
ATOM   72   C CA  . LEU A 1 11  ? -11.588 -6.412  7.754   1.00 36.60 ? 11  LEU A CA  1 
ATOM   73   C C   . LEU A 1 11  ? -12.583 -7.175  6.919   1.00 36.85 ? 11  LEU A C   1 
ATOM   74   O O   . LEU A 1 11  ? -13.516 -7.725  7.463   1.00 38.05 ? 11  LEU A O   1 
ATOM   75   C CB  . LEU A 1 11  ? -10.603 -7.410  8.363   1.00 36.35 ? 11  LEU A CB  1 
ATOM   76   C CG  . LEU A 1 11  ? -9.206  -6.869  8.164   1.00 36.97 ? 11  LEU A CG  1 
ATOM   77   C CD1 . LEU A 1 11  ? -9.094  -5.654  9.019   1.00 37.65 ? 11  LEU A CD1 1 
ATOM   78   C CD2 . LEU A 1 11  ? -8.144  -7.879  8.508   1.00 38.17 ? 11  LEU A CD2 1 
ATOM   79   N N   . PRO A 1 12  ? -12.462 -7.184  5.570   1.00 36.76 ? 12  PRO A N   1 
ATOM   80   C CA  . PRO A 1 12  ? -11.470 -6.528  4.721   1.00 36.73 ? 12  PRO A CA  1 
ATOM   81   C C   . PRO A 1 12  ? -12.022 -5.200  4.224   1.00 35.41 ? 12  PRO A C   1 
ATOM   82   O O   . PRO A 1 12  ? -11.373 -4.516  3.464   1.00 34.74 ? 12  PRO A O   1 
ATOM   83   C CB  . PRO A 1 12  ? -11.346 -7.527  3.578   1.00 36.71 ? 12  PRO A CB  1 
ATOM   84   C CG  . PRO A 1 12  ? -12.757 -7.887  3.349   1.00 37.29 ? 12  PRO A CG  1 
ATOM   85   C CD  . PRO A 1 12  ? -13.300 -8.063  4.752   1.00 36.57 ? 12  PRO A CD  1 
ATOM   86   N N   . GLU A 1 13  ? -13.213 -4.825  4.633   1.00 35.70 ? 13  GLU A N   1 
ATOM   87   C CA  . GLU A 1 13  ? -13.778 -3.584  4.170   1.00 37.56 ? 13  GLU A CA  1 
ATOM   88   C C   . GLU A 1 13  ? -13.186 -2.316  4.757   1.00 36.65 ? 13  GLU A C   1 
ATOM   89   O O   . GLU A 1 13  ? -13.028 -1.316  4.071   1.00 38.52 ? 13  GLU A O   1 
ATOM   90   C CB  . GLU A 1 13  ? -15.256 -3.551  4.494   1.00 41.47 ? 13  GLU A CB  1 
ATOM   91   C CG  . GLU A 1 13  ? -16.129 -3.784  3.317   1.00 50.46 ? 13  GLU A CG  1 
ATOM   92   C CD  . GLU A 1 13  ? -16.467 -5.266  3.121   1.00 56.82 ? 13  GLU A CD  1 
ATOM   93   O OE1 . GLU A 1 13  ? -16.024 -6.100  3.964   1.00 59.39 ? 13  GLU A OE1 1 
ATOM   94   O OE2 . GLU A 1 13  ? -17.198 -5.593  2.138   1.00 59.92 ? 13  GLU A OE2 1 
ATOM   95   N N   . ASP A 1 14  ? -12.906 -2.340  6.046   1.00 34.87 ? 14  ASP A N   1 
ATOM   96   C CA  . ASP A 1 14  ? -12.431 -1.181  6.785   1.00 32.47 ? 14  ASP A CA  1 
ATOM   97   C C   . ASP A 1 14  ? -11.071 -1.569  7.392   1.00 31.95 ? 14  ASP A C   1 
ATOM   98   O O   . ASP A 1 14  ? -10.988 -2.382  8.322   1.00 31.21 ? 14  ASP A O   1 
ATOM   99   C CB  . ASP A 1 14  ? -13.499 -0.940  7.854   1.00 33.16 ? 14  ASP A CB  1 
ATOM   100  C CG  . ASP A 1 14  ? -13.421 0.412   8.518   1.00 33.67 ? 14  ASP A CG  1 
ATOM   101  O OD1 . ASP A 1 14  ? -12.330 0.952   8.765   1.00 35.58 ? 14  ASP A OD1 1 
ATOM   102  O OD2 . ASP A 1 14  ? -14.494 0.907   8.881   1.00 34.37 ? 14  ASP A OD2 1 
ATOM   103  N N   . ILE A 1 15  ? -9.998  -1.034  6.834   1.00 29.69 ? 15  ILE A N   1 
ATOM   104  C CA  . ILE A 1 15  ? -8.665  -1.359  7.319   1.00 27.53 ? 15  ILE A CA  1 
ATOM   105  C C   . ILE A 1 15  ? -7.905  -0.105  7.739   1.00 25.36 ? 15  ILE A C   1 
ATOM   106  O O   . ILE A 1 15  ? -8.267  0.994   7.363   1.00 25.74 ? 15  ILE A O   1 
ATOM   107  C CB  . ILE A 1 15  ? -7.825  -2.004  6.167   1.00 28.64 ? 15  ILE A CB  1 
ATOM   108  C CG1 . ILE A 1 15  ? -7.780  -1.062  4.957   1.00 27.41 ? 15  ILE A CG1 1 
ATOM   109  C CG2 . ILE A 1 15  ? -8.409  -3.358  5.750   1.00 30.69 ? 15  ILE A CG2 1 
ATOM   110  C CD1 . ILE A 1 15  ? -6.975  -1.598  3.815   1.00 25.93 ? 15  ILE A CD1 1 
ATOM   111  N N   . TYR A 1 16  ? -6.793  -0.305  8.412   1.00 23.12 ? 16  TYR A N   1 
ATOM   112  C CA  . TYR A 1 16  ? -5.908  0.753   8.810   1.00 21.40 ? 16  TYR A CA  1 
ATOM   113  C C   . TYR A 1 16  ? -4.638  0.439   8.087   1.00 21.02 ? 16  TYR A C   1 
ATOM   114  O O   . TYR A 1 16  ? -4.214  -0.710  8.068   1.00 20.13 ? 16  TYR A O   1 
ATOM   115  C CB  . TYR A 1 16  ? -5.587  0.667   10.288  1.00 22.60 ? 16  TYR A CB  1 
ATOM   116  C CG  . TYR A 1 16  ? -6.693  1.140   11.162  1.00 24.18 ? 16  TYR A CG  1 
ATOM   117  C CD1 . TYR A 1 16  ? -7.339  2.324   10.897  1.00 26.10 ? 16  TYR A CD1 1 
ATOM   118  C CD2 . TYR A 1 16  ? -7.100  0.405   12.244  1.00 24.60 ? 16  TYR A CD2 1 
ATOM   119  C CE1 . TYR A 1 16  ? -8.366  2.764   11.689  1.00 26.51 ? 16  TYR A CE1 1 
ATOM   120  C CE2 . TYR A 1 16  ? -8.110  0.838   13.041  1.00 26.42 ? 16  TYR A CE2 1 
ATOM   121  C CZ  . TYR A 1 16  ? -8.747  2.023   12.766  1.00 27.90 ? 16  TYR A CZ  1 
ATOM   122  O OH  . TYR A 1 16  ? -9.752  2.473   13.598  1.00 31.99 ? 16  TYR A OH  1 
ATOM   123  N N   . VAL A 1 17  ? -4.012  1.457   7.506   1.00 19.98 ? 17  VAL A N   1 
ATOM   124  C CA  . VAL A 1 17  ? -2.720  1.296   6.835   1.00 18.71 ? 17  VAL A CA  1 
ATOM   125  C C   . VAL A 1 17  ? -1.641  2.109   7.577   1.00 18.62 ? 17  VAL A C   1 
ATOM   126  O O   . VAL A 1 17  ? -1.887  3.259   7.917   1.00 19.11 ? 17  VAL A O   1 
ATOM   127  C CB  . VAL A 1 17  ? -2.840  1.809   5.479   1.00 18.47 ? 17  VAL A CB  1 
ATOM   128  C CG1 . VAL A 1 17  ? -1.514  1.810   4.796   1.00 17.69 ? 17  VAL A CG1 1 
ATOM   129  C CG2 . VAL A 1 17  ? -3.819  0.945   4.733   1.00 17.92 ? 17  VAL A CG2 1 
ATOM   130  N N   . VAL A 1 18  ? -0.495  1.511   7.892   1.00 18.22 ? 18  VAL A N   1 
ATOM   131  C CA  . VAL A 1 18  ? 0.578   2.223   8.582   1.00 17.22 ? 18  VAL A CA  1 
ATOM   132  C C   . VAL A 1 18  ? 1.444   2.804   7.479   1.00 17.69 ? 18  VAL A C   1 
ATOM   133  O O   . VAL A 1 18  ? 1.959   2.071   6.655   1.00 19.72 ? 18  VAL A O   1 
ATOM   134  C CB  . VAL A 1 18  ? 1.411   1.277   9.464   1.00 18.03 ? 18  VAL A CB  1 
ATOM   135  C CG1 . VAL A 1 18  ? 2.566   2.021   10.093  1.00 15.31 ? 18  VAL A CG1 1 
ATOM   136  C CG2 . VAL A 1 18  ? 0.549   0.699   10.556  1.00 14.91 ? 18  VAL A CG2 1 
ATOM   137  N N   . ILE A 1 19  ? 1.604   4.118   7.451   1.00 17.70 ? 19  ILE A N   1 
ATOM   138  C CA  . ILE A 1 19  ? 2.339   4.789   6.385   1.00 16.54 ? 19  ILE A CA  1 
ATOM   139  C C   . ILE A 1 19  ? 3.844   4.770   6.594   1.00 16.68 ? 19  ILE A C   1 
ATOM   140  O O   . ILE A 1 19  ? 4.295   5.061   7.684   1.00 18.54 ? 19  ILE A O   1 
ATOM   141  C CB  . ILE A 1 19  ? 1.773   6.280   6.198   1.00 13.86 ? 19  ILE A CB  1 
ATOM   142  C CG1 . ILE A 1 19  ? 0.272   6.239   5.829   1.00 13.50 ? 19  ILE A CG1 1 
ATOM   143  C CG2 . ILE A 1 19  ? 2.525   7.033   5.104   1.00 11.29 ? 19  ILE A CG2 1 
ATOM   144  C CD1 . ILE A 1 19  ? -0.098  5.550   4.437   1.00 11.37 ? 19  ILE A CD1 1 
ATOM   145  N N   . GLU A 1 20  ? 4.614   4.367   5.586   1.00 17.67 ? 20  GLU A N   1 
ATOM   146  C CA  . GLU A 1 20  ? 6.101   4.365   5.647   1.00 19.22 ? 20  GLU A CA  1 
ATOM   147  C C   . GLU A 1 20  ? 6.745   5.444   4.722   1.00 18.88 ? 20  GLU A C   1 
ATOM   148  O O   . GLU A 1 20  ? 7.726   6.076   5.060   1.00 20.55 ? 20  GLU A O   1 
ATOM   149  C CB  . GLU A 1 20  ? 6.634   2.988   5.241   1.00 18.38 ? 20  GLU A CB  1 
ATOM   150  C CG  . GLU A 1 20  ? 6.078   1.878   6.118   1.00 21.61 ? 20  GLU A CG  1 
ATOM   151  C CD  . GLU A 1 20  ? 6.493   0.482   5.660   1.00 22.88 ? 20  GLU A CD  1 
ATOM   152  O OE1 . GLU A 1 20  ? 6.112   0.036   4.585   1.00 23.32 ? 20  GLU A OE1 1 
ATOM   153  O OE2 . GLU A 1 20  ? 7.200   -0.196  6.412   1.00 25.96 ? 20  GLU A OE2 1 
ATOM   154  N N   . ILE A 1 21  ? 6.202   5.604   3.524   1.00 18.17 ? 21  ILE A N   1 
ATOM   155  C CA  . ILE A 1 21  ? 6.687   6.577   2.539   1.00 18.31 ? 21  ILE A CA  1 
ATOM   156  C C   . ILE A 1 21  ? 5.508   7.495   2.011   1.00 18.78 ? 21  ILE A C   1 
ATOM   157  O O   . ILE A 1 21  ? 4.489   6.992   1.506   1.00 18.88 ? 21  ILE A O   1 
ATOM   158  C CB  . ILE A 1 21  ? 7.342   5.834   1.393   1.00 15.79 ? 21  ILE A CB  1 
ATOM   159  C CG1 . ILE A 1 21  ? 8.327   4.817   1.959   1.00 16.07 ? 21  ILE A CG1 1 
ATOM   160  C CG2 . ILE A 1 21  ? 8.034   6.786   0.512   1.00 14.37 ? 21  ILE A CG2 1 
ATOM   161  C CD1 . ILE A 1 21  ? 8.888   3.892   0.949   1.00 16.37 ? 21  ILE A CD1 1 
ATOM   162  N N   . PRO A 1 22  ? 5.606   8.834   2.205   1.00 18.41 ? 22  PRO A N   1 
ATOM   163  C CA  . PRO A 1 22  ? 4.542   9.734   1.733   1.00 17.28 ? 22  PRO A CA  1 
ATOM   164  C C   . PRO A 1 22  ? 4.551   9.876   0.228   1.00 16.77 ? 22  PRO A C   1 
ATOM   165  O O   . PRO A 1 22  ? 5.533   9.632   -0.449  1.00 16.88 ? 22  PRO A O   1 
ATOM   166  C CB  . PRO A 1 22  ? 4.922   11.089  2.364   1.00 16.97 ? 22  PRO A CB  1 
ATOM   167  C CG  . PRO A 1 22  ? 5.947   10.741  3.406   1.00 19.14 ? 22  PRO A CG  1 
ATOM   168  C CD  . PRO A 1 22  ? 6.698   9.607   2.830   1.00 18.74 ? 22  PRO A CD  1 
ATOM   169  N N   . ALA A 1 23  ? 3.446   10.326  -0.302  1.00 18.05 ? 23  ALA A N   1 
ATOM   170  C CA  . ALA A 1 23  ? 3.351   10.550  -1.708  1.00 17.37 ? 23  ALA A CA  1 
ATOM   171  C C   . ALA A 1 23  ? 4.322   11.648  -2.026  1.00 18.58 ? 23  ALA A C   1 
ATOM   172  O O   . ALA A 1 23  ? 4.474   12.579  -1.266  1.00 15.43 ? 23  ALA A O   1 
ATOM   173  C CB  . ALA A 1 23  ? 1.943   11.062  -2.020  1.00 17.08 ? 23  ALA A CB  1 
ATOM   174  N N   . ASN A 1 24  ? 4.970   11.537  -3.168  1.00 20.69 ? 24  ASN A N   1 
ATOM   175  C CA  . ASN A 1 24  ? 5.851   12.594  -3.663  1.00 25.50 ? 24  ASN A CA  1 
ATOM   176  C C   . ASN A 1 24  ? 7.016   13.009  -2.788  1.00 25.57 ? 24  ASN A C   1 
ATOM   177  O O   . ASN A 1 24  ? 7.377   14.179  -2.778  1.00 26.45 ? 24  ASN A O   1 
ATOM   178  C CB  . ASN A 1 24  ? 5.017   13.868  -3.890  1.00 31.08 ? 24  ASN A CB  1 
ATOM   179  C CG  . ASN A 1 24  ? 4.110   13.788  -5.082  1.00 36.35 ? 24  ASN A CG  1 
ATOM   180  O OD1 . ASN A 1 24  ? 4.501   14.188  -6.181  1.00 42.52 ? 24  ASN A OD1 1 
ATOM   181  N ND2 . ASN A 1 24  ? 2.862   13.345  -4.873  1.00 40.13 ? 24  ASN A ND2 1 
ATOM   182  N N   . ALA A 1 25  ? 7.646   12.102  -2.088  1.00 25.01 ? 25  ALA A N   1 
ATOM   183  C CA  . ALA A 1 25  ? 8.707   12.553  -1.227  1.00 25.58 ? 25  ALA A CA  1 
ATOM   184  C C   . ALA A 1 25  ? 10.040  12.240  -1.811  1.00 25.30 ? 25  ALA A C   1 
ATOM   185  O O   . ALA A 1 25  ? 10.121  11.630  -2.857  1.00 26.42 ? 25  ALA A O   1 
ATOM   186  C CB  . ALA A 1 25  ? 8.557   11.915  0.139   1.00 27.00 ? 25  ALA A CB  1 
ATOM   187  N N   . ASP A 1 26  ? 11.090  12.662  -1.126  1.00 25.64 ? 26  ASP A N   1 
ATOM   188  C CA  . ASP A 1 26  ? 12.452  12.387  -1.543  1.00 24.37 ? 26  ASP A CA  1 
ATOM   189  C C   . ASP A 1 26  ? 12.556  10.882  -1.569  1.00 24.27 ? 26  ASP A C   1 
ATOM   190  O O   . ASP A 1 26  ? 11.830  10.143  -0.873  1.00 21.55 ? 26  ASP A O   1 
ATOM   191  C CB  . ASP A 1 26  ? 13.452  12.993  -0.562  1.00 26.01 ? 26  ASP A CB  1 
ATOM   192  C CG  . ASP A 1 26  ? 13.447  14.531  -0.589  1.00 27.11 ? 26  ASP A CG  1 
ATOM   193  O OD1 . ASP A 1 26  ? 13.331  15.094  -1.694  1.00 29.40 ? 26  ASP A OD1 1 
ATOM   194  O OD2 . ASP A 1 26  ? 13.532  15.169  0.486   1.00 28.21 ? 26  ASP A OD2 1 
ATOM   195  N N   . PRO A 1 27  ? 13.454  10.387  -2.404  1.00 26.64 ? 27  PRO A N   1 
ATOM   196  C CA  . PRO A 1 27  ? 13.642  8.939   -2.544  1.00 27.30 ? 27  PRO A CA  1 
ATOM   197  C C   . PRO A 1 27  ? 14.250  8.094   -1.362  1.00 28.21 ? 27  PRO A C   1 
ATOM   198  O O   . PRO A 1 27  ? 15.179  7.277   -1.545  1.00 27.05 ? 27  PRO A O   1 
ATOM   199  C CB  . PRO A 1 27  ? 14.379  8.851   -3.886  1.00 27.25 ? 27  PRO A CB  1 
ATOM   200  C CG  . PRO A 1 27  ? 15.141  10.183  -3.977  1.00 27.16 ? 27  PRO A CG  1 
ATOM   201  C CD  . PRO A 1 27  ? 14.253  11.180  -3.368  1.00 26.11 ? 27  PRO A CD  1 
ATOM   202  N N   . ILE A 1 28  ? 13.714  8.287   -0.153  1.00 28.39 ? 28  ILE A N   1 
ATOM   203  C CA  . ILE A 1 28  ? 14.188  7.549   1.019   1.00 26.65 ? 28  ILE A CA  1 
ATOM   204  C C   . ILE A 1 28  ? 13.100  6.525   1.295   1.00 28.31 ? 28  ILE A C   1 
ATOM   205  O O   . ILE A 1 28  ? 11.916  6.879   1.451   1.00 28.31 ? 28  ILE A O   1 
ATOM   206  C CB  . ILE A 1 28  ? 14.331  8.422   2.298   1.00 24.55 ? 28  ILE A CB  1 
ATOM   207  C CG1 . ILE A 1 28  ? 15.224  9.641   2.074   1.00 23.03 ? 28  ILE A CG1 1 
ATOM   208  C CG2 . ILE A 1 28  ? 14.982  7.612   3.408   1.00 23.20 ? 28  ILE A CG2 1 
ATOM   209  C CD1 . ILE A 1 28  ? 14.992  10.732  3.120   1.00 21.11 ? 28  ILE A CD1 1 
ATOM   210  N N   . LYS A 1 29  ? 13.509  5.260   1.345   1.00 28.33 ? 29  LYS A N   1 
ATOM   211  C CA  . LYS A 1 29  ? 12.623  4.135   1.607   1.00 26.69 ? 29  LYS A CA  1 
ATOM   212  C C   . LYS A 1 29  ? 12.716  3.792   3.103   1.00 24.85 ? 29  LYS A C   1 
ATOM   213  O O   . LYS A 1 29  ? 13.770  3.363   3.573   1.00 23.90 ? 29  LYS A O   1 
ATOM   214  C CB  . LYS A 1 29  ? 13.081  2.954   0.755   1.00 27.88 ? 29  LYS A CB  1 
ATOM   215  C CG  . LYS A 1 29  ? 12.230  1.780   0.971   1.00 32.64 ? 29  LYS A CG  1 
ATOM   216  C CD  . LYS A 1 29  ? 12.605  0.664   0.056   1.00 37.80 ? 29  LYS A CD  1 
ATOM   217  C CE  . LYS A 1 29  ? 12.483  -0.661  0.789   1.00 39.59 ? 29  LYS A CE  1 
ATOM   218  N NZ  . LYS A 1 29  ? 11.414  -0.623  1.829   1.00 42.94 ? 29  LYS A NZ  1 
ATOM   219  N N   . TYR A 1 30  ? 11.652  4.020   3.857   1.00 23.03 ? 30  TYR A N   1 
ATOM   220  C CA  . TYR A 1 30  ? 11.676  3.706   5.282   1.00 23.71 ? 30  TYR A CA  1 
ATOM   221  C C   . TYR A 1 30  ? 10.864  2.469   5.546   1.00 25.02 ? 30  TYR A C   1 
ATOM   222  O O   . TYR A 1 30  ? 10.078  2.093   4.721   1.00 26.61 ? 30  TYR A O   1 
ATOM   223  C CB  . TYR A 1 30  ? 10.982  4.793   6.083   1.00 22.59 ? 30  TYR A CB  1 
ATOM   224  C CG  . TYR A 1 30  ? 11.650  6.114   6.106   1.00 22.12 ? 30  TYR A CG  1 
ATOM   225  C CD1 . TYR A 1 30  ? 12.677  6.365   7.006   1.00 20.18 ? 30  TYR A CD1 1 
ATOM   226  C CD2 . TYR A 1 30  ? 11.227  7.141   5.263   1.00 21.06 ? 30  TYR A CD2 1 
ATOM   227  C CE1 . TYR A 1 30  ? 13.259  7.590   7.077   1.00 21.45 ? 30  TYR A CE1 1 
ATOM   228  C CE2 . TYR A 1 30  ? 11.818  8.406   5.338   1.00 22.07 ? 30  TYR A CE2 1 
ATOM   229  C CZ  . TYR A 1 30  ? 12.838  8.607   6.248   1.00 21.04 ? 30  TYR A CZ  1 
ATOM   230  O OH  . TYR A 1 30  ? 13.440  9.828   6.361   1.00 23.13 ? 30  TYR A OH  1 
ATOM   231  N N   . GLU A 1 31  ? 11.003  1.858   6.704   1.00 26.31 ? 31  GLU A N   1 
ATOM   232  C CA  . GLU A 1 31  ? 10.153  0.731   7.026   1.00 29.58 ? 31  GLU A CA  1 
ATOM   233  C C   . GLU A 1 31  ? 10.004  0.734   8.512   1.00 27.57 ? 31  GLU A C   1 
ATOM   234  O O   . GLU A 1 31  ? 10.871  1.233   9.203   1.00 27.22 ? 31  GLU A O   1 
ATOM   235  C CB  . GLU A 1 31  ? 10.807  -0.560  6.610   1.00 34.43 ? 31  GLU A CB  1 
ATOM   236  C CG  . GLU A 1 31  ? 11.962  -0.905  7.505   1.00 44.55 ? 31  GLU A CG  1 
ATOM   237  C CD  . GLU A 1 31  ? 12.884  -1.924  6.879   1.00 49.70 ? 31  GLU A CD  1 
ATOM   238  O OE1 . GLU A 1 31  ? 12.369  -2.797  6.134   1.00 53.09 ? 31  GLU A OE1 1 
ATOM   239  O OE2 . GLU A 1 31  ? 14.120  -1.831  7.103   1.00 53.00 ? 31  GLU A OE2 1 
ATOM   240  N N   . ILE A 1 32  ? 8.904   0.215   9.017   1.00 27.99 ? 32  ILE A N   1 
ATOM   241  C CA  . ILE A 1 32  ? 8.747   0.152   10.456  1.00 29.28 ? 32  ILE A CA  1 
ATOM   242  C C   . ILE A 1 32  ? 9.392   -1.140  10.922  1.00 31.67 ? 32  ILE A C   1 
ATOM   243  O O   . ILE A 1 32  ? 9.115   -2.220  10.373  1.00 33.56 ? 32  ILE A O   1 
ATOM   244  C CB  . ILE A 1 32  ? 7.270   0.203   10.876  1.00 28.45 ? 32  ILE A CB  1 
ATOM   245  C CG1 . ILE A 1 32  ? 6.645   1.537   10.444  1.00 27.12 ? 32  ILE A CG1 1 
ATOM   246  C CG2 . ILE A 1 32  ? 7.113   0.016   12.362  1.00 25.71 ? 32  ILE A CG2 1 
ATOM   247  C CD1 . ILE A 1 32  ? 7.158   2.790   11.168  1.00 28.64 ? 32  ILE A CD1 1 
ATOM   248  N N   . ASP A 1 33  ? 10.306  -0.998  11.877  1.00 32.49 ? 33  ASP A N   1 
ATOM   249  C CA  . ASP A 1 33  ? 11.052  -2.100  12.501  1.00 34.52 ? 33  ASP A CA  1 
ATOM   250  C C   . ASP A 1 33  ? 10.149  -2.942  13.450  1.00 35.96 ? 33  ASP A C   1 
ATOM   251  O O   . ASP A 1 33  ? 9.640   -2.447  14.447  1.00 35.88 ? 33  ASP A O   1 
ATOM   252  C CB  . ASP A 1 33  ? 12.275  -1.509  13.242  1.00 34.96 ? 33  ASP A CB  1 
ATOM   253  C CG  . ASP A 1 33  ? 12.971  -2.502  14.178  1.00 35.11 ? 33  ASP A CG  1 
ATOM   254  O OD1 . ASP A 1 33  ? 13.452  -3.525  13.694  1.00 34.22 ? 33  ASP A OD1 1 
ATOM   255  O OD2 . ASP A 1 33  ? 13.091  -2.221  15.387  1.00 35.12 ? 33  ASP A OD2 1 
ATOM   256  N N   . LYS A 1 34  ? 9.983   -4.221  13.131  1.00 38.18 ? 34  LYS A N   1 
ATOM   257  C CA  . LYS A 1 34  ? 9.136   -5.109  13.902  1.00 41.22 ? 34  LYS A CA  1 
ATOM   258  C C   . LYS A 1 34  ? 9.586   -5.221  15.327  1.00 41.49 ? 34  LYS A C   1 
ATOM   259  O O   . LYS A 1 34  ? 8.812   -5.505  16.198  1.00 41.15 ? 34  LYS A O   1 
ATOM   260  C CB  . LYS A 1 34  ? 9.029   -6.494  13.242  1.00 44.67 ? 34  LYS A CB  1 
ATOM   261  C CG  . LYS A 1 34  ? 8.346   -6.472  11.854  1.00 50.04 ? 34  LYS A CG  1 
ATOM   262  C CD  . LYS A 1 34  ? 7.747   -7.842  11.398  1.00 55.39 ? 34  LYS A CD  1 
ATOM   263  C CE  . LYS A 1 34  ? 6.754   -7.709  10.160  1.00 58.67 ? 34  LYS A CE  1 
ATOM   264  N NZ  . LYS A 1 34  ? 6.056   -8.990  9.662   1.00 58.05 ? 34  LYS A NZ  1 
ATOM   265  N N   . GLU A 1 35  ? 10.827  -4.911  15.595  1.00 43.54 ? 35  GLU A N   1 
ATOM   266  C CA  . GLU A 1 35  ? 11.270  -5.012  16.963  1.00 46.16 ? 35  GLU A CA  1 
ATOM   267  C C   . GLU A 1 35  ? 10.933  -3.820  17.871  1.00 44.70 ? 35  GLU A C   1 
ATOM   268  O O   . GLU A 1 35  ? 10.448  -4.036  18.988  1.00 44.88 ? 35  GLU A O   1 
ATOM   269  C CB  . GLU A 1 35  ? 12.770  -5.326  17.005  1.00 52.79 ? 35  GLU A CB  1 
ATOM   270  C CG  . GLU A 1 35  ? 13.159  -6.723  16.486  1.00 60.58 ? 35  GLU A CG  1 
ATOM   271  C CD  . GLU A 1 35  ? 12.940  -7.830  17.525  1.00 65.77 ? 35  GLU A CD  1 
ATOM   272  O OE1 . GLU A 1 35  ? 13.539  -7.731  18.627  1.00 67.99 ? 35  GLU A OE1 1 
ATOM   273  O OE2 . GLU A 1 35  ? 12.178  -8.799  17.240  1.00 69.55 ? 35  GLU A OE2 1 
ATOM   274  N N   . SER A 1 36  ? 11.226  -2.586  17.429  1.00 41.46 ? 36  SER A N   1 
ATOM   275  C CA  . SER A 1 36  ? 10.966  -1.365  18.228  1.00 38.40 ? 36  SER A CA  1 
ATOM   276  C C   . SER A 1 36  ? 9.741   -0.527  17.844  1.00 36.19 ? 36  SER A C   1 
ATOM   277  O O   . SER A 1 36  ? 9.246   0.275   18.644  1.00 37.19 ? 36  SER A O   1 
ATOM   278  C CB  . SER A 1 36  ? 12.198  -0.466  18.204  1.00 39.19 ? 36  SER A CB  1 
ATOM   279  O OG  . SER A 1 36  ? 12.655  -0.326  16.878  1.00 40.25 ? 36  SER A OG  1 
ATOM   280  N N   . GLY A 1 37  ? 9.244   -0.744  16.632  1.00 33.18 ? 37  GLY A N   1 
ATOM   281  C CA  . GLY A 1 37  ? 8.130   0.009   16.118  1.00 29.18 ? 37  GLY A CA  1 
ATOM   282  C C   . GLY A 1 37  ? 8.684   1.326   15.571  1.00 28.04 ? 37  GLY A C   1 
ATOM   283  O O   . GLY A 1 37  ? 7.931   2.225   15.204  1.00 27.80 ? 37  GLY A O   1 
ATOM   284  N N   . ALA A 1 38  ? 10.008  1.441   15.485  1.00 26.27 ? 38  ALA A N   1 
ATOM   285  C CA  . ALA A 1 38  ? 10.622  2.688   15.044  1.00 25.92 ? 38  ALA A CA  1 
ATOM   286  C C   . ALA A 1 38  ? 10.794  2.708   13.562  1.00 25.42 ? 38  ALA A C   1 
ATOM   287  O O   . ALA A 1 38  ? 10.922  1.655   12.934  1.00 25.14 ? 38  ALA A O   1 
ATOM   288  C CB  . ALA A 1 38  ? 11.994  2.879   15.731  1.00 26.96 ? 38  ALA A CB  1 
ATOM   289  N N   . LEU A 1 39  ? 10.822  3.913   13.007  1.00 25.91 ? 39  LEU A N   1 
ATOM   290  C CA  . LEU A 1 39  ? 11.013  4.120   11.565  1.00 26.01 ? 39  LEU A CA  1 
ATOM   291  C C   . LEU A 1 39  ? 12.494  3.979   11.198  1.00 24.37 ? 39  LEU A C   1 
ATOM   292  O O   . LEU A 1 39  ? 13.318  4.812   11.612  1.00 23.86 ? 39  LEU A O   1 
ATOM   293  C CB  . LEU A 1 39  ? 10.568  5.519   11.217  1.00 26.31 ? 39  LEU A CB  1 
ATOM   294  C CG  . LEU A 1 39  ? 9.598   5.851   10.104  1.00 30.40 ? 39  LEU A CG  1 
ATOM   295  C CD1 . LEU A 1 39  ? 10.353  6.859   9.262   1.00 34.12 ? 39  LEU A CD1 1 
ATOM   296  C CD2 . LEU A 1 39  ? 9.071   4.687   9.282   1.00 29.84 ? 39  LEU A CD2 1 
ATOM   297  N N   . PHE A 1 40  ? 12.813  2.956   10.405  1.00 23.34 ? 40  PHE A N   1 
ATOM   298  C CA  . PHE A 1 40  ? 14.184  2.693   9.951   1.00 23.24 ? 40  PHE A CA  1 
ATOM   299  C C   . PHE A 1 40  ? 14.410  3.038   8.505   1.00 23.07 ? 40  PHE A C   1 
ATOM   300  O O   . PHE A 1 40  ? 13.550  2.777   7.667   1.00 25.53 ? 40  PHE A O   1 
ATOM   301  C CB  . PHE A 1 40  ? 14.532  1.216   10.106  1.00 23.30 ? 40  PHE A CB  1 
ATOM   302  C CG  . PHE A 1 40  ? 14.933  0.842   11.498  1.00 27.05 ? 40  PHE A CG  1 
ATOM   303  C CD1 . PHE A 1 40  ? 14.179  1.260   12.596  1.00 29.42 ? 40  PHE A CD1 1 
ATOM   304  C CD2 . PHE A 1 40  ? 16.082  0.103   11.724  1.00 28.98 ? 40  PHE A CD2 1 
ATOM   305  C CE1 . PHE A 1 40  ? 14.569  0.945   13.908  1.00 31.51 ? 40  PHE A CE1 1 
ATOM   306  C CE2 . PHE A 1 40  ? 16.485  -0.222  13.042  1.00 29.98 ? 40  PHE A CE2 1 
ATOM   307  C CZ  . PHE A 1 40  ? 15.733  0.198   14.126  1.00 30.59 ? 40  PHE A CZ  1 
ATOM   308  N N   . VAL A 1 41  ? 15.567  3.613   8.195   1.00 21.95 ? 41  VAL A N   1 
ATOM   309  C CA  . VAL A 1 41  ? 15.897  3.902   6.816   1.00 21.94 ? 41  VAL A CA  1 
ATOM   310  C C   . VAL A 1 41  ? 16.311  2.548   6.225   1.00 25.37 ? 41  VAL A C   1 
ATOM   311  O O   . VAL A 1 41  ? 17.309  1.913   6.629   1.00 25.50 ? 41  VAL A O   1 
ATOM   312  C CB  . VAL A 1 41  ? 16.996  4.949   6.671   1.00 19.82 ? 41  VAL A CB  1 
ATOM   313  C CG1 . VAL A 1 41  ? 17.287  5.218   5.216   1.00 17.47 ? 41  VAL A CG1 1 
ATOM   314  C CG2 . VAL A 1 41  ? 16.589  6.210   7.368   1.00 18.74 ? 41  VAL A CG2 1 
ATOM   315  N N   . ASP A 1 42  ? 15.434  2.063   5.364   1.00 26.29 ? 42  ASP A N   1 
ATOM   316  C CA  . ASP A 1 42  ? 15.585  0.803   4.675   1.00 31.29 ? 42  ASP A CA  1 
ATOM   317  C C   . ASP A 1 42  ? 16.579  0.936   3.510   1.00 31.68 ? 42  ASP A C   1 
ATOM   318  O O   . ASP A 1 42  ? 17.416  0.074   3.341   1.00 32.29 ? 42  ASP A O   1 
ATOM   319  C CB  . ASP A 1 42  ? 14.200  0.417   4.159   1.00 36.11 ? 42  ASP A CB  1 
ATOM   320  C CG  . ASP A 1 42  ? 14.119  -0.985  3.641   1.00 42.05 ? 42  ASP A CG  1 
ATOM   321  O OD1 . ASP A 1 42  ? 15.123  -1.523  3.113   1.00 46.06 ? 42  ASP A OD1 1 
ATOM   322  O OD2 . ASP A 1 42  ? 13.001  -1.549  3.731   1.00 46.02 ? 42  ASP A OD2 1 
ATOM   323  N N   . ARG A 1 43  ? 16.518  2.030   2.745   1.00 32.39 ? 43  ARG A N   1 
ATOM   324  C CA  . ARG A 1 43  ? 17.404  2.213   1.602   1.00 32.48 ? 43  ARG A CA  1 
ATOM   325  C C   . ARG A 1 43  ? 17.225  3.541   0.919   1.00 30.39 ? 43  ARG A C   1 
ATOM   326  O O   . ARG A 1 43  ? 16.202  4.184   1.034   1.00 29.89 ? 43  ARG A O   1 
ATOM   327  C CB  . ARG A 1 43  ? 17.076  1.151   0.576   1.00 39.00 ? 43  ARG A CB  1 
ATOM   328  C CG  . ARG A 1 43  ? 17.965  1.136   -0.633  1.00 48.90 ? 43  ARG A CG  1 
ATOM   329  C CD  . ARG A 1 43  ? 17.681  -0.087  -1.517  1.00 56.75 ? 43  ARG A CD  1 
ATOM   330  N NE  . ARG A 1 43  ? 16.247  -0.226  -1.806  1.00 66.47 ? 43  ARG A NE  1 
ATOM   331  C CZ  . ARG A 1 43  ? 15.541  0.595   -2.593  1.00 70.76 ? 43  ARG A CZ  1 
ATOM   332  N NH1 . ARG A 1 43  ? 16.136  1.631   -3.176  1.00 73.88 ? 43  ARG A NH1 1 
ATOM   333  N NH2 . ARG A 1 43  ? 14.251  0.359   -2.843  1.00 73.20 ? 43  ARG A NH2 1 
ATOM   334  N N   . PHE A 1 44  ? 18.249  3.985   0.225   1.00 29.38 ? 44  PHE A N   1 
ATOM   335  C CA  . PHE A 1 44  ? 18.105  5.201   -0.539  1.00 30.35 ? 44  PHE A CA  1 
ATOM   336  C C   . PHE A 1 44  ? 17.872  4.684   -1.963  1.00 31.20 ? 44  PHE A C   1 
ATOM   337  O O   . PHE A 1 44  ? 18.667  3.900   -2.481  1.00 32.00 ? 44  PHE A O   1 
ATOM   338  C CB  . PHE A 1 44  ? 19.355  6.084   -0.450  1.00 29.02 ? 44  PHE A CB  1 
ATOM   339  C CG  . PHE A 1 44  ? 19.527  6.750   0.899   1.00 30.03 ? 44  PHE A CG  1 
ATOM   340  C CD1 . PHE A 1 44  ? 18.816  7.927   1.199   1.00 29.42 ? 44  PHE A CD1 1 
ATOM   341  C CD2 . PHE A 1 44  ? 20.358  6.190   1.877   1.00 28.06 ? 44  PHE A CD2 1 
ATOM   342  C CE1 . PHE A 1 44  ? 18.921  8.537   2.456   1.00 28.03 ? 44  PHE A CE1 1 
ATOM   343  C CE2 . PHE A 1 44  ? 20.466  6.789   3.128   1.00 28.74 ? 44  PHE A CE2 1 
ATOM   344  C CZ  . PHE A 1 44  ? 19.745  7.973   3.417   1.00 28.15 ? 44  PHE A CZ  1 
ATOM   345  N N   . MET A 1 45  ? 16.758  5.063   -2.565  1.00 31.22 ? 45  MET A N   1 
ATOM   346  C CA  . MET A 1 45  ? 16.427  4.616   -3.924  1.00 32.19 ? 45  MET A CA  1 
ATOM   347  C C   . MET A 1 45  ? 17.434  5.204   -4.922  1.00 28.90 ? 45  MET A C   1 
ATOM   348  O O   . MET A 1 45  ? 17.816  6.378   -4.806  1.00 26.86 ? 45  MET A O   1 
ATOM   349  C CB  . MET A 1 45  ? 15.011  5.078   -4.248  1.00 36.74 ? 45  MET A CB  1 
ATOM   350  C CG  . MET A 1 45  ? 14.095  4.101   -4.913  1.00 44.21 ? 45  MET A CG  1 
ATOM   351  S SD  . MET A 1 45  ? 12.408  4.814   -4.804  1.00 50.74 ? 45  MET A SD  1 
ATOM   352  C CE  . MET A 1 45  ? 12.100  4.545   -3.010  1.00 49.12 ? 45  MET A CE  1 
ATOM   353  N N   . SER A 1 46  ? 17.838  4.415   -5.917  1.00 27.79 ? 46  SER A N   1 
ATOM   354  C CA  . SER A 1 46  ? 18.815  4.896   -6.897  1.00 27.85 ? 46  SER A CA  1 
ATOM   355  C C   . SER A 1 46  ? 18.251  5.628   -8.100  1.00 26.33 ? 46  SER A C   1 
ATOM   356  O O   . SER A 1 46  ? 18.939  6.416   -8.714  1.00 26.92 ? 46  SER A O   1 
ATOM   357  C CB  . SER A 1 46  ? 19.691  3.756   -7.378  1.00 30.59 ? 46  SER A CB  1 
ATOM   358  O OG  . SER A 1 46  ? 19.949  2.858   -6.317  1.00 37.30 ? 46  SER A OG  1 
ATOM   359  N N   . THR A 1 47  ? 17.020  5.324   -8.465  1.00 24.71 ? 47  THR A N   1 
ATOM   360  C CA  . THR A 1 47  ? 16.355  5.959   -9.575  1.00 23.09 ? 47  THR A CA  1 
ATOM   361  C C   . THR A 1 47  ? 15.766  7.346   -9.161  1.00 24.12 ? 47  THR A C   1 
ATOM   362  O O   . THR A 1 47  ? 15.501  7.623   -7.964  1.00 23.14 ? 47  THR A O   1 
ATOM   363  C CB  . THR A 1 47  ? 15.260  5.029   -10.063 1.00 23.22 ? 47  THR A CB  1 
ATOM   364  O OG1 . THR A 1 47  ? 14.560  4.504   -8.930  1.00 23.21 ? 47  THR A OG1 1 
ATOM   365  C CG2 . THR A 1 47  ? 15.874  3.841   -10.812 1.00 21.97 ? 47  THR A CG2 1 
ATOM   366  N N   . ALA A 1 48  ? 15.618  8.244   -10.142 1.00 23.44 ? 48  ALA A N   1 
ATOM   367  C CA  . ALA A 1 48  ? 15.049  9.581   -9.897  1.00 22.18 ? 48  ALA A CA  1 
ATOM   368  C C   . ALA A 1 48  ? 13.553  9.471   -10.008 1.00 19.97 ? 48  ALA A C   1 
ATOM   369  O O   . ALA A 1 48  ? 12.966  10.034  -10.921 1.00 20.40 ? 48  ALA A O   1 
ATOM   370  C CB  . ALA A 1 48  ? 15.570  10.585  -10.952 1.00 22.31 ? 48  ALA A CB  1 
ATOM   371  N N   . MET A 1 49  ? 12.946  8.674   -9.139  1.00 19.60 ? 49  MET A N   1 
ATOM   372  C CA  . MET A 1 49  ? 11.475  8.467   -9.154  1.00 19.07 ? 49  MET A CA  1 
ATOM   373  C C   . MET A 1 49  ? 10.902  8.686   -7.738  1.00 19.27 ? 49  MET A C   1 
ATOM   374  O O   . MET A 1 49  ? 11.624  8.582   -6.723  1.00 20.01 ? 49  MET A O   1 
ATOM   375  C CB  . MET A 1 49  ? 11.107  7.043   -9.612  1.00 17.89 ? 49  MET A CB  1 
ATOM   376  C CG  . MET A 1 49  ? 11.772  6.580   -10.918 1.00 20.10 ? 49  MET A CG  1 
ATOM   377  S SD  . MET A 1 49  ? 11.042  5.021   -11.450 1.00 25.32 ? 49  MET A SD  1 
ATOM   378  C CE  . MET A 1 49  ? 9.469   5.630   -12.158 1.00 21.62 ? 49  MET A CE  1 
ATOM   379  N N   . PHE A 1 50  ? 9.614   9.000   -7.656  1.00 18.90 ? 50  PHE A N   1 
ATOM   380  C CA  . PHE A 1 50  ? 9.016   9.183   -6.345  1.00 19.63 ? 50  PHE A CA  1 
ATOM   381  C C   . PHE A 1 50  ? 7.757   8.332   -6.315  1.00 21.21 ? 50  PHE A C   1 
ATOM   382  O O   . PHE A 1 50  ? 7.155   8.067   -7.360  1.00 22.35 ? 50  PHE A O   1 
ATOM   383  C CB  . PHE A 1 50  ? 8.716   10.667  -6.069  1.00 15.53 ? 50  PHE A CB  1 
ATOM   384  C CG  . PHE A 1 50  ? 7.818   11.269  -7.055  1.00 15.32 ? 50  PHE A CG  1 
ATOM   385  C CD1 . PHE A 1 50  ? 6.457   11.023  -7.009  1.00 15.49 ? 50  PHE A CD1 1 
ATOM   386  C CD2 . PHE A 1 50  ? 8.324   12.071  -8.041  1.00 13.43 ? 50  PHE A CD2 1 
ATOM   387  C CE1 . PHE A 1 50  ? 5.595   11.583  -7.939  1.00 16.47 ? 50  PHE A CE1 1 
ATOM   388  C CE2 . PHE A 1 50  ? 7.497   12.629  -8.965  1.00 16.24 ? 50  PHE A CE2 1 
ATOM   389  C CZ  . PHE A 1 50  ? 6.129   12.399  -8.927  1.00 15.75 ? 50  PHE A CZ  1 
ATOM   390  N N   . TYR A 1 51  ? 7.354   7.888   -5.127  1.00 21.49 ? 51  TYR A N   1 
ATOM   391  C CA  . TYR A 1 51  ? 6.153   7.082   -5.020  1.00 22.10 ? 51  TYR A CA  1 
ATOM   392  C C   . TYR A 1 51  ? 4.964   7.954   -5.394  1.00 21.73 ? 51  TYR A C   1 
ATOM   393  O O   . TYR A 1 51  ? 4.843   9.046   -4.892  1.00 20.95 ? 51  TYR A O   1 
ATOM   394  C CB  . TYR A 1 51  ? 6.018   6.537   -3.592  1.00 23.16 ? 51  TYR A CB  1 
ATOM   395  C CG  . TYR A 1 51  ? 6.802   5.266   -3.268  1.00 24.21 ? 51  TYR A CG  1 
ATOM   396  C CD1 . TYR A 1 51  ? 8.108   5.320   -2.792  1.00 23.27 ? 51  TYR A CD1 1 
ATOM   397  C CD2 . TYR A 1 51  ? 6.206   4.005   -3.395  1.00 25.17 ? 51  TYR A CD2 1 
ATOM   398  C CE1 . TYR A 1 51  ? 8.805   4.142   -2.443  1.00 26.03 ? 51  TYR A CE1 1 
ATOM   399  C CE2 . TYR A 1 51  ? 6.899   2.820   -3.054  1.00 25.96 ? 51  TYR A CE2 1 
ATOM   400  C CZ  . TYR A 1 51  ? 8.197   2.890   -2.574  1.00 26.37 ? 51  TYR A CZ  1 
ATOM   401  O OH  . TYR A 1 51  ? 8.867   1.706   -2.236  1.00 28.54 ? 51  TYR A OH  1 
ATOM   402  N N   . PRO A 1 52  ? 4.106   7.511   -6.319  1.00 22.19 ? 52  PRO A N   1 
ATOM   403  C CA  . PRO A 1 52  ? 2.957   8.349   -6.680  1.00 20.35 ? 52  PRO A CA  1 
ATOM   404  C C   . PRO A 1 52  ? 1.844   8.485   -5.671  1.00 20.15 ? 52  PRO A C   1 
ATOM   405  O O   . PRO A 1 52  ? 1.007   9.345   -5.805  1.00 20.69 ? 52  PRO A O   1 
ATOM   406  C CB  . PRO A 1 52  ? 2.470   7.734   -7.989  1.00 21.90 ? 52  PRO A CB  1 
ATOM   407  C CG  . PRO A 1 52  ? 2.984   6.322   -7.945  1.00 22.58 ? 52  PRO A CG  1 
ATOM   408  C CD  . PRO A 1 52  ? 4.334   6.457   -7.329  1.00 23.27 ? 52  PRO A CD  1 
ATOM   409  N N   . CYS A 1 53  ? 1.838   7.641   -4.648  1.00 20.71 ? 53  CYS A N   1 
ATOM   410  C CA  . CYS A 1 53  ? 0.814   7.663   -3.589  1.00 21.40 ? 53  CYS A CA  1 
ATOM   411  C C   . CYS A 1 53  ? 1.546   7.362   -2.290  1.00 19.13 ? 53  CYS A C   1 
ATOM   412  O O   . CYS A 1 53  ? 2.690   6.997   -2.346  1.00 20.42 ? 53  CYS A O   1 
ATOM   413  C CB  . CYS A 1 53  ? -0.213  6.517   -3.750  1.00 23.03 ? 53  CYS A CB  1 
ATOM   414  S SG  . CYS A 1 53  ? -1.232  6.583   -5.189  1.00 34.26 ? 53  CYS A SG  1 
ATOM   415  N N   . ASN A 1 54  ? 0.872   7.480   -1.144  1.00 18.29 ? 54  ASN A N   1 
ATOM   416  C CA  . ASN A 1 54  ? 1.461   7.136   0.143   1.00 16.54 ? 54  ASN A CA  1 
ATOM   417  C C   . ASN A 1 54  ? 1.553   5.589   0.148   1.00 17.49 ? 54  ASN A C   1 
ATOM   418  O O   . ASN A 1 54  ? 0.682   4.899   -0.378  1.00 15.97 ? 54  ASN A O   1 
ATOM   419  C CB  . ASN A 1 54  ? 0.585   7.645   1.281   1.00 14.19 ? 54  ASN A CB  1 
ATOM   420  C CG  . ASN A 1 54  ? 0.328   9.131   1.193   1.00 15.69 ? 54  ASN A CG  1 
ATOM   421  O OD1 . ASN A 1 54  ? 1.207   9.958   1.515   1.00 17.28 ? 54  ASN A OD1 1 
ATOM   422  N ND2 . ASN A 1 54  ? -0.862  9.496   0.750   1.00 14.04 ? 54  ASN A ND2 1 
ATOM   423  N N   . TYR A 1 55  ? 2.654   5.081   0.680   1.00 17.23 ? 55  TYR A N   1 
ATOM   424  C CA  . TYR A 1 55  ? 2.924   3.693   0.722   1.00 16.16 ? 55  TYR A CA  1 
ATOM   425  C C   . TYR A 1 55  ? 2.995   3.180   2.153   1.00 16.96 ? 55  TYR A C   1 
ATOM   426  O O   . TYR A 1 55  ? 3.720   3.724   2.969   1.00 17.00 ? 55  TYR A O   1 
ATOM   427  C CB  . TYR A 1 55  ? 4.249   3.512   0.048   1.00 18.34 ? 55  TYR A CB  1 
ATOM   428  C CG  . TYR A 1 55  ? 4.560   2.076   -0.225  1.00 22.07 ? 55  TYR A CG  1 
ATOM   429  C CD1 . TYR A 1 55  ? 3.912   1.390   -1.266  1.00 22.25 ? 55  TYR A CD1 1 
ATOM   430  C CD2 . TYR A 1 55  ? 5.519   1.406   0.523   1.00 25.03 ? 55  TYR A CD2 1 
ATOM   431  C CE1 . TYR A 1 55  ? 4.196   0.111   -1.564  1.00 23.68 ? 55  TYR A CE1 1 
ATOM   432  C CE2 . TYR A 1 55  ? 5.827   0.098   0.242   1.00 27.02 ? 55  TYR A CE2 1 
ATOM   433  C CZ  . TYR A 1 55  ? 5.158   -0.538  -0.818  1.00 28.96 ? 55  TYR A CZ  1 
ATOM   434  O OH  . TYR A 1 55  ? 5.495   -1.830  -1.147  1.00 33.34 ? 55  TYR A OH  1 
ATOM   435  N N   . GLY A 1 56  ? 2.333   2.059   2.435   1.00 15.73 ? 56  GLY A N   1 
ATOM   436  C CA  . GLY A 1 56  ? 2.343   1.518   3.771   1.00 16.06 ? 56  GLY A CA  1 
ATOM   437  C C   . GLY A 1 56  ? 1.975   0.061   3.789   1.00 15.05 ? 56  GLY A C   1 
ATOM   438  O O   . GLY A 1 56  ? 2.067   -0.619  2.784   1.00 15.55 ? 56  GLY A O   1 
ATOM   439  N N   . TYR A 1 57  ? 1.512   -0.427  4.923   1.00 17.13 ? 57  TYR A N   1 
ATOM   440  C CA  . TYR A 1 57  ? 1.156   -1.859  5.055   1.00 17.38 ? 57  TYR A CA  1 
ATOM   441  C C   . TYR A 1 57  ? 0.032   -2.023  6.092   1.00 17.63 ? 57  TYR A C   1 
ATOM   442  O O   . TYR A 1 57  ? -0.325  -1.088  6.805   1.00 17.34 ? 57  TYR A O   1 
ATOM   443  C CB  . TYR A 1 57  ? 2.415   -2.665  5.462   1.00 16.00 ? 57  TYR A CB  1 
ATOM   444  C CG  . TYR A 1 57  ? 2.940   -2.325  6.855   1.00 17.60 ? 57  TYR A CG  1 
ATOM   445  C CD1 . TYR A 1 57  ? 3.848   -1.269  7.066   1.00 18.67 ? 57  TYR A CD1 1 
ATOM   446  C CD2 . TYR A 1 57  ? 2.445   -2.979  7.985   1.00 18.07 ? 57  TYR A CD2 1 
ATOM   447  C CE1 . TYR A 1 57  ? 4.234   -0.861  8.414   1.00 19.34 ? 57  TYR A CE1 1 
ATOM   448  C CE2 . TYR A 1 57  ? 2.825   -2.592  9.308   1.00 19.57 ? 57  TYR A CE2 1 
ATOM   449  C CZ  . TYR A 1 57  ? 3.720   -1.534  9.504   1.00 20.49 ? 57  TYR A CZ  1 
ATOM   450  O OH  . TYR A 1 57  ? 4.111   -1.238  10.765  1.00 19.91 ? 57  TYR A OH  1 
ATOM   451  N N   . ILE A 1 58  ? -0.593  -3.184  6.104   1.00 17.95 ? 58  ILE A N   1 
ATOM   452  C CA  . ILE A 1 58  ? -1.644  -3.472  7.046   1.00 18.95 ? 58  ILE A CA  1 
ATOM   453  C C   . ILE A 1 58  ? -0.950  -4.291  8.135   1.00 20.20 ? 58  ILE A C   1 
ATOM   454  O O   . ILE A 1 58  ? -0.316  -5.303  7.874   1.00 21.58 ? 58  ILE A O   1 
ATOM   455  C CB  . ILE A 1 58  ? -2.729  -4.354  6.420   1.00 19.28 ? 58  ILE A CB  1 
ATOM   456  C CG1 . ILE A 1 58  ? -3.329  -3.697  5.198   1.00 20.49 ? 58  ILE A CG1 1 
ATOM   457  C CG2 . ILE A 1 58  ? -3.792  -4.618  7.402   1.00 17.09 ? 58  ILE A CG2 1 
ATOM   458  C CD1 . ILE A 1 58  ? -4.416  -4.555  4.538   1.00 21.54 ? 58  ILE A CD1 1 
ATOM   459  N N   . ASN A 1 59  ? -1.044  -3.854  9.370   1.00 21.61 ? 59  ASN A N   1 
ATOM   460  C CA  . ASN A 1 59  ? -0.405  -4.570  10.454  1.00 21.48 ? 59  ASN A CA  1 
ATOM   461  C C   . ASN A 1 59  ? -1.163  -5.877  10.681  1.00 22.77 ? 59  ASN A C   1 
ATOM   462  O O   . ASN A 1 59  ? -2.342  -5.965  10.405  1.00 22.86 ? 59  ASN A O   1 
ATOM   463  C CB  . ASN A 1 59  ? -0.500  -3.705  11.694  1.00 21.51 ? 59  ASN A CB  1 
ATOM   464  C CG  . ASN A 1 59  ? 0.462   -4.117  12.747  1.00 21.88 ? 59  ASN A CG  1 
ATOM   465  O OD1 . ASN A 1 59  ? 1.510   -4.687  12.439  1.00 23.33 ? 59  ASN A OD1 1 
ATOM   466  N ND2 . ASN A 1 59  ? 0.135   -3.822  14.014  1.00 21.32 ? 59  ASN A ND2 1 
ATOM   467  N N   . HIS A 1 60  ? -0.496  -6.902  11.168  1.00 25.10 ? 60  HIS A N   1 
ATOM   468  C CA  . HIS A 1 60  ? -1.179  -8.175  11.465  1.00 28.75 ? 60  HIS A CA  1 
ATOM   469  C C   . HIS A 1 60  ? -1.603  -8.982  10.253  1.00 29.43 ? 60  HIS A C   1 
ATOM   470  O O   . HIS A 1 60  ? -2.673  -9.611  10.239  1.00 31.19 ? 60  HIS A O   1 
ATOM   471  C CB  . HIS A 1 60  ? -2.412  -7.962  12.370  1.00 30.29 ? 60  HIS A CB  1 
ATOM   472  C CG  . HIS A 1 60  ? -2.089  -7.397  13.709  1.00 32.15 ? 60  HIS A CG  1 
ATOM   473  N ND1 . HIS A 1 60  ? -2.958  -6.587  14.405  1.00 36.09 ? 60  HIS A ND1 1 
ATOM   474  C CD2 . HIS A 1 60  ? -0.975  -7.522  14.483  1.00 34.25 ? 60  HIS A CD2 1 
ATOM   475  C CE1 . HIS A 1 60  ? -2.398  -6.236  15.552  1.00 34.80 ? 60  HIS A CE1 1 
ATOM   476  N NE2 . HIS A 1 60  ? -1.211  -6.781  15.624  1.00 35.31 ? 60  HIS A NE2 1 
ATOM   477  N N   . THR A 1 61  ? -0.785  -8.932  9.216   1.00 29.15 ? 61  THR A N   1 
ATOM   478  C CA  . THR A 1 61  ? -1.085  -9.679  8.032   1.00 28.93 ? 61  THR A CA  1 
ATOM   479  C C   . THR A 1 61  ? 0.247   -10.212 7.558   1.00 30.71 ? 61  THR A C   1 
ATOM   480  O O   . THR A 1 61  ? 1.321   -9.715  7.940   1.00 30.31 ? 61  THR A O   1 
ATOM   481  C CB  . THR A 1 61  ? -1.771  -8.813  6.935   1.00 27.05 ? 61  THR A CB  1 
ATOM   482  O OG1 . THR A 1 61  ? -0.831  -7.875  6.406   1.00 25.86 ? 61  THR A OG1 1 
ATOM   483  C CG2 . THR A 1 61  ? -3.017  -8.099  7.460   1.00 24.23 ? 61  THR A CG2 1 
ATOM   484  N N   . LEU A 1 62  ? 0.196   -11.222 6.729   1.00 32.32 ? 62  LEU A N   1 
ATOM   485  C CA  . LEU A 1 62  ? 1.415   -11.790 6.280   1.00 35.35 ? 62  LEU A CA  1 
ATOM   486  C C   . LEU A 1 62  ? 1.102   -12.400 4.954   1.00 36.78 ? 62  LEU A C   1 
ATOM   487  O O   . LEU A 1 62  ? 0.111   -13.100 4.790   1.00 35.51 ? 62  LEU A O   1 
ATOM   488  C CB  . LEU A 1 62  ? 1.853   -12.836 7.287   1.00 38.54 ? 62  LEU A CB  1 
ATOM   489  C CG  . LEU A 1 62  ? 3.172   -13.592 7.183   1.00 40.76 ? 62  LEU A CG  1 
ATOM   490  C CD1 . LEU A 1 62  ? 4.328   -12.622 7.025   1.00 42.15 ? 62  LEU A CD1 1 
ATOM   491  C CD2 . LEU A 1 62  ? 3.343   -14.389 8.485   1.00 43.43 ? 62  LEU A CD2 1 
ATOM   492  N N   . SER A 1 63  ? 1.860   -11.988 3.970   1.00 39.77 ? 63  SER A N   1 
ATOM   493  C CA  . SER A 1 63  ? 1.672   -12.524 2.671   1.00 45.04 ? 63  SER A CA  1 
ATOM   494  C C   . SER A 1 63  ? 2.746   -13.573 2.506   1.00 48.30 ? 63  SER A C   1 
ATOM   495  O O   . SER A 1 63  ? 3.532   -13.862 3.419   1.00 48.34 ? 63  SER A O   1 
ATOM   496  C CB  . SER A 1 63  ? 1.818   -11.420 1.633   1.00 44.89 ? 63  SER A CB  1 
ATOM   497  O OG  . SER A 1 63  ? 3.039   -10.763 1.821   1.00 46.17 ? 63  SER A OG  1 
ATOM   498  N N   . LEU A 1 64  ? 2.784   -14.129 1.313   1.00 53.60 ? 64  LEU A N   1 
ATOM   499  C CA  . LEU A 1 64  ? 3.741   -15.154 0.979   1.00 58.27 ? 64  LEU A CA  1 
ATOM   500  C C   . LEU A 1 64  ? 5.166   -14.641 0.862   1.00 60.36 ? 64  LEU A C   1 
ATOM   501  O O   . LEU A 1 64  ? 6.105   -15.396 1.116   1.00 63.46 ? 64  LEU A O   1 
ATOM   502  C CB  . LEU A 1 64  ? 3.317   -15.872 -0.302  1.00 60.65 ? 64  LEU A CB  1 
ATOM   503  C CG  . LEU A 1 64  ? 1.946   -16.541 -0.179  1.00 62.33 ? 64  LEU A CG  1 
ATOM   504  C CD1 . LEU A 1 64  ? 1.547   -17.105 -1.533  1.00 63.82 ? 64  LEU A CD1 1 
ATOM   505  C CD2 . LEU A 1 64  ? 1.995   -17.631 0.890   1.00 63.02 ? 64  LEU A CD2 1 
ATOM   506  N N   . ASP A 1 65  ? 5.366   -13.364 0.555   1.00 60.45 ? 65  ASP A N   1 
ATOM   507  C CA  . ASP A 1 65  ? 6.740   -12.913 0.460   1.00 60.60 ? 65  ASP A CA  1 
ATOM   508  C C   . ASP A 1 65  ? 7.278   -12.705 1.912   1.00 59.32 ? 65  ASP A C   1 
ATOM   509  O O   . ASP A 1 65  ? 8.325   -12.075 2.138   1.00 59.59 ? 65  ASP A O   1 
ATOM   510  C CB  . ASP A 1 65  ? 6.888   -11.704 -0.502  1.00 62.86 ? 65  ASP A CB  1 
ATOM   511  C CG  . ASP A 1 65  ? 6.255   -10.415 0.026   1.00 65.84 ? 65  ASP A CG  1 
ATOM   512  O OD1 . ASP A 1 65  ? 5.446   -10.459 0.983   1.00 66.96 ? 65  ASP A OD1 1 
ATOM   513  O OD2 . ASP A 1 65  ? 6.582   -9.335  -0.531  1.00 68.21 ? 65  ASP A OD2 1 
ATOM   514  N N   . GLY A 1 66  ? 6.543   -13.277 2.878   1.00 56.64 ? 66  GLY A N   1 
ATOM   515  C CA  . GLY A 1 66  ? 6.902   -13.195 4.276   1.00 54.08 ? 66  GLY A CA  1 
ATOM   516  C C   . GLY A 1 66  ? 6.789   -11.786 4.812   1.00 52.88 ? 66  GLY A C   1 
ATOM   517  O O   . GLY A 1 66  ? 7.204   -11.541 5.930   1.00 54.32 ? 66  GLY A O   1 
ATOM   518  N N   . ASP A 1 67  ? 6.178   -10.877 4.057   1.00 51.14 ? 67  ASP A N   1 
ATOM   519  C CA  . ASP A 1 67  ? 6.018   -9.470  4.463   1.00 47.63 ? 67  ASP A CA  1 
ATOM   520  C C   . ASP A 1 67  ? 4.528   -9.094  4.653   1.00 42.36 ? 67  ASP A C   1 
ATOM   521  O O   . ASP A 1 67  ? 3.641   -9.785  4.182   1.00 40.66 ? 67  ASP A O   1 
ATOM   522  C CB  . ASP A 1 67  ? 6.641   -8.554  3.377   1.00 52.18 ? 67  ASP A CB  1 
ATOM   523  C CG  . ASP A 1 67  ? 8.175   -8.454  3.462   1.00 56.55 ? 67  ASP A CG  1 
ATOM   524  O OD1 . ASP A 1 67  ? 8.883   -9.337  2.928   1.00 59.73 ? 67  ASP A OD1 1 
ATOM   525  O OD2 . ASP A 1 67  ? 8.683   -7.459  4.027   1.00 59.39 ? 67  ASP A OD2 1 
ATOM   526  N N   . PRO A 1 68  ? 4.243   -8.010  5.388   1.00 38.88 ? 68  PRO A N   1 
ATOM   527  C CA  . PRO A 1 68  ? 2.846   -7.591  5.587   1.00 36.04 ? 68  PRO A CA  1 
ATOM   528  C C   . PRO A 1 68  ? 2.263   -7.103  4.241   1.00 33.57 ? 68  PRO A C   1 
ATOM   529  O O   . PRO A 1 68  ? 3.026   -6.622  3.383   1.00 33.95 ? 68  PRO A O   1 
ATOM   530  C CB  . PRO A 1 68  ? 2.972   -6.406  6.538   1.00 34.60 ? 68  PRO A CB  1 
ATOM   531  C CG  . PRO A 1 68  ? 4.211   -6.690  7.289   1.00 36.99 ? 68  PRO A CG  1 
ATOM   532  C CD  . PRO A 1 68  ? 5.150   -7.195  6.216   1.00 38.15 ? 68  PRO A CD  1 
ATOM   533  N N   . VAL A 1 69  ? 0.948   -7.200  4.043   1.00 29.19 ? 69  VAL A N   1 
ATOM   534  C CA  . VAL A 1 69  ? 0.352   -6.722  2.798   1.00 26.23 ? 69  VAL A CA  1 
ATOM   535  C C   . VAL A 1 69  ? 0.636   -5.222  2.629   1.00 24.17 ? 69  VAL A C   1 
ATOM   536  O O   . VAL A 1 69  ? 0.323   -4.447  3.518   1.00 21.69 ? 69  VAL A O   1 
ATOM   537  C CB  . VAL A 1 69  ? -1.166  -6.923  2.842   1.00 27.47 ? 69  VAL A CB  1 
ATOM   538  C CG1 . VAL A 1 69  ? -1.885  -6.271  1.618   1.00 26.72 ? 69  VAL A CG1 1 
ATOM   539  C CG2 . VAL A 1 69  ? -1.463  -8.416  2.942   1.00 28.72 ? 69  VAL A CG2 1 
ATOM   540  N N   . ASP A 1 70  ? 1.198   -4.827  1.484   1.00 24.61 ? 70  ASP A N   1 
ATOM   541  C CA  . ASP A 1 70  ? 1.515   -3.409  1.154   1.00 24.94 ? 70  ASP A CA  1 
ATOM   542  C C   . ASP A 1 70  ? 0.337   -2.776  0.436   1.00 23.99 ? 70  ASP A C   1 
ATOM   543  O O   . ASP A 1 70  ? -0.158  -3.324  -0.543  1.00 22.59 ? 70  ASP A O   1 
ATOM   544  C CB  . ASP A 1 70  ? 2.681   -3.333  0.189   1.00 26.86 ? 70  ASP A CB  1 
ATOM   545  C CG  . ASP A 1 70  ? 3.827   -4.105  0.638   1.00 30.96 ? 70  ASP A CG  1 
ATOM   546  O OD1 . ASP A 1 70  ? 4.328   -3.848  1.762   1.00 33.10 ? 70  ASP A OD1 1 
ATOM   547  O OD2 . ASP A 1 70  ? 4.216   -4.980  -0.149  1.00 35.02 ? 70  ASP A OD2 1 
ATOM   548  N N   . VAL A 1 71  ? 0.048   -1.536  0.786   1.00 22.27 ? 71  VAL A N   1 
ATOM   549  C CA  . VAL A 1 71  ? -1.080  -0.801  0.237   1.00 21.82 ? 71  VAL A CA  1 
ATOM   550  C C   . VAL A 1 71  ? -0.560  0.555   -0.255  1.00 21.81 ? 71  VAL A C   1 
ATOM   551  O O   . VAL A 1 71  ? 0.405   1.061   0.306   1.00 21.96 ? 71  VAL A O   1 
ATOM   552  C CB  . VAL A 1 71  ? -2.107  -0.507  1.381   1.00 21.59 ? 71  VAL A CB  1 
ATOM   553  C CG1 . VAL A 1 71  ? -3.408  0.090   0.841   1.00 21.36 ? 71  VAL A CG1 1 
ATOM   554  C CG2 . VAL A 1 71  ? -2.376  -1.731  2.203   1.00 20.66 ? 71  VAL A CG2 1 
ATOM   555  N N   . LEU A 1 72  ? -1.179  1.122   -1.287  1.00 21.26 ? 72  LEU A N   1 
ATOM   556  C CA  . LEU A 1 72  ? -0.845  2.440   -1.811  1.00 20.59 ? 72  LEU A CA  1 
ATOM   557  C C   . LEU A 1 72  ? -2.135  3.182   -1.555  1.00 19.55 ? 72  LEU A C   1 
ATOM   558  O O   . LEU A 1 72  ? -3.204  2.659   -1.865  1.00 18.45 ? 72  LEU A O   1 
ATOM   559  C CB  . LEU A 1 72  ? -0.558  2.409   -3.310  1.00 21.63 ? 72  LEU A CB  1 
ATOM   560  C CG  . LEU A 1 72  ? 0.757   1.793   -3.753  1.00 21.85 ? 72  LEU A CG  1 
ATOM   561  C CD1 . LEU A 1 72  ? 0.482   0.886   -4.851  1.00 22.70 ? 72  LEU A CD1 1 
ATOM   562  C CD2 . LEU A 1 72  ? 1.721   2.861   -4.206  1.00 22.09 ? 72  LEU A CD2 1 
ATOM   563  N N   . VAL A 1 73  ? -2.044  4.376   -0.957  1.00 18.34 ? 73  VAL A N   1 
ATOM   564  C CA  . VAL A 1 73  ? -3.220  5.186   -0.575  1.00 17.58 ? 73  VAL A CA  1 
ATOM   565  C C   . VAL A 1 73  ? -3.158  6.608   -1.099  1.00 19.29 ? 73  VAL A C   1 
ATOM   566  O O   . VAL A 1 73  ? -2.299  7.366   -0.668  1.00 19.75 ? 73  VAL A O   1 
ATOM   567  C CB  . VAL A 1 73  ? -3.304  5.347   0.953   1.00 14.71 ? 73  VAL A CB  1 
ATOM   568  C CG1 . VAL A 1 73  ? -4.601  6.009   1.349   1.00 15.92 ? 73  VAL A CG1 1 
ATOM   569  C CG2 . VAL A 1 73  ? -3.124  4.018   1.644   1.00 16.90 ? 73  VAL A CG2 1 
ATOM   570  N N   . PRO A 1 74  ? -4.002  6.968   -2.081  1.00 19.96 ? 74  PRO A N   1 
ATOM   571  C CA  . PRO A 1 74  ? -3.968  8.344   -2.591  1.00 19.06 ? 74  PRO A CA  1 
ATOM   572  C C   . PRO A 1 74  ? -4.718  9.231   -1.621  1.00 19.77 ? 74  PRO A C   1 
ATOM   573  O O   . PRO A 1 74  ? -5.701  8.803   -1.066  1.00 19.10 ? 74  PRO A O   1 
ATOM   574  C CB  . PRO A 1 74  ? -4.684  8.221   -3.950  1.00 18.93 ? 74  PRO A CB  1 
ATOM   575  C CG  . PRO A 1 74  ? -5.656  7.159   -3.730  1.00 18.58 ? 74  PRO A CG  1 
ATOM   576  C CD  . PRO A 1 74  ? -4.823  6.120   -2.969  1.00 19.87 ? 74  PRO A CD  1 
ATOM   577  N N   . THR A 1 75  ? -4.200  10.442  -1.381  1.00 19.98 ? 75  THR A N   1 
ATOM   578  C CA  . THR A 1 75  ? -4.787  11.426  -0.466  1.00 18.34 ? 75  THR A CA  1 
ATOM   579  C C   . THR A 1 75  ? -4.592  12.777  -1.097  1.00 19.07 ? 75  THR A C   1 
ATOM   580  O O   . THR A 1 75  ? -3.755  12.935  -1.977  1.00 18.93 ? 75  THR A O   1 
ATOM   581  C CB  . THR A 1 75  ? -4.035  11.486  0.884   1.00 18.65 ? 75  THR A CB  1 
ATOM   582  O OG1 . THR A 1 75  ? -2.643  11.636  0.626   1.00 17.42 ? 75  THR A OG1 1 
ATOM   583  C CG2 . THR A 1 75  ? -4.244  10.240  1.688   1.00 17.16 ? 75  THR A CG2 1 
ATOM   584  N N   . PRO A 1 76  ? -5.336  13.791  -0.638  1.00 19.52 ? 76  PRO A N   1 
ATOM   585  C CA  . PRO A 1 76  ? -5.125  15.103  -1.276  1.00 20.77 ? 76  PRO A CA  1 
ATOM   586  C C   . PRO A 1 76  ? -3.784  15.814  -0.986  1.00 21.59 ? 76  PRO A C   1 
ATOM   587  O O   . PRO A 1 76  ? -3.290  16.591  -1.819  1.00 21.19 ? 76  PRO A O   1 
ATOM   588  C CB  . PRO A 1 76  ? -6.350  15.904  -0.841  1.00 20.14 ? 76  PRO A CB  1 
ATOM   589  C CG  . PRO A 1 76  ? -6.895  15.152  0.331   1.00 19.39 ? 76  PRO A CG  1 
ATOM   590  C CD  . PRO A 1 76  ? -6.597  13.740  0.118   1.00 18.38 ? 76  PRO A CD  1 
ATOM   591  N N   . TYR A 1 77  ? -3.163  15.468  0.148   1.00 21.74 ? 77  TYR A N   1 
ATOM   592  C CA  . TYR A 1 77  ? -1.873  16.016  0.613   1.00 21.43 ? 77  TYR A CA  1 
ATOM   593  C C   . TYR A 1 77  ? -1.065  14.863  1.185   1.00 21.59 ? 77  TYR A C   1 
ATOM   594  O O   . TYR A 1 77  ? -1.638  13.966  1.850   1.00 21.91 ? 77  TYR A O   1 
ATOM   595  C CB  . TYR A 1 77  ? -2.111  17.013  1.741   1.00 21.20 ? 77  TYR A CB  1 
ATOM   596  C CG  . TYR A 1 77  ? -2.916  18.171  1.286   1.00 25.10 ? 77  TYR A CG  1 
ATOM   597  C CD1 . TYR A 1 77  ? -2.366  19.076  0.379   1.00 24.37 ? 77  TYR A CD1 1 
ATOM   598  C CD2 . TYR A 1 77  ? -4.244  18.354  1.705   1.00 25.15 ? 77  TYR A CD2 1 
ATOM   599  C CE1 . TYR A 1 77  ? -3.089  20.125  -0.100  1.00 27.33 ? 77  TYR A CE1 1 
ATOM   600  C CE2 . TYR A 1 77  ? -4.985  19.421  1.218   1.00 26.74 ? 77  TYR A CE2 1 
ATOM   601  C CZ  . TYR A 1 77  ? -4.381  20.293  0.310   1.00 26.65 ? 77  TYR A CZ  1 
ATOM   602  O OH  . TYR A 1 77  ? -5.014  21.360  -0.221  1.00 31.89 ? 77  TYR A OH  1 
ATOM   603  N N   . PRO A 1 78  ? 0.274   14.932  1.056   1.00 19.22 ? 78  PRO A N   1 
ATOM   604  C CA  . PRO A 1 78  ? 1.137   13.873  1.572   1.00 17.79 ? 78  PRO A CA  1 
ATOM   605  C C   . PRO A 1 78  ? 0.959   13.664  3.053   1.00 16.49 ? 78  PRO A C   1 
ATOM   606  O O   . PRO A 1 78  ? 0.735   14.629  3.806   1.00 16.19 ? 78  PRO A O   1 
ATOM   607  C CB  . PRO A 1 78  ? 2.530   14.385  1.233   1.00 15.83 ? 78  PRO A CB  1 
ATOM   608  C CG  . PRO A 1 78  ? 2.282   15.104  -0.032  1.00 16.95 ? 78  PRO A CG  1 
ATOM   609  C CD  . PRO A 1 78  ? 1.069   15.922  0.319   1.00 18.65 ? 78  PRO A CD  1 
ATOM   610  N N   . LEU A 1 79  ? 1.037   12.402  3.473   1.00 15.37 ? 79  LEU A N   1 
ATOM   611  C CA  . LEU A 1 79  ? 0.890   12.067  4.888   1.00 15.06 ? 79  LEU A CA  1 
ATOM   612  C C   . LEU A 1 79  ? 2.257   11.977  5.567   1.00 15.90 ? 79  LEU A C   1 
ATOM   613  O O   . LEU A 1 79  ? 3.303   11.922  4.899   1.00 18.40 ? 79  LEU A O   1 
ATOM   614  C CB  . LEU A 1 79  ? 0.188   10.710  5.057   1.00 12.60 ? 79  LEU A CB  1 
ATOM   615  C CG  . LEU A 1 79  ? -1.219  10.557  4.525   1.00 14.76 ? 79  LEU A CG  1 
ATOM   616  C CD1 . LEU A 1 79  ? -1.696  9.168   4.771   1.00 14.48 ? 79  LEU A CD1 1 
ATOM   617  C CD2 . LEU A 1 79  ? -2.162  11.549  5.142   1.00 12.68 ? 79  LEU A CD2 1 
ATOM   618  N N   . GLN A 1 80  ? 2.238   11.923  6.886   1.00 16.62 ? 80  GLN A N   1 
ATOM   619  C CA  . GLN A 1 80  ? 3.433   11.733  7.718   1.00 20.55 ? 80  GLN A CA  1 
ATOM   620  C C   . GLN A 1 80  ? 3.878   10.237  7.801   1.00 20.61 ? 80  GLN A C   1 
ATOM   621  O O   . GLN A 1 80  ? 3.029   9.356   7.958   1.00 20.91 ? 80  GLN A O   1 
ATOM   622  C CB  . GLN A 1 80  ? 3.091   12.159  9.160   1.00 24.01 ? 80  GLN A CB  1 
ATOM   623  C CG  . GLN A 1 80  ? 3.226   13.642  9.425   1.00 30.53 ? 80  GLN A CG  1 
ATOM   624  C CD  . GLN A 1 80  ? 4.685   14.031  9.499   1.00 33.45 ? 80  GLN A CD  1 
ATOM   625  O OE1 . GLN A 1 80  ? 5.184   14.831  8.686   1.00 35.06 ? 80  GLN A OE1 1 
ATOM   626  N NE2 . GLN A 1 80  ? 5.403   13.415  10.461  1.00 35.38 ? 80  GLN A NE2 1 
ATOM   627  N N   . PRO A 1 81  ? 5.196   9.935   7.650   1.00 20.70 ? 81  PRO A N   1 
ATOM   628  C CA  . PRO A 1 81  ? 5.639   8.553   7.753   1.00 20.67 ? 81  PRO A CA  1 
ATOM   629  C C   . PRO A 1 81  ? 5.283   8.192   9.186   1.00 20.96 ? 81  PRO A C   1 
ATOM   630  O O   . PRO A 1 81  ? 5.419   9.027   10.076  1.00 21.01 ? 81  PRO A O   1 
ATOM   631  C CB  . PRO A 1 81  ? 7.162   8.673   7.616   1.00 19.74 ? 81  PRO A CB  1 
ATOM   632  C CG  . PRO A 1 81  ? 7.328   9.740   6.726   1.00 21.27 ? 81  PRO A CG  1 
ATOM   633  C CD  . PRO A 1 81  ? 6.336   10.774  7.254   1.00 20.58 ? 81  PRO A CD  1 
ATOM   634  N N   . GLY A 1 82  ? 4.835   6.968   9.413   1.00 21.18 ? 82  GLY A N   1 
ATOM   635  C CA  . GLY A 1 82  ? 4.463   6.540   10.753  1.00 19.70 ? 82  GLY A CA  1 
ATOM   636  C C   . GLY A 1 82  ? 3.027   6.858   11.155  1.00 22.48 ? 82  GLY A C   1 
ATOM   637  O O   . GLY A 1 82  ? 2.615   6.490   12.273  1.00 24.37 ? 82  GLY A O   1 
ATOM   638  N N   . SER A 1 83  ? 2.263   7.562   10.307  1.00 21.61 ? 83  SER A N   1 
ATOM   639  C CA  . SER A 1 83  ? 0.882   7.861   10.686  1.00 20.46 ? 83  SER A CA  1 
ATOM   640  C C   . SER A 1 83  ? -0.005  6.730   10.183  1.00 20.78 ? 83  SER A C   1 
ATOM   641  O O   . SER A 1 83  ? 0.465   5.865   9.414   1.00 18.51 ? 83  SER A O   1 
ATOM   642  C CB  . SER A 1 83  ? 0.422   9.192   10.122  1.00 18.58 ? 83  SER A CB  1 
ATOM   643  O OG  . SER A 1 83  ? 0.607   9.210   8.722   1.00 18.45 ? 83  SER A OG  1 
ATOM   644  N N   . VAL A 1 84  ? -1.263  6.722   10.633  1.00 20.61 ? 84  VAL A N   1 
ATOM   645  C CA  . VAL A 1 84  ? -2.191  5.659   10.274  1.00 20.39 ? 84  VAL A CA  1 
ATOM   646  C C   . VAL A 1 84  ? -3.392  6.223   9.636   1.00 19.16 ? 84  VAL A C   1 
ATOM   647  O O   . VAL A 1 84  ? -3.972  7.134   10.149  1.00 20.92 ? 84  VAL A O   1 
ATOM   648  C CB  . VAL A 1 84  ? -2.665  4.874   11.536  1.00 20.94 ? 84  VAL A CB  1 
ATOM   649  C CG1 . VAL A 1 84  ? -3.632  3.733   11.166  1.00 17.65 ? 84  VAL A CG1 1 
ATOM   650  C CG2 . VAL A 1 84  ? -1.467  4.322   12.288  1.00 20.40 ? 84  VAL A CG2 1 
ATOM   651  N N   . ILE A 1 85  ? -3.830  5.617   8.554   1.00 19.93 ? 85  ILE A N   1 
ATOM   652  C CA  . ILE A 1 85  ? -5.034  6.095   7.887   1.00 19.54 ? 85  ILE A CA  1 
ATOM   653  C C   . ILE A 1 85  ? -6.049  4.968   7.671   1.00 20.99 ? 85  ILE A C   1 
ATOM   654  O O   . ILE A 1 85  ? -5.673  3.834   7.363   1.00 21.48 ? 85  ILE A O   1 
ATOM   655  C CB  . ILE A 1 85  ? -4.690  6.843   6.561   1.00 17.72 ? 85  ILE A CB  1 
ATOM   656  C CG1 . ILE A 1 85  ? -5.931  7.496   5.984   1.00 15.47 ? 85  ILE A CG1 1 
ATOM   657  C CG2 . ILE A 1 85  ? -3.955  5.937   5.567   1.00 13.82 ? 85  ILE A CG2 1 
ATOM   658  C CD1 . ILE A 1 85  ? -5.634  8.274   4.757   1.00 16.94 ? 85  ILE A CD1 1 
ATOM   659  N N   . ARG A 1 86  ? -7.316  5.259   7.968   1.00 21.66 ? 86  ARG A N   1 
ATOM   660  C CA  . ARG A 1 86  ? -8.420  4.333   7.794   1.00 21.35 ? 86  ARG A CA  1 
ATOM   661  C C   . ARG A 1 86  ? -8.783  4.417   6.338   1.00 22.40 ? 86  ARG A C   1 
ATOM   662  O O   . ARG A 1 86  ? -9.011  5.526   5.824   1.00 22.10 ? 86  ARG A O   1 
ATOM   663  C CB  . ARG A 1 86  ? -9.604  4.833   8.573   1.00 24.00 ? 86  ARG A CB  1 
ATOM   664  C CG  . ARG A 1 86  ? -10.571 3.773   8.978   1.00 26.47 ? 86  ARG A CG  1 
ATOM   665  C CD  . ARG A 1 86  ? -11.756 4.438   9.651   1.00 30.44 ? 86  ARG A CD  1 
ATOM   666  N NE  . ARG A 1 86  ? -12.906 3.544   9.743   1.00 32.91 ? 86  ARG A NE  1 
ATOM   667  C CZ  . ARG A 1 86  ? -13.990 3.817   10.442  1.00 32.96 ? 86  ARG A CZ  1 
ATOM   668  N NH1 . ARG A 1 86  ? -14.089 4.955   11.090  1.00 34.25 ? 86  ARG A NH1 1 
ATOM   669  N NH2 . ARG A 1 86  ? -14.930 2.917   10.579  1.00 35.81 ? 86  ARG A NH2 1 
ATOM   670  N N   . CYS A 1 87  ? -8.929  3.260   5.691   1.00 22.64 ? 87  CYS A N   1 
ATOM   671  C CA  . CYS A 1 87  ? -9.248  3.184   4.259   1.00 24.36 ? 87  CYS A CA  1 
ATOM   672  C C   . CYS A 1 87  ? -10.185 2.021   3.921   1.00 24.34 ? 87  CYS A C   1 
ATOM   673  O O   . CYS A 1 87  ? -10.405 1.115   4.735   1.00 24.68 ? 87  CYS A O   1 
ATOM   674  C CB  . CYS A 1 87  ? -7.984  2.838   3.451   1.00 25.10 ? 87  CYS A CB  1 
ATOM   675  S SG  . CYS A 1 87  ? -6.448  3.611   3.751   1.00 29.85 ? 87  CYS A SG  1 
ATOM   676  N N   . ARG A 1 88  ? -10.522 1.966   2.640   1.00 23.51 ? 88  ARG A N   1 
ATOM   677  C CA  . ARG A 1 88  ? -11.276 0.861   2.114   1.00 25.41 ? 88  ARG A CA  1 
ATOM   678  C C   . ARG A 1 88  ? -10.599 0.490   0.782   1.00 24.35 ? 88  ARG A C   1 
ATOM   679  O O   . ARG A 1 88  ? -10.262 1.376   -0.004  1.00 23.46 ? 88  ARG A O   1 
ATOM   680  C CB  . ARG A 1 88  ? -12.739 1.225   1.945   1.00 28.36 ? 88  ARG A CB  1 
ATOM   681  C CG  . ARG A 1 88  ? -13.008 2.343   1.012   1.00 31.26 ? 88  ARG A CG  1 
ATOM   682  C CD  . ARG A 1 88  ? -14.485 2.759   1.101   1.00 32.30 ? 88  ARG A CD  1 
ATOM   683  N NE  . ARG A 1 88  ? -14.731 3.932   0.272   1.00 30.59 ? 88  ARG A NE  1 
ATOM   684  C CZ  . ARG A 1 88  ? -14.770 3.852   -1.040  1.00 28.80 ? 88  ARG A CZ  1 
ATOM   685  N NH1 . ARG A 1 88  ? -14.599 2.668   -1.607  1.00 28.28 ? 88  ARG A NH1 1 
ATOM   686  N NH2 . ARG A 1 88  ? -14.887 4.945   -1.773  1.00 28.28 ? 88  ARG A NH2 1 
ATOM   687  N N   . PRO A 1 89  ? -10.300 -0.817  0.567   1.00 22.96 ? 89  PRO A N   1 
ATOM   688  C CA  . PRO A 1 89  ? -9.646  -1.372  -0.626  1.00 22.50 ? 89  PRO A CA  1 
ATOM   689  C C   . PRO A 1 89  ? -10.450 -1.266  -1.890  1.00 22.61 ? 89  PRO A C   1 
ATOM   690  O O   . PRO A 1 89  ? -11.658 -1.352  -1.856  1.00 23.49 ? 89  PRO A O   1 
ATOM   691  C CB  . PRO A 1 89  ? -9.426  -2.816  -0.253  1.00 22.27 ? 89  PRO A CB  1 
ATOM   692  C CG  . PRO A 1 89  ? -10.545 -3.101  0.652   1.00 22.34 ? 89  PRO A CG  1 
ATOM   693  C CD  . PRO A 1 89  ? -10.590 -1.890  1.529   1.00 21.28 ? 89  PRO A CD  1 
ATOM   694  N N   . VAL A 1 90  ? -9.778  -1.103  -3.016  1.00 22.73 ? 90  VAL A N   1 
ATOM   695  C CA  . VAL A 1 90  ? -10.492 -0.974  -4.265  1.00 23.11 ? 90  VAL A CA  1 
ATOM   696  C C   . VAL A 1 90  ? -9.797  -1.683  -5.367  1.00 23.11 ? 90  VAL A C   1 
ATOM   697  O O   . VAL A 1 90  ? -10.311 -1.728  -6.451  1.00 25.42 ? 90  VAL A O   1 
ATOM   698  C CB  . VAL A 1 90  ? -10.632 0.511   -4.738  1.00 24.28 ? 90  VAL A CB  1 
ATOM   699  C CG1 . VAL A 1 90  ? -11.316 1.350   -3.683  1.00 22.89 ? 90  VAL A CG1 1 
ATOM   700  C CG2 . VAL A 1 90  ? -9.273  1.115   -5.072  1.00 23.77 ? 90  VAL A CG2 1 
ATOM   701  N N   . GLY A 1 91  ? -8.605  -2.205  -5.148  1.00 22.65 ? 91  GLY A N   1 
ATOM   702  C CA  . GLY A 1 91  ? -7.941  -2.873  -6.261  1.00 22.67 ? 91  GLY A CA  1 
ATOM   703  C C   . GLY A 1 91  ? -6.620  -3.462  -5.865  1.00 22.08 ? 91  GLY A C   1 
ATOM   704  O O   . GLY A 1 91  ? -6.216  -3.318  -4.726  1.00 24.73 ? 91  GLY A O   1 
ATOM   705  N N   . VAL A 1 92  ? -5.966  -4.169  -6.767  1.00 22.40 ? 92  VAL A N   1 
ATOM   706  C CA  . VAL A 1 92  ? -4.671  -4.756  -6.466  1.00 23.37 ? 92  VAL A CA  1 
ATOM   707  C C   . VAL A 1 92  ? -3.891  -4.786  -7.750  1.00 25.27 ? 92  VAL A C   1 
ATOM   708  O O   . VAL A 1 92  ? -4.461  -4.974  -8.828  1.00 27.05 ? 92  VAL A O   1 
ATOM   709  C CB  . VAL A 1 92  ? -4.779  -6.203  -5.819  1.00 22.91 ? 92  VAL A CB  1 
ATOM   710  C CG1 . VAL A 1 92  ? -5.729  -7.102  -6.579  1.00 22.90 ? 92  VAL A CG1 1 
ATOM   711  C CG2 . VAL A 1 92  ? -3.431  -6.837  -5.711  1.00 21.88 ? 92  VAL A CG2 1 
ATOM   712  N N   . LEU A 1 93  ? -2.616  -4.456  -7.672  1.00 26.58 ? 93  LEU A N   1 
ATOM   713  C CA  . LEU A 1 93  ? -1.781  -4.482  -8.841  1.00 27.80 ? 93  LEU A CA  1 
ATOM   714  C C   . LEU A 1 93  ? -0.931  -5.726  -8.598  1.00 30.95 ? 93  LEU A C   1 
ATOM   715  O O   . LEU A 1 93  ? -0.139  -5.755  -7.651  1.00 29.05 ? 93  LEU A O   1 
ATOM   716  C CB  . LEU A 1 93  ? -0.892  -3.265  -8.850  1.00 25.42 ? 93  LEU A CB  1 
ATOM   717  C CG  . LEU A 1 93  ? -0.402  -2.656  -10.153 1.00 26.38 ? 93  LEU A CG  1 
ATOM   718  C CD1 . LEU A 1 93  ? 0.957   -2.120  -9.859  1.00 25.86 ? 93  LEU A CD1 1 
ATOM   719  C CD2 . LEU A 1 93  ? -0.374  -3.597  -11.303 1.00 23.41 ? 93  LEU A CD2 1 
ATOM   720  N N   . LYS A 1 94  ? -1.116  -6.762  -9.420  1.00 34.17 ? 94  LYS A N   1 
ATOM   721  C CA  . LYS A 1 94  ? -0.353  -7.999  -9.266  1.00 38.69 ? 94  LYS A CA  1 
ATOM   722  C C   . LYS A 1 94  ? 0.934   -7.924  -10.049 1.00 40.27 ? 94  LYS A C   1 
ATOM   723  O O   . LYS A 1 94  ? 0.940   -7.460  -11.163 1.00 40.07 ? 94  LYS A O   1 
ATOM   724  C CB  . LYS A 1 94  ? -1.175  -9.179  -9.735  1.00 40.83 ? 94  LYS A CB  1 
ATOM   725  C CG  . LYS A 1 94  ? -2.539  -9.265  -9.042  1.00 44.92 ? 94  LYS A CG  1 
ATOM   726  C CD  . LYS A 1 94  ? -2.484  -9.913  -7.653  1.00 47.87 ? 94  LYS A CD  1 
ATOM   727  C CE  . LYS A 1 94  ? -2.258  -11.422 -7.748  1.00 50.69 ? 94  LYS A CE  1 
ATOM   728  N NZ  . LYS A 1 94  ? -1.835  -12.073 -6.456  1.00 54.44 ? 94  LYS A NZ  1 
ATOM   729  N N   . MET A 1 95  ? 2.011   -8.444  -9.483  1.00 44.06 ? 95  MET A N   1 
ATOM   730  C CA  . MET A 1 95  ? 3.327   -8.405  -10.108 1.00 47.31 ? 95  MET A CA  1 
ATOM   731  C C   . MET A 1 95  ? 4.190   -9.589  -9.668  1.00 49.24 ? 95  MET A C   1 
ATOM   732  O O   . MET A 1 95  ? 3.666   -10.566 -9.136  1.00 49.22 ? 95  MET A O   1 
ATOM   733  C CB  . MET A 1 95  ? 4.013   -7.073  -9.753  1.00 48.84 ? 95  MET A CB  1 
ATOM   734  C CG  . MET A 1 95  ? 4.004   -6.717  -8.253  1.00 49.48 ? 95  MET A CG  1 
ATOM   735  S SD  . MET A 1 95  ? 4.572   -5.050  -7.869  1.00 49.62 ? 95  MET A SD  1 
ATOM   736  C CE  . MET A 1 95  ? 4.290   -4.288  -9.345  1.00 48.95 ? 95  MET A CE  1 
ATOM   737  N N   . THR A 1 96  ? 5.488   -9.543  -9.939  1.00 52.04 ? 96  THR A N   1 
ATOM   738  C CA  . THR A 1 96  ? 6.375   -10.628 -9.539  1.00 54.98 ? 96  THR A CA  1 
ATOM   739  C C   . THR A 1 96  ? 7.814   -10.163 -9.532  1.00 56.31 ? 96  THR A C   1 
ATOM   740  O O   . THR A 1 96  ? 8.309   -9.610  -10.498 1.00 56.40 ? 96  THR A O   1 
ATOM   741  C CB  . THR A 1 96  ? 6.247   -11.800 -10.515 1.00 55.36 ? 96  THR A CB  1 
ATOM   742  O OG1 . THR A 1 96  ? 5.588   -11.354 -11.701 1.00 55.77 ? 96  THR A OG1 1 
ATOM   743  C CG2 . THR A 1 96  ? 5.408   -12.895 -9.929  1.00 56.39 ? 96  THR A CG2 1 
ATOM   744  N N   . ASP A 1 97  ? 8.472   -10.357 -8.411  1.00 58.86 ? 97  ASP A N   1 
ATOM   745  C CA  . ASP A 1 97  ? 9.866   -9.970  -8.271  1.00 61.72 ? 97  ASP A CA  1 
ATOM   746  C C   . ASP A 1 97  ? 10.761  -11.114 -8.689  1.00 61.36 ? 97  ASP A C   1 
ATOM   747  O O   . ASP A 1 97  ? 11.158  -11.935 -7.865  1.00 60.74 ? 97  ASP A O   1 
ATOM   748  C CB  . ASP A 1 97  ? 10.167  -9.633  -6.825  1.00 64.86 ? 97  ASP A CB  1 
ATOM   749  C CG  . ASP A 1 97  ? 9.444   -8.411  -6.357  1.00 68.53 ? 97  ASP A CG  1 
ATOM   750  O OD1 . ASP A 1 97  ? 8.407   -8.061  -6.969  1.00 71.52 ? 97  ASP A OD1 1 
ATOM   751  O OD2 . ASP A 1 97  ? 9.925   -7.800  -5.376  1.00 70.91 ? 97  ASP A OD2 1 
ATOM   752  N N   . GLY A 1 100 ? 8.832   -14.001 -6.763  1.00 82.32 ? 100 GLY A N   1 
ATOM   753  C CA  . GLY A 1 100 ? 7.665   -14.164 -5.907  1.00 81.39 ? 100 GLY A CA  1 
ATOM   754  C C   . GLY A 1 100 ? 6.415   -13.420 -6.332  1.00 80.79 ? 100 GLY A C   1 
ATOM   755  O O   . GLY A 1 100 ? 6.273   -12.954 -7.451  1.00 81.18 ? 100 GLY A O   1 
ATOM   756  N N   . GLU A 1 101 ? 5.489   -13.262 -5.419  1.00 79.37 ? 101 GLU A N   1 
ATOM   757  C CA  . GLU A 1 101 ? 4.277   -12.548 -5.750  1.00 76.89 ? 101 GLU A CA  1 
ATOM   758  C C   . GLU A 1 101 ? 4.122   -11.416 -4.782  1.00 73.49 ? 101 GLU A C   1 
ATOM   759  O O   . GLU A 1 101 ? 4.123   -11.593 -3.550  1.00 74.46 ? 101 GLU A O   1 
ATOM   760  C CB  . GLU A 1 101 ? 2.998   -13.392 -5.721  1.00 78.81 ? 101 GLU A CB  1 
ATOM   761  C CG  . GLU A 1 101 ? 2.269   -13.459 -7.119  1.00 81.87 ? 101 GLU A CG  1 
ATOM   762  C CD  . GLU A 1 101 ? 1.653   -12.131 -7.670  1.00 82.85 ? 101 GLU A CD  1 
ATOM   763  O OE1 . GLU A 1 101 ? 2.063   -11.027 -7.271  1.00 84.21 ? 101 GLU A OE1 1 
ATOM   764  O OE2 . GLU A 1 101 ? 0.751   -12.193 -8.538  1.00 82.35 ? 101 GLU A OE2 1 
ATOM   765  N N   . ASP A 1 102 ? 4.062   -10.245 -5.378  1.00 68.42 ? 102 ASP A N   1 
ATOM   766  C CA  . ASP A 1 102 ? 3.885   -9.031  -4.663  1.00 62.81 ? 102 ASP A CA  1 
ATOM   767  C C   . ASP A 1 102 ? 2.557   -8.569  -5.202  1.00 58.45 ? 102 ASP A C   1 
ATOM   768  O O   . ASP A 1 102 ? 2.218   -8.760  -6.366  1.00 58.17 ? 102 ASP A O   1 
ATOM   769  C CB  . ASP A 1 102 ? 5.001   -8.064  -4.996  1.00 64.56 ? 102 ASP A CB  1 
ATOM   770  C CG  . ASP A 1 102 ? 5.846   -7.715  -3.787  1.00 65.95 ? 102 ASP A CG  1 
ATOM   771  O OD1 . ASP A 1 102 ? 5.320   -7.676  -2.642  1.00 67.31 ? 102 ASP A OD1 1 
ATOM   772  O OD2 . ASP A 1 102 ? 7.044   -7.441  -3.985  1.00 68.27 ? 102 ASP A OD2 1 
ATOM   773  N N   . ALA A 1 103 ? 1.708   -8.101  -4.334  1.00 52.93 ? 103 ALA A N   1 
ATOM   774  C CA  . ALA A 1 103 ? 0.436   -7.620  -4.777  1.00 47.43 ? 103 ALA A CA  1 
ATOM   775  C C   . ALA A 1 103 ? 0.476   -6.377  -3.945  1.00 44.03 ? 103 ALA A C   1 
ATOM   776  O O   . ALA A 1 103 ? 0.880   -6.405  -2.803  1.00 44.52 ? 103 ALA A O   1 
ATOM   777  C CB  . ALA A 1 103 ? -0.724  -8.575  -4.356  1.00 47.28 ? 103 ALA A CB  1 
ATOM   778  N N   . LYS A 1 104 ? 0.298   -5.257  -4.591  1.00 39.13 ? 104 LYS A N   1 
ATOM   779  C CA  . LYS A 1 104 ? 0.282   -4.017  -3.879  1.00 33.82 ? 104 LYS A CA  1 
ATOM   780  C C   . LYS A 1 104 ? -1.185  -3.641  -4.022  1.00 31.60 ? 104 LYS A C   1 
ATOM   781  O O   . LYS A 1 104 ? -1.712  -3.621  -5.132  1.00 31.87 ? 104 LYS A O   1 
ATOM   782  C CB  . LYS A 1 104 ? 1.150   -3.023  -4.637  1.00 32.96 ? 104 LYS A CB  1 
ATOM   783  C CG  . LYS A 1 104 ? 2.544   -3.529  -5.009  1.00 30.15 ? 104 LYS A CG  1 
ATOM   784  C CD  . LYS A 1 104 ? 3.370   -3.538  -3.782  1.00 27.57 ? 104 LYS A CD  1 
ATOM   785  C CE  . LYS A 1 104 ? 4.727   -4.045  -4.035  1.00 26.94 ? 104 LYS A CE  1 
ATOM   786  N NZ  . LYS A 1 104 ? 5.267   -4.456  -2.730  1.00 24.13 ? 104 LYS A NZ  1 
ATOM   787  N N   . LEU A 1 105 ? -1.894  -3.489  -2.920  1.00 28.27 ? 105 LEU A N   1 
ATOM   788  C CA  . LEU A 1 105 ? -3.294  -3.105  -3.002  1.00 24.88 ? 105 LEU A CA  1 
ATOM   789  C C   . LEU A 1 105 ? -3.329  -1.625  -3.152  1.00 23.77 ? 105 LEU A C   1 
ATOM   790  O O   . LEU A 1 105 ? -2.327  -0.966  -2.928  1.00 22.70 ? 105 LEU A O   1 
ATOM   791  C CB  . LEU A 1 105 ? -4.042  -3.433  -1.710  1.00 25.96 ? 105 LEU A CB  1 
ATOM   792  C CG  . LEU A 1 105 ? -4.020  -4.840  -1.110  1.00 28.31 ? 105 LEU A CG  1 
ATOM   793  C CD1 . LEU A 1 105 ? -5.375  -5.043  -0.475  1.00 28.49 ? 105 LEU A CD1 1 
ATOM   794  C CD2 . LEU A 1 105 ? -3.807  -5.906  -2.160  1.00 29.26 ? 105 LEU A CD2 1 
ATOM   795  N N   . VAL A 1 106 ? -4.476  -1.108  -3.553  1.00 23.18 ? 106 VAL A N   1 
ATOM   796  C CA  . VAL A 1 106 ? -4.709  0.314   -3.639  1.00 23.45 ? 106 VAL A CA  1 
ATOM   797  C C   . VAL A 1 106 ? -5.952  0.483   -2.755  1.00 24.32 ? 106 VAL A C   1 
ATOM   798  O O   . VAL A 1 106 ? -6.913  -0.282  -2.862  1.00 26.08 ? 106 VAL A O   1 
ATOM   799  C CB  . VAL A 1 106 ? -4.990  0.815   -5.064  1.00 24.65 ? 106 VAL A CB  1 
ATOM   800  C CG1 . VAL A 1 106 ? -5.284  2.315   -5.014  1.00 23.46 ? 106 VAL A CG1 1 
ATOM   801  C CG2 . VAL A 1 106 ? -3.757  0.597   -5.958  1.00 23.26 ? 106 VAL A CG2 1 
ATOM   802  N N   . ALA A 1 107 ? -5.888  1.390   -1.802  1.00 22.47 ? 107 ALA A N   1 
ATOM   803  C CA  . ALA A 1 107 ? -6.994  1.612   -0.900  1.00 21.76 ? 107 ALA A CA  1 
ATOM   804  C C   . ALA A 1 107 ? -7.226  3.123   -0.885  1.00 22.54 ? 107 ALA A C   1 
ATOM   805  O O   . ALA A 1 107 ? -6.286  3.886   -1.081  1.00 22.58 ? 107 ALA A O   1 
ATOM   806  C CB  . ALA A 1 107 ? -6.624  1.103   0.496   1.00 19.93 ? 107 ALA A CB  1 
ATOM   807  N N   . VAL A 1 108 ? -8.460  3.568   -0.729  1.00 21.06 ? 108 VAL A N   1 
ATOM   808  C CA  . VAL A 1 108 ? -8.671  4.995   -0.703  1.00 20.06 ? 108 VAL A CA  1 
ATOM   809  C C   . VAL A 1 108 ? -9.149  5.373   0.674   1.00 20.42 ? 108 VAL A C   1 
ATOM   810  O O   . VAL A 1 108 ? -9.602  4.525   1.459   1.00 21.75 ? 108 VAL A O   1 
ATOM   811  C CB  . VAL A 1 108 ? -9.675  5.481   -1.814  1.00 20.37 ? 108 VAL A CB  1 
ATOM   812  C CG1 . VAL A 1 108 ? -9.137  5.140   -3.210  1.00 19.13 ? 108 VAL A CG1 1 
ATOM   813  C CG2 . VAL A 1 108 ? -11.038 4.855   -1.602  1.00 19.93 ? 108 VAL A CG2 1 
ATOM   814  N N   . PRO A 1 109 ? -8.921  6.627   1.054   1.00 19.99 ? 109 PRO A N   1 
ATOM   815  C CA  . PRO A 1 109 ? -9.357  7.092   2.371   1.00 21.12 ? 109 PRO A CA  1 
ATOM   816  C C   . PRO A 1 109 ? -10.857 6.783   2.688   1.00 23.63 ? 109 PRO A C   1 
ATOM   817  O O   . PRO A 1 109 ? -11.785 6.983   1.856   1.00 21.88 ? 109 PRO A O   1 
ATOM   818  C CB  . PRO A 1 109 ? -9.077  8.596   2.307   1.00 21.24 ? 109 PRO A CB  1 
ATOM   819  C CG  . PRO A 1 109 ? -7.906  8.687   1.396   1.00 20.21 ? 109 PRO A CG  1 
ATOM   820  C CD  . PRO A 1 109 ? -8.169  7.666   0.328   1.00 18.58 ? 109 PRO A CD  1 
ATOM   821  N N   . HIS A 1 110 ? -11.068 6.355   3.916   1.00 25.00 ? 110 HIS A N   1 
ATOM   822  C CA  . HIS A 1 110 ? -12.372 5.994   4.374   1.00 29.90 ? 110 HIS A CA  1 
ATOM   823  C C   . HIS A 1 110 ? -13.235 7.222   4.312   1.00 33.64 ? 110 HIS A C   1 
ATOM   824  O O   . HIS A 1 110 ? -12.762 8.311   4.633   1.00 33.42 ? 110 HIS A O   1 
ATOM   825  C CB  . HIS A 1 110 ? -12.272 5.508   5.800   1.00 31.08 ? 110 HIS A CB  1 
ATOM   826  C CG  . HIS A 1 110 ? -13.544 4.946   6.328   1.00 34.17 ? 110 HIS A CG  1 
ATOM   827  N ND1 . HIS A 1 110 ? -14.556 5.736   6.829   1.00 35.78 ? 110 HIS A ND1 1 
ATOM   828  C CD2 . HIS A 1 110 ? -13.972 3.669   6.436   1.00 34.54 ? 110 HIS A CD2 1 
ATOM   829  C CE1 . HIS A 1 110 ? -15.554 4.969   7.222   1.00 35.85 ? 110 HIS A CE1 1 
ATOM   830  N NE2 . HIS A 1 110 ? -15.224 3.713   6.996   1.00 35.14 ? 110 HIS A NE2 1 
ATOM   831  N N   . SER A 1 111 ? -14.522 7.015   4.032   1.00 36.46 ? 111 SER A N   1 
ATOM   832  C CA  . SER A 1 111 ? -15.531 8.078   3.891   1.00 39.42 ? 111 SER A CA  1 
ATOM   833  C C   . SER A 1 111 ? -15.675 8.979   5.108   1.00 39.46 ? 111 SER A C   1 
ATOM   834  O O   . SER A 1 111 ? -16.099 10.123  4.998   1.00 38.77 ? 111 SER A O   1 
ATOM   835  C CB  . SER A 1 111 ? -16.902 7.462   3.542   1.00 42.08 ? 111 SER A CB  1 
ATOM   836  O OG  . SER A 1 111 ? -16.802 6.534   2.450   1.00 47.17 ? 111 SER A OG  1 
ATOM   837  N N   . LYS A 1 112 ? -15.347 8.448   6.271   1.00 39.61 ? 112 LYS A N   1 
ATOM   838  C CA  . LYS A 1 112 ? -15.417 9.230   7.465   1.00 40.72 ? 112 LYS A CA  1 
ATOM   839  C C   . LYS A 1 112 ? -14.276 10.249  7.516   1.00 40.41 ? 112 LYS A C   1 
ATOM   840  O O   . LYS A 1 112 ? -14.351 11.187  8.266   1.00 40.06 ? 112 LYS A O   1 
ATOM   841  C CB  . LYS A 1 112 ? -15.321 8.334   8.664   1.00 44.27 ? 112 LYS A CB  1 
ATOM   842  C CG  . LYS A 1 112 ? -16.469 8.502   9.581   1.00 50.37 ? 112 LYS A CG  1 
ATOM   843  C CD  . LYS A 1 112 ? -16.228 7.669   10.815  1.00 55.92 ? 112 LYS A CD  1 
ATOM   844  C CE  . LYS A 1 112 ? -16.717 8.370   12.076  1.00 59.40 ? 112 LYS A CE  1 
ATOM   845  N NZ  . LYS A 1 112 ? -16.444 7.581   13.350  1.00 63.23 ? 112 LYS A NZ  1 
ATOM   846  N N   . LEU A 1 113 ? -13.192 10.035  6.776   1.00 39.18 ? 113 LEU A N   1 
ATOM   847  C CA  . LEU A 1 113 ? -12.083 10.979  6.776   1.00 38.40 ? 113 LEU A CA  1 
ATOM   848  C C   . LEU A 1 113 ? -12.267 12.068  5.746   1.00 39.19 ? 113 LEU A C   1 
ATOM   849  O O   . LEU A 1 113 ? -11.722 13.155  5.898   1.00 39.04 ? 113 LEU A O   1 
ATOM   850  C CB  . LEU A 1 113 ? -10.751 10.283  6.465   1.00 37.26 ? 113 LEU A CB  1 
ATOM   851  C CG  . LEU A 1 113 ? -10.136 9.066   7.161   1.00 35.17 ? 113 LEU A CG  1 
ATOM   852  C CD1 . LEU A 1 113 ? -8.669  9.223   6.939   1.00 32.85 ? 113 LEU A CD1 1 
ATOM   853  C CD2 . LEU A 1 113 ? -10.451 8.946   8.664   1.00 32.52 ? 113 LEU A CD2 1 
ATOM   854  N N   . SER A 1 114 ? -12.942 11.719  4.649   1.00 41.05 ? 114 SER A N   1 
ATOM   855  C CA  . SER A 1 114 ? -13.218 12.614  3.513   1.00 43.12 ? 114 SER A CA  1 
ATOM   856  C C   . SER A 1 114 ? -14.196 12.000  2.502   1.00 44.36 ? 114 SER A C   1 
ATOM   857  O O   . SER A 1 114 ? -14.088 10.831  2.137   1.00 45.50 ? 114 SER A O   1 
ATOM   858  C CB  . SER A 1 114 ? -11.917 12.974  2.781   1.00 42.66 ? 114 SER A CB  1 
ATOM   859  O OG  . SER A 1 114 ? -12.163 13.664  1.561   1.00 43.18 ? 114 SER A OG  1 
ATOM   860  N N   . LYS A 1 115 ? -15.067 12.834  1.951   1.00 45.86 ? 115 LYS A N   1 
ATOM   861  C CA  . LYS A 1 115 ? -16.055 12.375  0.977   1.00 47.37 ? 115 LYS A CA  1 
ATOM   862  C C   . LYS A 1 115 ? -15.488 12.339  -0.448  1.00 45.63 ? 115 LYS A C   1 
ATOM   863  O O   . LYS A 1 115 ? -16.089 11.770  -1.360  1.00 46.30 ? 115 LYS A O   1 
ATOM   864  C CB  . LYS A 1 115 ? -17.304 13.282  1.024   1.00 51.60 ? 115 LYS A CB  1 
ATOM   865  C CG  . LYS A 1 115 ? -18.006 13.389  2.410   1.00 56.53 ? 115 LYS A CG  1 
ATOM   866  C CD  . LYS A 1 115 ? -17.608 14.653  3.205   1.00 61.20 ? 115 LYS A CD  1 
ATOM   867  C CE  . LYS A 1 115 ? -18.321 14.700  4.585   1.00 63.85 ? 115 LYS A CE  1 
ATOM   868  N NZ  . LYS A 1 115 ? -18.232 16.034  5.314   1.00 65.87 ? 115 LYS A NZ  1 
ATOM   869  N N   . GLU A 1 116 ? -14.287 12.870  -0.613  1.00 43.02 ? 116 GLU A N   1 
ATOM   870  C CA  . GLU A 1 116 ? -13.656 12.952  -1.912  1.00 40.95 ? 116 GLU A CA  1 
ATOM   871  C C   . GLU A 1 116 ? -13.457 11.621  -2.629  1.00 39.49 ? 116 GLU A C   1 
ATOM   872  O O   . GLU A 1 116 ? -13.405 11.587  -3.851  1.00 39.62 ? 116 GLU A O   1 
ATOM   873  C CB  . GLU A 1 116 ? -12.327 13.696  -1.771  1.00 42.40 ? 116 GLU A CB  1 
ATOM   874  C CG  . GLU A 1 116 ? -11.500 13.890  -3.056  1.00 46.89 ? 116 GLU A CG  1 
ATOM   875  C CD  . GLU A 1 116 ? -10.258 14.817  -2.867  1.00 50.99 ? 116 GLU A CD  1 
ATOM   876  O OE1 . GLU A 1 116 ? -10.032 15.351  -1.741  1.00 53.32 ? 116 GLU A OE1 1 
ATOM   877  O OE2 . GLU A 1 116 ? -9.507  15.019  -3.852  1.00 51.56 ? 116 GLU A OE2 1 
ATOM   878  N N   . TYR A 1 117 ? -13.395 10.504  -1.920  1.00 36.88 ? 117 TYR A N   1 
ATOM   879  C CA  . TYR A 1 117 ? -13.134 9.276   -2.642  1.00 34.79 ? 117 TYR A CA  1 
ATOM   880  C C   . TYR A 1 117 ? -14.291 8.325   -2.670  1.00 36.13 ? 117 TYR A C   1 
ATOM   881  O O   . TYR A 1 117 ? -14.164 7.211   -3.147  1.00 34.76 ? 117 TYR A O   1 
ATOM   882  C CB  . TYR A 1 117 ? -11.892 8.589   -2.069  1.00 32.66 ? 117 TYR A CB  1 
ATOM   883  C CG  . TYR A 1 117 ? -10.593 9.398   -2.189  1.00 29.59 ? 117 TYR A CG  1 
ATOM   884  C CD1 . TYR A 1 117 ? -10.237 10.303  -1.199  1.00 26.08 ? 117 TYR A CD1 1 
ATOM   885  C CD2 . TYR A 1 117 ? -9.780  9.310   -3.341  1.00 27.80 ? 117 TYR A CD2 1 
ATOM   886  C CE1 . TYR A 1 117 ? -9.127  11.104  -1.340  1.00 25.58 ? 117 TYR A CE1 1 
ATOM   887  C CE2 . TYR A 1 117 ? -8.670  10.120  -3.491  1.00 26.00 ? 117 TYR A CE2 1 
ATOM   888  C CZ  . TYR A 1 117 ? -8.351  11.018  -2.483  1.00 26.30 ? 117 TYR A CZ  1 
ATOM   889  O OH  . TYR A 1 117 ? -7.273  11.855  -2.599  1.00 26.97 ? 117 TYR A OH  1 
ATOM   890  N N   . ASP A 1 118 ? -15.439 8.786   -2.218  1.00 39.22 ? 118 ASP A N   1 
ATOM   891  C CA  . ASP A 1 118 ? -16.650 7.958   -2.160  1.00 43.02 ? 118 ASP A CA  1 
ATOM   892  C C   . ASP A 1 118 ? -17.093 7.282   -3.439  1.00 43.30 ? 118 ASP A C   1 
ATOM   893  O O   . ASP A 1 118 ? -17.589 6.164   -3.408  1.00 42.40 ? 118 ASP A O   1 
ATOM   894  C CB  . ASP A 1 118 ? -17.798 8.759   -1.560  1.00 45.87 ? 118 ASP A CB  1 
ATOM   895  C CG  . ASP A 1 118 ? -17.560 9.082   -0.111  1.00 49.24 ? 118 ASP A CG  1 
ATOM   896  O OD1 . ASP A 1 118 ? -16.716 8.388   0.505   1.00 50.96 ? 118 ASP A OD1 1 
ATOM   897  O OD2 . ASP A 1 118 ? -18.190 10.029  0.407   1.00 51.37 ? 118 ASP A OD2 1 
ATOM   898  N N   . HIS A 1 119 ? -16.886 7.956   -4.559  1.00 44.22 ? 119 HIS A N   1 
ATOM   899  C CA  . HIS A 1 119 ? -17.270 7.397   -5.842  1.00 45.99 ? 119 HIS A CA  1 
ATOM   900  C C   . HIS A 1 119 ? -16.324 6.298   -6.274  1.00 44.17 ? 119 HIS A C   1 
ATOM   901  O O   . HIS A 1 119 ? -16.651 5.510   -7.160  1.00 45.47 ? 119 HIS A O   1 
ATOM   902  C CB  . HIS A 1 119 ? -17.372 8.489   -6.939  1.00 50.76 ? 119 HIS A CB  1 
ATOM   903  C CG  . HIS A 1 119 ? -16.054 9.084   -7.359  1.00 56.43 ? 119 HIS A CG  1 
ATOM   904  N ND1 . HIS A 1 119 ? -15.269 9.857   -6.518  1.00 58.24 ? 119 HIS A ND1 1 
ATOM   905  C CD2 . HIS A 1 119 ? -15.409 9.056   -8.553  1.00 58.66 ? 119 HIS A CD2 1 
ATOM   906  C CE1 . HIS A 1 119 ? -14.201 10.276  -7.176  1.00 59.58 ? 119 HIS A CE1 1 
ATOM   907  N NE2 . HIS A 1 119 ? -14.260 9.804   -8.411  1.00 60.39 ? 119 HIS A NE2 1 
ATOM   908  N N   . ILE A 1 120 ? -15.139 6.247   -5.681  1.00 41.38 ? 120 ILE A N   1 
ATOM   909  C CA  . ILE A 1 120 ? -14.170 5.237   -6.063  1.00 37.52 ? 120 ILE A CA  1 
ATOM   910  C C   . ILE A 1 120 ? -14.524 3.999   -5.298  1.00 37.05 ? 120 ILE A C   1 
ATOM   911  O O   . ILE A 1 120 ? -14.421 3.965   -4.089  1.00 35.73 ? 120 ILE A O   1 
ATOM   912  C CB  . ILE A 1 120 ? -12.740 5.665   -5.755  1.00 34.70 ? 120 ILE A CB  1 
ATOM   913  C CG1 . ILE A 1 120 ? -12.405 6.964   -6.489  1.00 32.73 ? 120 ILE A CG1 1 
ATOM   914  C CG2 . ILE A 1 120 ? -11.805 4.618   -6.215  1.00 33.38 ? 120 ILE A CG2 1 
ATOM   915  C CD1 . ILE A 1 120 ? -11.084 7.638   -6.009  1.00 32.81 ? 120 ILE A CD1 1 
ATOM   916  N N   . LYS A 1 121 ? -15.055 3.019   -6.013  1.00 37.76 ? 121 LYS A N   1 
ATOM   917  C CA  . LYS A 1 121 ? -15.437 1.765   -5.398  1.00 39.28 ? 121 LYS A CA  1 
ATOM   918  C C   . LYS A 1 121 ? -14.709 0.576   -5.987  1.00 38.31 ? 121 LYS A C   1 
ATOM   919  O O   . LYS A 1 121 ? -14.544 -0.415  -5.325  1.00 38.37 ? 121 LYS A O   1 
ATOM   920  C CB  . LYS A 1 121 ? -16.941 1.565   -5.515  1.00 43.31 ? 121 LYS A CB  1 
ATOM   921  C CG  . LYS A 1 121 ? -17.776 2.635   -4.796  1.00 49.96 ? 121 LYS A CG  1 
ATOM   922  C CD  . LYS A 1 121 ? -17.724 2.513   -3.249  1.00 55.75 ? 121 LYS A CD  1 
ATOM   923  C CE  . LYS A 1 121 ? -18.523 3.645   -2.513  1.00 58.81 ? 121 LYS A CE  1 
ATOM   924  N NZ  . LYS A 1 121 ? -18.750 3.454   -1.012  1.00 61.44 ? 121 LYS A NZ  1 
ATOM   925  N N   . ASP A 1 122 ? -14.221 0.677   -7.206  1.00 37.89 ? 122 ASP A N   1 
ATOM   926  C CA  . ASP A 1 122 ? -13.536 -0.445  -7.785  1.00 38.61 ? 122 ASP A CA  1 
ATOM   927  C C   . ASP A 1 122 ? -12.387 0.076   -8.599  1.00 39.48 ? 122 ASP A C   1 
ATOM   928  O O   . ASP A 1 122 ? -12.357 1.246   -8.954  1.00 39.47 ? 122 ASP A O   1 
ATOM   929  C CB  . ASP A 1 122 ? -14.479 -1.276  -8.657  1.00 40.17 ? 122 ASP A CB  1 
ATOM   930  C CG  . ASP A 1 122 ? -14.190 -2.773  -8.591  1.00 39.86 ? 122 ASP A CG  1 
ATOM   931  O OD1 . ASP A 1 122 ? -13.037 -3.180  -8.369  1.00 39.69 ? 122 ASP A OD1 1 
ATOM   932  O OD2 . ASP A 1 122 ? -15.142 -3.549  -8.753  1.00 41.31 ? 122 ASP A OD2 1 
ATOM   933  N N   . VAL A 1 123 ? -11.504 -0.837  -8.983  1.00 40.52 ? 123 VAL A N   1 
ATOM   934  C CA  . VAL A 1 123 ? -10.268 -0.541  -9.690  1.00 42.33 ? 123 VAL A CA  1 
ATOM   935  C C   . VAL A 1 123 ? -10.340 0.259   -10.964 1.00 44.12 ? 123 VAL A C   1 
ATOM   936  O O   . VAL A 1 123 ? -9.399  0.961   -11.321 1.00 45.06 ? 123 VAL A O   1 
ATOM   937  C CB  . VAL A 1 123 ? -9.467  -1.810  -9.893  1.00 41.70 ? 123 VAL A CB  1 
ATOM   938  C CG1 . VAL A 1 123 ? -10.226 -2.748  -10.829 1.00 42.02 ? 123 VAL A CG1 1 
ATOM   939  C CG2 . VAL A 1 123 ? -8.060  -1.479  -10.350 1.00 40.16 ? 123 VAL A CG2 1 
ATOM   940  N N   . ASN A 1 124 ? -11.449 0.163   -11.663 1.00 46.01 ? 124 ASN A N   1 
ATOM   941  C CA  . ASN A 1 124 ? -11.606 0.930   -12.887 1.00 46.86 ? 124 ASN A CA  1 
ATOM   942  C C   . ASN A 1 124 ? -12.183 2.301   -12.602 1.00 45.04 ? 124 ASN A C   1 
ATOM   943  O O   . ASN A 1 124 ? -12.430 3.040   -13.529 1.00 46.89 ? 124 ASN A O   1 
ATOM   944  C CB  . ASN A 1 124 ? -12.479 0.177   -13.880 1.00 51.30 ? 124 ASN A CB  1 
ATOM   945  C CG  . ASN A 1 124 ? -13.529 -0.704  -13.186 1.00 56.79 ? 124 ASN A CG  1 
ATOM   946  O OD1 . ASN A 1 124 ? -14.449 -0.200  -12.501 1.00 58.41 ? 124 ASN A OD1 1 
ATOM   947  N ND2 . ASN A 1 124 ? -13.366 -2.038  -13.321 1.00 59.13 ? 124 ASN A ND2 1 
ATOM   948  N N   . ASP A 1 125 ? -12.488 2.608   -11.345 1.00 42.91 ? 125 ASP A N   1 
ATOM   949  C CA  . ASP A 1 125 ? -12.991 3.937   -10.971 1.00 41.11 ? 125 ASP A CA  1 
ATOM   950  C C   . ASP A 1 125 ? -11.839 4.895   -10.676 1.00 39.78 ? 125 ASP A C   1 
ATOM   951  O O   . ASP A 1 125 ? -12.046 6.072   -10.412 1.00 37.99 ? 125 ASP A O   1 
ATOM   952  C CB  . ASP A 1 125 ? -13.872 3.888   -9.727  1.00 42.64 ? 125 ASP A CB  1 
ATOM   953  C CG  . ASP A 1 125 ? -15.217 3.236   -9.979  1.00 44.13 ? 125 ASP A CG  1 
ATOM   954  O OD1 . ASP A 1 125 ? -15.559 2.976   -11.144 1.00 44.93 ? 125 ASP A OD1 1 
ATOM   955  O OD2 . ASP A 1 125 ? -15.937 2.988   -8.994  1.00 44.64 ? 125 ASP A OD2 1 
ATOM   956  N N   . LEU A 1 126 ? -10.634 4.339   -10.613 1.00 39.45 ? 126 LEU A N   1 
ATOM   957  C CA  . LEU A 1 126 ? -9.424  5.105   -10.349 1.00 39.46 ? 126 LEU A CA  1 
ATOM   958  C C   . LEU A 1 126 ? -8.947  5.750   -11.634 1.00 38.58 ? 126 LEU A C   1 
ATOM   959  O O   . LEU A 1 126 ? -8.941  5.131   -12.724 1.00 38.33 ? 126 LEU A O   1 
ATOM   960  C CB  . LEU A 1 126 ? -8.251  4.224   -9.863  1.00 40.83 ? 126 LEU A CB  1 
ATOM   961  C CG  . LEU A 1 126 ? -8.009  3.550   -8.509  1.00 42.16 ? 126 LEU A CG  1 
ATOM   962  C CD1 . LEU A 1 126 ? -6.562  3.041   -8.540  1.00 44.46 ? 126 LEU A CD1 1 
ATOM   963  C CD2 . LEU A 1 126 ? -8.202  4.514   -7.333  1.00 42.91 ? 126 LEU A CD2 1 
ATOM   964  N N   . PRO A 1 127 ? -8.417  6.964   -11.509 1.00 37.10 ? 127 PRO A N   1 
ATOM   965  C CA  . PRO A 1 127 ? -7.942  7.610   -12.721 1.00 35.13 ? 127 PRO A CA  1 
ATOM   966  C C   . PRO A 1 127 ? -6.936  6.704   -13.443 1.00 35.69 ? 127 PRO A C   1 
ATOM   967  O O   . PRO A 1 127 ? -6.041  6.112   -12.841 1.00 34.55 ? 127 PRO A O   1 
ATOM   968  C CB  . PRO A 1 127 ? -7.288  8.877   -12.195 1.00 35.00 ? 127 PRO A CB  1 
ATOM   969  C CG  . PRO A 1 127 ? -7.985  9.124   -10.888 1.00 34.22 ? 127 PRO A CG  1 
ATOM   970  C CD  . PRO A 1 127 ? -8.158  7.772   -10.303 1.00 35.64 ? 127 PRO A CD  1 
ATOM   971  N N   . GLU A 1 128 ? -7.165  6.551   -14.736 1.00 36.35 ? 128 GLU A N   1 
ATOM   972  C CA  . GLU A 1 128 ? -6.345  5.781   -15.649 1.00 38.20 ? 128 GLU A CA  1 
ATOM   973  C C   . GLU A 1 128 ? -4.882  6.229   -15.566 1.00 36.95 ? 128 GLU A C   1 
ATOM   974  O O   . GLU A 1 128 ? -3.960  5.413   -15.523 1.00 36.69 ? 128 GLU A O   1 
ATOM   975  C CB  . GLU A 1 128 ? -6.905  5.998   -17.064 1.00 42.93 ? 128 GLU A CB  1 
ATOM   976  C CG  . GLU A 1 128 ? -6.062  5.474   -18.235 1.00 51.43 ? 128 GLU A CG  1 
ATOM   977  C CD  . GLU A 1 128 ? -6.276  3.985   -18.554 1.00 56.24 ? 128 GLU A CD  1 
ATOM   978  O OE1 . GLU A 1 128 ? -6.980  3.253   -17.792 1.00 57.69 ? 128 GLU A OE1 1 
ATOM   979  O OE2 . GLU A 1 128 ? -5.720  3.555   -19.597 1.00 58.68 ? 128 GLU A OE2 1 
ATOM   980  N N   . LEU A 1 129 ? -4.671  7.533   -15.543 1.00 35.89 ? 129 LEU A N   1 
ATOM   981  C CA  . LEU A 1 129 ? -3.327  8.072   -15.448 1.00 35.89 ? 129 LEU A CA  1 
ATOM   982  C C   . LEU A 1 129 ? -2.677  7.676   -14.101 1.00 34.06 ? 129 LEU A C   1 
ATOM   983  O O   . LEU A 1 129 ? -1.487  7.369   -14.048 1.00 34.28 ? 129 LEU A O   1 
ATOM   984  C CB  . LEU A 1 129 ? -3.373  9.588   -15.591 1.00 39.06 ? 129 LEU A CB  1 
ATOM   985  C CG  . LEU A 1 129 ? -2.057  10.350  -15.409 1.00 43.07 ? 129 LEU A CG  1 
ATOM   986  C CD1 . LEU A 1 129 ? -0.982  9.874   -16.410 1.00 43.08 ? 129 LEU A CD1 1 
ATOM   987  C CD2 . LEU A 1 129 ? -2.324  11.858  -15.539 1.00 45.81 ? 129 LEU A CD2 1 
ATOM   988  N N   . LEU A 1 130 ? -3.453  7.687   -13.022 1.00 31.84 ? 130 LEU A N   1 
ATOM   989  C CA  . LEU A 1 130 ? -2.950  7.292   -11.727 1.00 30.75 ? 130 LEU A CA  1 
ATOM   990  C C   . LEU A 1 130 ? -2.531  5.845   -11.788 1.00 30.80 ? 130 LEU A C   1 
ATOM   991  O O   . LEU A 1 130 ? -1.485  5.492   -11.268 1.00 31.04 ? 130 LEU A O   1 
ATOM   992  C CB  . LEU A 1 130 ? -4.014  7.434   -10.664 1.00 28.93 ? 130 LEU A CB  1 
ATOM   993  C CG  . LEU A 1 130 ? -3.593  6.936   -9.288  1.00 29.02 ? 130 LEU A CG  1 
ATOM   994  C CD1 . LEU A 1 130 ? -2.277  7.576   -8.914  1.00 27.67 ? 130 LEU A CD1 1 
ATOM   995  C CD2 . LEU A 1 130 ? -4.696  7.219   -8.257  1.00 27.72 ? 130 LEU A CD2 1 
ATOM   996  N N   . LYS A 1 131 ? -3.350  5.012   -12.429 1.00 30.89 ? 131 LYS A N   1 
ATOM   997  C CA  . LYS A 1 131 ? -3.031  3.598   -12.580 1.00 29.99 ? 131 LYS A CA  1 
ATOM   998  C C   . LYS A 1 131 ? -1.811  3.351   -13.459 1.00 27.62 ? 131 LYS A C   1 
ATOM   999  O O   . LYS A 1 131 ? -1.030  2.472   -13.142 1.00 28.34 ? 131 LYS A O   1 
ATOM   1000 C CB  . LYS A 1 131 ? -4.223  2.805   -13.130 1.00 32.08 ? 131 LYS A CB  1 
ATOM   1001 C CG  . LYS A 1 131 ? -5.538  3.094   -12.399 1.00 36.04 ? 131 LYS A CG  1 
ATOM   1002 C CD  . LYS A 1 131 ? -6.623  2.028   -12.597 1.00 36.44 ? 131 LYS A CD  1 
ATOM   1003 C CE  . LYS A 1 131 ? -7.397  2.184   -13.866 1.00 37.99 ? 131 LYS A CE  1 
ATOM   1004 N NZ  . LYS A 1 131 ? -8.508  1.215   -13.914 1.00 39.55 ? 131 LYS A NZ  1 
ATOM   1005 N N   . ALA A 1 132 ? -1.593  4.125   -14.524 1.00 25.72 ? 132 ALA A N   1 
ATOM   1006 C CA  . ALA A 1 132 ? -0.424  3.861   -15.393 1.00 25.38 ? 132 ALA A CA  1 
ATOM   1007 C C   . ALA A 1 132 ? 0.892   4.257   -14.730 1.00 26.13 ? 132 ALA A C   1 
ATOM   1008 O O   . ALA A 1 132 ? 1.988   3.653   -14.919 1.00 25.59 ? 132 ALA A O   1 
ATOM   1009 C CB  . ALA A 1 132 ? -0.574  4.600   -16.692 1.00 23.89 ? 132 ALA A CB  1 
ATOM   1010 N N   . GLN A 1 133 ? 0.767   5.360   -14.002 1.00 27.41 ? 133 GLN A N   1 
ATOM   1011 C CA  . GLN A 1 133 ? 1.852   5.960   -13.258 1.00 27.43 ? 133 GLN A CA  1 
ATOM   1012 C C   . GLN A 1 133 ? 2.329   4.975   -12.171 1.00 26.40 ? 133 GLN A C   1 
ATOM   1013 O O   . GLN A 1 133 ? 3.534   4.740   -12.084 1.00 27.73 ? 133 GLN A O   1 
ATOM   1014 C CB  . GLN A 1 133 ? 1.334   7.259   -12.711 1.00 27.31 ? 133 GLN A CB  1 
ATOM   1015 C CG  . GLN A 1 133 ? 2.220   8.044   -11.911 1.00 31.97 ? 133 GLN A CG  1 
ATOM   1016 C CD  . GLN A 1 133 ? 1.507   9.304   -11.554 1.00 36.84 ? 133 GLN A CD  1 
ATOM   1017 O OE1 . GLN A 1 133 ? 1.095   9.490   -10.416 1.00 40.76 ? 133 GLN A OE1 1 
ATOM   1018 N NE2 . GLN A 1 133 ? 1.251   10.137  -12.554 1.00 37.88 ? 133 GLN A NE2 1 
ATOM   1019 N N   . ILE A 1 134 ? 1.401   4.334   -11.437 1.00 24.94 ? 134 ILE A N   1 
ATOM   1020 C CA  . ILE A 1 134 ? 1.720   3.321   -10.374 1.00 23.30 ? 134 ILE A CA  1 
ATOM   1021 C C   . ILE A 1 134 ? 2.375   2.063   -10.993 1.00 22.89 ? 134 ILE A C   1 
ATOM   1022 O O   . ILE A 1 134 ? 3.380   1.574   -10.513 1.00 22.94 ? 134 ILE A O   1 
ATOM   1023 C CB  . ILE A 1 134 ? 0.448   2.858   -9.601  1.00 21.47 ? 134 ILE A CB  1 
ATOM   1024 C CG1 . ILE A 1 134 ? -0.189  4.041   -8.848  1.00 21.80 ? 134 ILE A CG1 1 
ATOM   1025 C CG2 . ILE A 1 134 ? 0.815   1.713   -8.677  1.00 21.99 ? 134 ILE A CG2 1 
ATOM   1026 C CD1 . ILE A 1 134 ? -1.546  3.797   -8.234  1.00 18.18 ? 134 ILE A CD1 1 
ATOM   1027 N N   . ALA A 1 135 ? 1.793   1.565   -12.084 1.00 21.52 ? 135 ALA A N   1 
ATOM   1028 C CA  . ALA A 1 135 ? 2.316   0.419   -12.796 1.00 21.35 ? 135 ALA A CA  1 
ATOM   1029 C C   . ALA A 1 135 ? 3.702   0.738   -13.271 1.00 20.93 ? 135 ALA A C   1 
ATOM   1030 O O   . ALA A 1 135 ? 4.611   -0.068  -13.073 1.00 22.51 ? 135 ALA A O   1 
ATOM   1031 C CB  . ALA A 1 135 ? 1.417   0.093   -13.984 1.00 21.08 ? 135 ALA A CB  1 
ATOM   1032 N N   . HIS A 1 136 ? 3.867   1.907   -13.902 1.00 21.79 ? 136 HIS A N   1 
ATOM   1033 C CA  . HIS A 1 136 ? 5.182   2.372   -14.394 1.00 21.17 ? 136 HIS A CA  1 
ATOM   1034 C C   . HIS A 1 136 ? 6.280   2.508   -13.283 1.00 20.86 ? 136 HIS A C   1 
ATOM   1035 O O   . HIS A 1 136 ? 7.473   2.173   -13.467 1.00 20.45 ? 136 HIS A O   1 
ATOM   1036 C CB  . HIS A 1 136 ? 5.025   3.683   -15.161 1.00 20.61 ? 136 HIS A CB  1 
ATOM   1037 C CG  . HIS A 1 136 ? 6.325   4.229   -15.675 1.00 20.34 ? 136 HIS A CG  1 
ATOM   1038 N ND1 . HIS A 1 136 ? 7.160   5.021   -14.912 1.00 19.93 ? 136 HIS A ND1 1 
ATOM   1039 C CD2 . HIS A 1 136 ? 6.940   4.090   -16.877 1.00 20.64 ? 136 HIS A CD2 1 
ATOM   1040 C CE1 . HIS A 1 136 ? 8.229   5.349   -15.617 1.00 19.06 ? 136 HIS A CE1 1 
ATOM   1041 N NE2 . HIS A 1 136 ? 8.120   4.798   -16.812 1.00 20.20 ? 136 HIS A NE2 1 
ATOM   1042 N N   . PHE A 1 137 ? 5.873   3.005   -12.124 1.00 21.45 ? 137 PHE A N   1 
ATOM   1043 C CA  . PHE A 1 137 ? 6.778   3.165   -11.005 1.00 21.04 ? 137 PHE A CA  1 
ATOM   1044 C C   . PHE A 1 137 ? 7.284   1.778   -10.586 1.00 21.82 ? 137 PHE A C   1 
ATOM   1045 O O   . PHE A 1 137 ? 8.482   1.564   -10.447 1.00 23.26 ? 137 PHE A O   1 
ATOM   1046 C CB  . PHE A 1 137 ? 6.047   3.860   -9.828  1.00 18.56 ? 137 PHE A CB  1 
ATOM   1047 C CG  . PHE A 1 137 ? 6.885   3.972   -8.559  1.00 18.53 ? 137 PHE A CG  1 
ATOM   1048 C CD1 . PHE A 1 137 ? 7.847   4.985   -8.418  1.00 18.90 ? 137 PHE A CD1 1 
ATOM   1049 C CD2 . PHE A 1 137 ? 6.760   3.040   -7.551  1.00 17.02 ? 137 PHE A CD2 1 
ATOM   1050 C CE1 . PHE A 1 137 ? 8.660   5.038   -7.297  1.00 16.28 ? 137 PHE A CE1 1 
ATOM   1051 C CE2 . PHE A 1 137 ? 7.580   3.096   -6.436  1.00 15.61 ? 137 PHE A CE2 1 
ATOM   1052 C CZ  . PHE A 1 137 ? 8.521   4.095   -6.319  1.00 15.82 ? 137 PHE A CZ  1 
ATOM   1053 N N   . PHE A 1 138 ? 6.384   0.833   -10.354 1.00 22.73 ? 138 PHE A N   1 
ATOM   1054 C CA  . PHE A 1 138 ? 6.838   -0.477  -9.939  1.00 25.79 ? 138 PHE A CA  1 
ATOM   1055 C C   . PHE A 1 138 ? 7.693   -1.181  -10.997 1.00 27.97 ? 138 PHE A C   1 
ATOM   1056 O O   . PHE A 1 138 ? 8.741   -1.753  -10.671 1.00 30.10 ? 138 PHE A O   1 
ATOM   1057 C CB  . PHE A 1 138 ? 5.694   -1.317  -9.388  1.00 24.85 ? 138 PHE A CB  1 
ATOM   1058 C CG  . PHE A 1 138 ? 5.305   -0.923  -7.990  1.00 25.00 ? 138 PHE A CG  1 
ATOM   1059 C CD1 . PHE A 1 138 ? 6.162   -1.159  -6.936  1.00 23.78 ? 138 PHE A CD1 1 
ATOM   1060 C CD2 . PHE A 1 138 ? 4.152   -0.184  -7.748  1.00 26.01 ? 138 PHE A CD2 1 
ATOM   1061 C CE1 . PHE A 1 138 ? 5.893   -0.640  -5.645  1.00 24.24 ? 138 PHE A CE1 1 
ATOM   1062 C CE2 . PHE A 1 138 ? 3.874   0.332   -6.466  1.00 25.64 ? 138 PHE A CE2 1 
ATOM   1063 C CZ  . PHE A 1 138 ? 4.750   0.107   -5.416  1.00 24.64 ? 138 PHE A CZ  1 
ATOM   1064 N N   . GLU A 1 139 ? 7.341   -1.029  -12.269 1.00 28.63 ? 139 GLU A N   1 
ATOM   1065 C CA  . GLU A 1 139 ? 8.164   -1.615  -13.309 1.00 29.58 ? 139 GLU A CA  1 
ATOM   1066 C C   . GLU A 1 139 ? 9.532   -1.056  -13.244 1.00 27.71 ? 139 GLU A C   1 
ATOM   1067 O O   . GLU A 1 139 ? 10.476  -1.799  -13.340 1.00 28.19 ? 139 GLU A O   1 
ATOM   1068 C CB  . GLU A 1 139 ? 7.680   -1.270  -14.694 1.00 32.79 ? 139 GLU A CB  1 
ATOM   1069 C CG  . GLU A 1 139 ? 6.576   -2.104  -15.199 1.00 42.12 ? 139 GLU A CG  1 
ATOM   1070 C CD  . GLU A 1 139 ? 5.772   -1.376  -16.270 1.00 48.25 ? 139 GLU A CD  1 
ATOM   1071 O OE1 . GLU A 1 139 ? 6.343   -0.468  -16.940 1.00 51.67 ? 139 GLU A OE1 1 
ATOM   1072 O OE2 . GLU A 1 139 ? 4.563   -1.691  -16.432 1.00 51.69 ? 139 GLU A OE2 1 
ATOM   1073 N N   . HIS A 1 140 ? 9.658   0.248   -13.030 1.00 26.20 ? 140 HIS A N   1 
ATOM   1074 C CA  . HIS A 1 140 ? 10.973  0.851   -13.070 1.00 24.82 ? 140 HIS A CA  1 
ATOM   1075 C C   . HIS A 1 140 ? 11.736  1.314   -11.868 1.00 25.54 ? 140 HIS A C   1 
ATOM   1076 O O   . HIS A 1 140 ? 12.912  1.635   -12.034 1.00 25.30 ? 140 HIS A O   1 
ATOM   1077 C CB  . HIS A 1 140 ? 10.983  1.972   -14.103 1.00 23.75 ? 140 HIS A CB  1 
ATOM   1078 C CG  . HIS A 1 140 ? 10.535  1.522   -15.454 1.00 22.46 ? 140 HIS A CG  1 
ATOM   1079 N ND1 . HIS A 1 140 ? 11.315  0.724   -16.264 1.00 22.12 ? 140 HIS A ND1 1 
ATOM   1080 C CD2 . HIS A 1 140 ? 9.341   1.649   -16.078 1.00 20.81 ? 140 HIS A CD2 1 
ATOM   1081 C CE1 . HIS A 1 140 ? 10.614  0.369   -17.328 1.00 21.10 ? 140 HIS A CE1 1 
ATOM   1082 N NE2 . HIS A 1 140 ? 9.417   0.918   -17.241 1.00 21.56 ? 140 HIS A NE2 1 
ATOM   1083 N N   . TYR A 1 141 ? 11.160  1.295   -10.665 1.00 26.04 ? 141 TYR A N   1 
ATOM   1084 C CA  . TYR A 1 141 ? 11.901  1.832   -9.522  1.00 26.26 ? 141 TYR A CA  1 
ATOM   1085 C C   . TYR A 1 141 ? 13.205  1.141   -9.088  1.00 27.13 ? 141 TYR A C   1 
ATOM   1086 O O   . TYR A 1 141 ? 14.125  1.796   -8.573  1.00 25.61 ? 141 TYR A O   1 
ATOM   1087 C CB  . TYR A 1 141 ? 10.960  2.114   -8.336  1.00 26.09 ? 141 TYR A CB  1 
ATOM   1088 C CG  . TYR A 1 141 ? 10.487  0.925   -7.535  1.00 28.42 ? 141 TYR A CG  1 
ATOM   1089 C CD1 . TYR A 1 141 ? 9.889   -0.185  -8.159  1.00 29.40 ? 141 TYR A CD1 1 
ATOM   1090 C CD2 . TYR A 1 141 ? 10.585  0.935   -6.139  1.00 27.36 ? 141 TYR A CD2 1 
ATOM   1091 C CE1 . TYR A 1 141 ? 9.409   -1.242  -7.414  1.00 28.54 ? 141 TYR A CE1 1 
ATOM   1092 C CE2 . TYR A 1 141 ? 10.118  -0.099  -5.399  1.00 27.82 ? 141 TYR A CE2 1 
ATOM   1093 C CZ  . TYR A 1 141 ? 9.523   -1.191  -6.030  1.00 29.19 ? 141 TYR A CZ  1 
ATOM   1094 O OH  . TYR A 1 141 ? 9.062   -2.255  -5.259  1.00 33.29 ? 141 TYR A OH  1 
ATOM   1095 N N   . LYS A 1 142 ? 13.304  -0.161  -9.327  1.00 27.98 ? 142 LYS A N   1 
ATOM   1096 C CA  . LYS A 1 142 ? 14.496  -0.900  -8.973  1.00 30.41 ? 142 LYS A CA  1 
ATOM   1097 C C   . LYS A 1 142 ? 15.422  -1.205  -10.167 1.00 31.77 ? 142 LYS A C   1 
ATOM   1098 O O   . LYS A 1 142 ? 16.239  -2.111  -10.094 1.00 33.20 ? 142 LYS A O   1 
ATOM   1099 C CB  . LYS A 1 142 ? 14.097  -2.173  -8.255  1.00 29.72 ? 142 LYS A CB  1 
ATOM   1100 C CG  . LYS A 1 142 ? 13.584  -1.873  -6.916  1.00 31.94 ? 142 LYS A CG  1 
ATOM   1101 C CD  . LYS A 1 142 ? 13.478  -3.099  -6.090  1.00 35.15 ? 142 LYS A CD  1 
ATOM   1102 C CE  . LYS A 1 142 ? 12.458  -4.046  -6.652  1.00 38.42 ? 142 LYS A CE  1 
ATOM   1103 N NZ  . LYS A 1 142 ? 11.954  -4.951  -5.576  1.00 41.87 ? 142 LYS A NZ  1 
ATOM   1104 N N   . ASP A 1 143 ? 15.298  -0.451  -11.258 1.00 32.64 ? 143 ASP A N   1 
ATOM   1105 C CA  . ASP A 1 143 ? 16.125  -0.644  -12.473 1.00 32.80 ? 143 ASP A CA  1 
ATOM   1106 C C   . ASP A 1 143 ? 17.622  -0.562  -12.200 1.00 34.07 ? 143 ASP A C   1 
ATOM   1107 O O   . ASP A 1 143 ? 18.411  -1.151  -12.940 1.00 34.83 ? 143 ASP A O   1 
ATOM   1108 C CB  . ASP A 1 143 ? 15.814  0.414   -13.569 1.00 31.23 ? 143 ASP A CB  1 
ATOM   1109 C CG  . ASP A 1 143 ? 14.547  0.128   -14.336 1.00 29.81 ? 143 ASP A CG  1 
ATOM   1110 O OD1 . ASP A 1 143 ? 13.926  -0.902  -14.110 1.00 30.65 ? 143 ASP A OD1 1 
ATOM   1111 O OD2 . ASP A 1 143 ? 14.149  0.923   -15.185 1.00 28.63 ? 143 ASP A OD2 1 
ATOM   1112 N N   . LEU A 1 144 ? 18.002  0.217   -11.191 1.00 34.26 ? 144 LEU A N   1 
ATOM   1113 C CA  . LEU A 1 144 ? 19.404  0.414   -10.857 1.00 37.07 ? 144 LEU A CA  1 
ATOM   1114 C C   . LEU A 1 144 ? 19.884  -0.385  -9.616  1.00 39.09 ? 144 LEU A C   1 
ATOM   1115 O O   . LEU A 1 144 ? 21.011  -0.222  -9.152  1.00 39.88 ? 144 LEU A O   1 
ATOM   1116 C CB  . LEU A 1 144 ? 19.684  1.912   -10.684 1.00 35.47 ? 144 LEU A CB  1 
ATOM   1117 C CG  . LEU A 1 144 ? 19.166  2.880   -11.754 1.00 35.26 ? 144 LEU A CG  1 
ATOM   1118 C CD1 . LEU A 1 144 ? 19.565  4.287   -11.384 1.00 33.85 ? 144 LEU A CD1 1 
ATOM   1119 C CD2 . LEU A 1 144 ? 19.711  2.545   -13.139 1.00 35.19 ? 144 LEU A CD2 1 
ATOM   1120 N N   . GLU A 1 145 ? 18.959  -1.108  -9.001  1.00 41.69 ? 145 GLU A N   1 
ATOM   1121 C CA  . GLU A 1 145 ? 19.205  -1.958  -7.840  1.00 43.37 ? 145 GLU A CA  1 
ATOM   1122 C C   . GLU A 1 145 ? 19.710  -3.311  -8.402  1.00 43.97 ? 145 GLU A C   1 
ATOM   1123 O O   . GLU A 1 145 ? 19.088  -3.949  -9.262  1.00 42.85 ? 145 GLU A O   1 
ATOM   1124 C CB  . GLU A 1 145 ? 17.893  -2.124  -7.012  1.00 44.26 ? 145 GLU A CB  1 
ATOM   1125 C CG  . GLU A 1 145 ? 17.718  -1.256  -5.694  1.00 47.69 ? 145 GLU A CG  1 
ATOM   1126 C CD  . GLU A 1 145 ? 18.079  0.242   -5.810  1.00 49.84 ? 145 GLU A CD  1 
ATOM   1127 O OE1 . GLU A 1 145 ? 19.250  0.532   -6.113  1.00 51.15 ? 145 GLU A OE1 1 
ATOM   1128 O OE2 . GLU A 1 145 ? 17.222  1.126   -5.547  1.00 49.33 ? 145 GLU A OE2 1 
ATOM   1129 N N   . TRP A 1 149 ? 14.756  -7.278  -9.947  1.00 76.78 ? 149 TRP A N   1 
ATOM   1130 C CA  . TRP A 1 149 ? 13.777  -7.258  -11.060 1.00 74.92 ? 149 TRP A CA  1 
ATOM   1131 C C   . TRP A 1 149 ? 12.299  -7.302  -10.548 1.00 73.68 ? 149 TRP A C   1 
ATOM   1132 O O   . TRP A 1 149 ? 12.018  -7.671  -9.395  1.00 73.24 ? 149 TRP A O   1 
ATOM   1133 C CB  . TRP A 1 149 ? 14.068  -8.454  -11.974 1.00 74.93 ? 149 TRP A CB  1 
ATOM   1134 C CG  . TRP A 1 149 ? 13.962  -9.798  -11.273 1.00 74.92 ? 149 TRP A CG  1 
ATOM   1135 C CD1 . TRP A 1 149 ? 14.843  -10.358 -10.368 1.00 74.57 ? 149 TRP A CD1 1 
ATOM   1136 C CD2 . TRP A 1 149 ? 12.902  -10.734 -11.457 1.00 74.73 ? 149 TRP A CD2 1 
ATOM   1137 N NE1 . TRP A 1 149 ? 14.375  -11.598 -9.984  1.00 74.33 ? 149 TRP A NE1 1 
ATOM   1138 C CE2 . TRP A 1 149 ? 13.206  -11.858 -10.637 1.00 74.42 ? 149 TRP A CE2 1 
ATOM   1139 C CE3 . TRP A 1 149 ? 11.730  -10.747 -12.223 1.00 75.00 ? 149 TRP A CE3 1 
ATOM   1140 C CZ2 . TRP A 1 149 ? 12.367  -12.976 -10.581 1.00 74.75 ? 149 TRP A CZ2 1 
ATOM   1141 C CZ3 . TRP A 1 149 ? 10.891  -11.868 -12.156 1.00 74.85 ? 149 TRP A CZ3 1 
ATOM   1142 C CH2 . TRP A 1 149 ? 11.227  -12.966 -11.337 1.00 75.08 ? 149 TRP A CH2 1 
ATOM   1143 N N   . VAL A 1 150 ? 11.375  -6.843  -11.396 1.00 72.08 ? 150 VAL A N   1 
ATOM   1144 C CA  . VAL A 1 150 ? 9.959   -6.797  -11.112 1.00 70.17 ? 150 VAL A CA  1 
ATOM   1145 C C   . VAL A 1 150 ? 9.122   -6.800  -12.400 1.00 69.01 ? 150 VAL A C   1 
ATOM   1146 O O   . VAL A 1 150 ? 9.478   -6.150  -13.399 1.00 69.03 ? 150 VAL A O   1 
ATOM   1147 C CB  . VAL A 1 150 ? 9.611   -5.468  -10.293 1.00 69.94 ? 150 VAL A CB  1 
ATOM   1148 C CG1 . VAL A 1 150 ? 8.113   -5.187  -10.320 1.00 69.92 ? 150 VAL A CG1 1 
ATOM   1149 C CG2 . VAL A 1 150 ? 10.078  -5.594  -8.840  1.00 68.67 ? 150 VAL A CG2 1 
ATOM   1150 N N   . LYS A 1 151 ? 8.019   -7.545  -12.415 1.00 67.79 ? 151 LYS A N   1 
ATOM   1151 C CA  . LYS A 1 151 ? 7.126   -7.517  -13.587 1.00 66.88 ? 151 LYS A CA  1 
ATOM   1152 C C   . LYS A 1 151 ? 5.664   -7.374  -13.217 1.00 64.89 ? 151 LYS A C   1 
ATOM   1153 O O   . LYS A 1 151 ? 5.117   -8.126  -12.413 1.00 64.63 ? 151 LYS A O   1 
ATOM   1154 C CB  . LYS A 1 151 ? 7.312   -8.736  -14.497 1.00 69.78 ? 151 LYS A CB  1 
ATOM   1155 C CG  . LYS A 1 151 ? 6.266   -8.841  -15.683 1.00 72.52 ? 151 LYS A CG  1 
ATOM   1156 C CD  . LYS A 1 151 ? 6.020   -7.520  -16.496 1.00 74.56 ? 151 LYS A CD  1 
ATOM   1157 C CE  . LYS A 1 151 ? 5.048   -7.711  -17.710 1.00 74.91 ? 151 LYS A CE  1 
ATOM   1158 N NZ  . LYS A 1 151 ? 4.657   -6.440  -18.414 1.00 73.98 ? 151 LYS A NZ  1 
ATOM   1159 N N   . VAL A 1 152 ? 5.046   -6.365  -13.804 1.00 62.58 ? 152 VAL A N   1 
ATOM   1160 C CA  . VAL A 1 152 ? 3.633   -6.094  -13.592 1.00 60.27 ? 152 VAL A CA  1 
ATOM   1161 C C   . VAL A 1 152 ? 2.830   -7.121  -14.415 1.00 58.85 ? 152 VAL A C   1 
ATOM   1162 O O   . VAL A 1 152 ? 3.211   -7.439  -15.534 1.00 58.89 ? 152 VAL A O   1 
ATOM   1163 C CB  . VAL A 1 152 ? 3.311   -4.634  -14.032 1.00 59.27 ? 152 VAL A CB  1 
ATOM   1164 C CG1 . VAL A 1 152 ? 1.835   -4.424  -14.229 1.00 58.16 ? 152 VAL A CG1 1 
ATOM   1165 C CG2 . VAL A 1 152 ? 3.849   -3.663  -13.015 1.00 59.02 ? 152 VAL A CG2 1 
ATOM   1166 N N   . GLU A 1 153 ? 1.742   -7.646  -13.853 1.00 56.52 ? 153 GLU A N   1 
ATOM   1167 C CA  . GLU A 1 153 ? 0.887   -8.609  -14.535 1.00 54.41 ? 153 GLU A CA  1 
ATOM   1168 C C   . GLU A 1 153 ? -0.525  -8.029  -14.686 1.00 52.54 ? 153 GLU A C   1 
ATOM   1169 O O   . GLU A 1 153 ? -1.370  -8.606  -15.370 1.00 54.81 ? 153 GLU A O   1 
ATOM   1170 C CB  . GLU A 1 153 ? 0.863   -9.934  -13.781 1.00 56.28 ? 153 GLU A CB  1 
ATOM   1171 C CG  . GLU A 1 153 ? 2.252   -10.466 -13.491 1.00 58.38 ? 153 GLU A CG  1 
ATOM   1172 C CD  . GLU A 1 153 ? 2.272   -11.415 -12.321 1.00 60.78 ? 153 GLU A CD  1 
ATOM   1173 O OE1 . GLU A 1 153 ? 1.407   -12.309 -12.227 1.00 63.37 ? 153 GLU A OE1 1 
ATOM   1174 O OE2 . GLU A 1 153 ? 3.150   -11.275 -11.478 1.00 60.87 ? 153 GLU A OE2 1 
ATOM   1175 N N   . GLY A 1 154 ? -0.821  -6.955  -13.968 1.00 48.98 ? 154 GLY A N   1 
ATOM   1176 C CA  . GLY A 1 154 ? -2.109  -6.329  -14.160 1.00 43.92 ? 154 GLY A CA  1 
ATOM   1177 C C   . GLY A 1 154 ? -2.854  -6.022  -12.915 1.00 41.62 ? 154 GLY A C   1 
ATOM   1178 O O   . GLY A 1 154 ? -2.430  -6.369  -11.818 1.00 41.06 ? 154 GLY A O   1 
ATOM   1179 N N   . TRP A 1 155 ? -4.004  -5.388  -13.109 1.00 39.80 ? 155 TRP A N   1 
ATOM   1180 C CA  . TRP A 1 155 ? -4.881  -4.993  -12.014 1.00 38.68 ? 155 TRP A CA  1 
ATOM   1181 C C   . TRP A 1 155 ? -6.006  -5.963  -11.750 1.00 38.18 ? 155 TRP A C   1 
ATOM   1182 O O   . TRP A 1 155 ? -6.361  -6.753  -12.612 1.00 39.55 ? 155 TRP A O   1 
ATOM   1183 C CB  . TRP A 1 155 ? -5.494  -3.627  -12.310 1.00 36.83 ? 155 TRP A CB  1 
ATOM   1184 C CG  . TRP A 1 155 ? -4.482  -2.491  -12.317 1.00 36.88 ? 155 TRP A CG  1 
ATOM   1185 C CD1 . TRP A 1 155 ? -3.807  -1.993  -13.403 1.00 35.52 ? 155 TRP A CD1 1 
ATOM   1186 C CD2 . TRP A 1 155 ? -4.060  -1.700  -11.186 1.00 35.06 ? 155 TRP A CD2 1 
ATOM   1187 N NE1 . TRP A 1 155 ? -3.004  -0.945  -13.020 1.00 36.86 ? 155 TRP A NE1 1 
ATOM   1188 C CE2 . TRP A 1 155 ? -3.134  -0.746  -11.668 1.00 35.46 ? 155 TRP A CE2 1 
ATOM   1189 C CE3 . TRP A 1 155 ? -4.367  -1.721  -9.813  1.00 33.69 ? 155 TRP A CE3 1 
ATOM   1190 C CZ2 . TRP A 1 155 ? -2.517  0.186   -10.834 1.00 33.68 ? 155 TRP A CZ2 1 
ATOM   1191 C CZ3 . TRP A 1 155 ? -3.759  -0.801  -8.987  1.00 33.88 ? 155 TRP A CZ3 1 
ATOM   1192 C CH2 . TRP A 1 155 ? -2.839  0.140   -9.499  1.00 33.77 ? 155 TRP A CH2 1 
ATOM   1193 N N   . GLU A 1 156 ? -6.565  -5.898  -10.549 1.00 36.63 ? 156 GLU A N   1 
ATOM   1194 C CA  . GLU A 1 156 ? -7.688  -6.724  -10.170 1.00 34.53 ? 156 GLU A CA  1 
ATOM   1195 C C   . GLU A 1 156 ? -8.604  -5.911  -9.310  1.00 32.75 ? 156 GLU A C   1 
ATOM   1196 O O   . GLU A 1 156 ? -8.208  -4.921  -8.717  1.00 32.27 ? 156 GLU A O   1 
ATOM   1197 C CB  . GLU A 1 156 ? -7.233  -8.013  -9.504  1.00 38.13 ? 156 GLU A CB  1 
ATOM   1198 C CG  . GLU A 1 156 ? -6.800  -9.032  -10.556 1.00 41.87 ? 156 GLU A CG  1 
ATOM   1199 C CD  . GLU A 1 156 ? -6.200  -10.303 -9.999  1.00 43.95 ? 156 GLU A CD  1 
ATOM   1200 O OE1 . GLU A 1 156 ? -6.040  -10.415 -8.760  1.00 44.47 ? 156 GLU A OE1 1 
ATOM   1201 O OE2 . GLU A 1 156 ? -5.870  -11.194 -10.826 1.00 46.84 ? 156 GLU A OE2 1 
ATOM   1202 N N   . ASN A 1 157 ? -9.841  -6.345  -9.226  1.00 30.91 ? 157 ASN A N   1 
ATOM   1203 C CA  . ASN A 1 157 ? -10.881 -5.619  -8.512  1.00 30.23 ? 157 ASN A CA  1 
ATOM   1204 C C   . ASN A 1 157 ? -10.843 -5.594  -7.005  1.00 27.43 ? 157 ASN A C   1 
ATOM   1205 O O   . ASN A 1 157 ? -9.992  -6.179  -6.397  1.00 25.83 ? 157 ASN A O   1 
ATOM   1206 C CB  . ASN A 1 157 ? -12.278 -6.068  -9.005  1.00 33.22 ? 157 ASN A CB  1 
ATOM   1207 C CG  . ASN A 1 157 ? -12.527 -7.563  -8.820  1.00 35.53 ? 157 ASN A CG  1 
ATOM   1208 O OD1 . ASN A 1 157 ? -11.939 -8.220  -7.946  1.00 38.13 ? 157 ASN A OD1 1 
ATOM   1209 N ND2 . ASN A 1 157 ? -13.413 -8.103  -9.635  1.00 37.76 ? 157 ASN A ND2 1 
ATOM   1210 N N   . ALA A 1 158 ? -11.795 -4.904  -6.416  1.00 26.54 ? 158 ALA A N   1 
ATOM   1211 C CA  . ALA A 1 158 ? -11.886 -4.818  -4.985  1.00 27.89 ? 158 ALA A CA  1 
ATOM   1212 C C   . ALA A 1 158 ? -12.099 -6.193  -4.348  1.00 28.40 ? 158 ALA A C   1 
ATOM   1213 O O   . ALA A 1 158 ? -11.630 -6.412  -3.250  1.00 29.33 ? 158 ALA A O   1 
ATOM   1214 C CB  . ALA A 1 158 ? -12.999 -3.871  -4.601  1.00 25.38 ? 158 ALA A CB  1 
ATOM   1215 N N   . GLU A 1 159 ? -12.777 -7.116  -5.041  1.00 28.82 ? 159 GLU A N   1 
ATOM   1216 C CA  . GLU A 1 159 ? -13.024 -8.467  -4.518  1.00 28.47 ? 159 GLU A CA  1 
ATOM   1217 C C   . GLU A 1 159 ? -11.770 -9.224  -4.332  1.00 24.97 ? 159 GLU A C   1 
ATOM   1218 O O   . GLU A 1 159 ? -11.619 -9.913  -3.346  1.00 24.39 ? 159 GLU A O   1 
ATOM   1219 C CB  . GLU A 1 159 ? -13.922 -9.306  -5.424  1.00 35.15 ? 159 GLU A CB  1 
ATOM   1220 C CG  . GLU A 1 159 ? -15.412 -9.341  -5.025  1.00 45.11 ? 159 GLU A CG  1 
ATOM   1221 C CD  . GLU A 1 159 ? -15.689 -9.806  -3.558  1.00 51.11 ? 159 GLU A CD  1 
ATOM   1222 O OE1 . GLU A 1 159 ? -15.630 -8.959  -2.638  1.00 53.73 ? 159 GLU A OE1 1 
ATOM   1223 O OE2 . GLU A 1 159 ? -16.038 -10.998 -3.319  1.00 54.08 ? 159 GLU A OE2 1 
ATOM   1224 N N   . ALA A 1 160 ? -10.905 -9.171  -5.329  1.00 23.33 ? 160 ALA A N   1 
ATOM   1225 C CA  . ALA A 1 160 ? -9.588  -9.834  -5.273  1.00 23.76 ? 160 ALA A CA  1 
ATOM   1226 C C   . ALA A 1 160 ? -8.711  -9.229  -4.128  1.00 24.16 ? 160 ALA A C   1 
ATOM   1227 O O   . ALA A 1 160 ? -8.051  -9.936  -3.350  1.00 24.47 ? 160 ALA A O   1 
ATOM   1228 C CB  . ALA A 1 160 ? -8.901  -9.663  -6.598  1.00 21.65 ? 160 ALA A CB  1 
ATOM   1229 N N   . ALA A 1 161 ? -8.747  -7.902  -4.024  1.00 25.40 ? 161 ALA A N   1 
ATOM   1230 C CA  . ALA A 1 161 ? -8.024  -7.147  -2.991  1.00 25.10 ? 161 ALA A CA  1 
ATOM   1231 C C   . ALA A 1 161 ? -8.406  -7.633  -1.602  1.00 24.85 ? 161 ALA A C   1 
ATOM   1232 O O   . ALA A 1 161 ? -7.542  -7.913  -0.781  1.00 23.87 ? 161 ALA A O   1 
ATOM   1233 C CB  . ALA A 1 161 ? -8.356  -5.656  -3.113  1.00 25.10 ? 161 ALA A CB  1 
ATOM   1234 N N   . LYS A 1 162 ? -9.702  -7.653  -1.318  1.00 26.12 ? 162 LYS A N   1 
ATOM   1235 C CA  . LYS A 1 162 ? -10.187 -8.124  -0.025  1.00 29.42 ? 162 LYS A CA  1 
ATOM   1236 C C   . LYS A 1 162 ? -9.880  -9.570  0.239   1.00 30.63 ? 162 LYS A C   1 
ATOM   1237 O O   . LYS A 1 162 ? -9.734  -9.938  1.412   1.00 32.11 ? 162 LYS A O   1 
ATOM   1238 C CB  . LYS A 1 162 ? -11.674 -7.929  0.112   1.00 29.67 ? 162 LYS A CB  1 
ATOM   1239 C CG  . LYS A 1 162 ? -12.055 -6.522  0.008   1.00 31.46 ? 162 LYS A CG  1 
ATOM   1240 C CD  . LYS A 1 162 ? -13.483 -6.380  0.196   1.00 34.71 ? 162 LYS A CD  1 
ATOM   1241 C CE  . LYS A 1 162 ? -13.991 -5.429  -0.826  1.00 36.70 ? 162 LYS A CE  1 
ATOM   1242 N NZ  . LYS A 1 162 ? -15.466 -5.548  -0.881  1.00 41.84 ? 162 LYS A NZ  1 
ATOM   1243 N N   . ALA A 1 163 ? -9.814  -10.386 -0.831  1.00 30.92 ? 163 ALA A N   1 
ATOM   1244 C CA  . ALA A 1 163 ? -9.517  -11.836 -0.733  1.00 30.32 ? 163 ALA A CA  1 
ATOM   1245 C C   . ALA A 1 163 ? -8.105  -11.912 -0.242  1.00 30.14 ? 163 ALA A C   1 
ATOM   1246 O O   . ALA A 1 163 ? -7.791  -12.691 0.663   1.00 29.87 ? 163 ALA A O   1 
ATOM   1247 C CB  . ALA A 1 163 ? -9.636  -12.546 -2.105  1.00 28.02 ? 163 ALA A CB  1 
ATOM   1248 N N   . GLU A 1 164 ? -7.274  -11.031 -0.803  1.00 31.28 ? 164 GLU A N   1 
ATOM   1249 C CA  . GLU A 1 164 ? -5.851  -10.915 -0.454  1.00 29.97 ? 164 GLU A CA  1 
ATOM   1250 C C   . GLU A 1 164 ? -5.673  -10.468 1.011   1.00 27.71 ? 164 GLU A C   1 
ATOM   1251 O O   . GLU A 1 164 ? -4.825  -11.008 1.750   1.00 26.57 ? 164 GLU A O   1 
ATOM   1252 C CB  . GLU A 1 164 ? -5.176  -9.982  -1.452  1.00 32.36 ? 164 GLU A CB  1 
ATOM   1253 C CG  . GLU A 1 164 ? -3.775  -9.642  -1.106  1.00 41.40 ? 164 GLU A CG  1 
ATOM   1254 C CD  . GLU A 1 164 ? -2.899  -10.874 -0.995  1.00 47.47 ? 164 GLU A CD  1 
ATOM   1255 O OE1 . GLU A 1 164 ? -2.902  -11.518 0.086   1.00 49.39 ? 164 GLU A OE1 1 
ATOM   1256 O OE2 . GLU A 1 164 ? -2.208  -11.205 -1.995  1.00 52.61 ? 164 GLU A OE2 1 
ATOM   1257 N N   . ILE A 1 165 ? -6.522  -9.547  1.459   1.00 26.01 ? 165 ILE A N   1 
ATOM   1258 C CA  . ILE A 1 165 ? -6.452  -9.075  2.831   1.00 26.41 ? 165 ILE A CA  1 
ATOM   1259 C C   . ILE A 1 165 ? -6.833  -10.209 3.800   1.00 27.62 ? 165 ILE A C   1 
ATOM   1260 O O   . ILE A 1 165 ? -6.091  -10.493 4.783   1.00 27.97 ? 165 ILE A O   1 
ATOM   1261 C CB  . ILE A 1 165 ? -7.360  -7.858  3.060   1.00 25.62 ? 165 ILE A CB  1 
ATOM   1262 C CG1 . ILE A 1 165 ? -6.832  -6.648  2.279   1.00 26.03 ? 165 ILE A CG1 1 
ATOM   1263 C CG2 . ILE A 1 165 ? -7.434  -7.558  4.559   1.00 27.08 ? 165 ILE A CG2 1 
ATOM   1264 C CD1 . ILE A 1 165 ? -7.892  -5.507  2.074   1.00 24.39 ? 165 ILE A CD1 1 
ATOM   1265 N N   . VAL A 1 166 ? -7.998  -10.825 3.538   1.00 27.44 ? 166 VAL A N   1 
ATOM   1266 C CA  . VAL A 1 166 ? -8.512  -11.943 4.329   1.00 26.03 ? 166 VAL A CA  1 
ATOM   1267 C C   . VAL A 1 166 ? -7.496  -13.076 4.437   1.00 26.96 ? 166 VAL A C   1 
ATOM   1268 O O   . VAL A 1 166 ? -7.163  -13.513 5.529   1.00 27.62 ? 166 VAL A O   1 
ATOM   1269 C CB  . VAL A 1 166 ? -9.819  -12.510 3.738   1.00 26.57 ? 166 VAL A CB  1 
ATOM   1270 C CG1 . VAL A 1 166 ? -10.177 -13.842 4.401   1.00 25.32 ? 166 VAL A CG1 1 
ATOM   1271 C CG2 . VAL A 1 166 ? -10.945 -11.502 3.900   1.00 24.04 ? 166 VAL A CG2 1 
ATOM   1272 N N   . ALA A 1 167 ? -6.938  -13.496 3.315   1.00 26.66 ? 167 ALA A N   1 
ATOM   1273 C CA  . ALA A 1 167 ? -5.984  -14.576 3.324   1.00 27.55 ? 167 ALA A CA  1 
ATOM   1274 C C   . ALA A 1 167 ? -4.720  -14.304 4.143   1.00 29.65 ? 167 ALA A C   1 
ATOM   1275 O O   . ALA A 1 167 ? -4.217  -15.186 4.858   1.00 30.62 ? 167 ALA A O   1 
ATOM   1276 C CB  . ALA A 1 167 ? -5.620  -14.912 1.912   1.00 27.36 ? 167 ALA A CB  1 
ATOM   1277 N N   . SER A 1 168 ? -4.191  -13.088 4.012   1.00 30.80 ? 168 SER A N   1 
ATOM   1278 C CA  . SER A 1 168 ? -2.965  -12.668 4.688   1.00 30.17 ? 168 SER A CA  1 
ATOM   1279 C C   . SER A 1 168 ? -3.204  -12.441 6.149   1.00 29.96 ? 168 SER A C   1 
ATOM   1280 O O   . SER A 1 168 ? -2.296  -12.518 6.952   1.00 29.98 ? 168 SER A O   1 
ATOM   1281 C CB  . SER A 1 168 ? -2.453  -11.385 4.055   1.00 30.85 ? 168 SER A CB  1 
ATOM   1282 O OG  . SER A 1 168 ? -2.221  -11.586 2.669   1.00 31.76 ? 168 SER A OG  1 
ATOM   1283 N N   . PHE A 1 169 ? -4.418  -12.061 6.486   1.00 31.36 ? 169 PHE A N   1 
ATOM   1284 C CA  . PHE A 1 169 ? -4.703  -11.859 7.862   1.00 34.36 ? 169 PHE A CA  1 
ATOM   1285 C C   . PHE A 1 169 ? -4.752  -13.263 8.508   1.00 36.68 ? 169 PHE A C   1 
ATOM   1286 O O   . PHE A 1 169 ? -4.080  -13.524 9.520   1.00 35.86 ? 169 PHE A O   1 
ATOM   1287 C CB  . PHE A 1 169 ? -6.019  -11.106 7.999   1.00 34.77 ? 169 PHE A CB  1 
ATOM   1288 C CG  . PHE A 1 169 ? -6.449  -10.925 9.414   1.00 37.50 ? 169 PHE A CG  1 
ATOM   1289 C CD1 . PHE A 1 169 ? -5.876  -9.944  10.214  1.00 38.62 ? 169 PHE A CD1 1 
ATOM   1290 C CD2 . PHE A 1 169 ? -7.371  -11.785 9.983   1.00 37.81 ? 169 PHE A CD2 1 
ATOM   1291 C CE1 . PHE A 1 169 ? -6.219  -9.842  11.573  1.00 38.22 ? 169 PHE A CE1 1 
ATOM   1292 C CE2 . PHE A 1 169 ? -7.710  -11.684 11.325  1.00 37.68 ? 169 PHE A CE2 1 
ATOM   1293 C CZ  . PHE A 1 169 ? -7.134  -10.717 12.116  1.00 37.47 ? 169 PHE A CZ  1 
ATOM   1294 N N   . GLU A 1 170 ? -5.479  -14.189 7.885   1.00 38.62 ? 170 GLU A N   1 
ATOM   1295 C CA  . GLU A 1 170 ? -5.584  -15.543 8.420   1.00 41.53 ? 170 GLU A CA  1 
ATOM   1296 C C   . GLU A 1 170 ? -4.220  -16.143 8.536   1.00 42.87 ? 170 GLU A C   1 
ATOM   1297 O O   . GLU A 1 170 ? -3.889  -16.769 9.531   1.00 44.30 ? 170 GLU A O   1 
ATOM   1298 C CB  . GLU A 1 170 ? -6.435  -16.441 7.523   1.00 42.35 ? 170 GLU A CB  1 
ATOM   1299 C CG  . GLU A 1 170 ? -7.921  -16.076 7.480   1.00 43.26 ? 170 GLU A CG  1 
ATOM   1300 C CD  . GLU A 1 170 ? -8.634  -16.286 8.795   1.00 44.85 ? 170 GLU A CD  1 
ATOM   1301 O OE1 . GLU A 1 170 ? -8.022  -16.838 9.737   1.00 46.01 ? 170 GLU A OE1 1 
ATOM   1302 O OE2 . GLU A 1 170 ? -9.822  -15.904 8.882   1.00 47.33 ? 170 GLU A OE2 1 
ATOM   1303 N N   . ARG A 1 171 ? -3.409  -15.912 7.522   1.00 44.98 ? 171 ARG A N   1 
ATOM   1304 C CA  . ARG A 1 171 ? -2.057  -16.437 7.491   1.00 47.39 ? 171 ARG A CA  1 
ATOM   1305 C C   . ARG A 1 171 ? -1.201  -15.847 8.597   1.00 51.12 ? 171 ARG A C   1 
ATOM   1306 O O   . ARG A 1 171 ? -0.245  -16.471 9.039   1.00 52.66 ? 171 ARG A O   1 
ATOM   1307 C CB  . ARG A 1 171 ? -1.455  -16.155 6.127   1.00 46.85 ? 171 ARG A CB  1 
ATOM   1308 C CG  . ARG A 1 171 ? -0.078  -16.711 5.881   1.00 48.46 ? 171 ARG A CG  1 
ATOM   1309 C CD  . ARG A 1 171 ? 0.396   -16.402 4.454   1.00 49.93 ? 171 ARG A CD  1 
ATOM   1310 N NE  . ARG A 1 171 ? -0.577  -16.835 3.453   1.00 50.70 ? 171 ARG A NE  1 
ATOM   1311 C CZ  . ARG A 1 171 ? -1.240  -16.024 2.633   1.00 52.20 ? 171 ARG A CZ  1 
ATOM   1312 N NH1 . ARG A 1 171 ? -1.053  -14.708 2.673   1.00 51.67 ? 171 ARG A NH1 1 
ATOM   1313 N NH2 . ARG A 1 171 ? -2.107  -16.542 1.769   1.00 53.21 ? 171 ARG A NH2 1 
ATOM   1314 N N   . ALA A 1 172 ? -1.554  -14.651 9.064   1.00 53.91 ? 172 ALA A N   1 
ATOM   1315 C CA  . ALA A 1 172 ? -0.804  -13.992 10.131  1.00 56.88 ? 172 ALA A CA  1 
ATOM   1316 C C   . ALA A 1 172 ? -1.127  -14.595 11.498  1.00 59.29 ? 172 ALA A C   1 
ATOM   1317 O O   . ALA A 1 172 ? -0.258  -14.627 12.378  1.00 59.17 ? 172 ALA A O   1 
ATOM   1318 C CB  . ALA A 1 172 ? -1.091  -12.517 10.144  1.00 56.45 ? 172 ALA A CB  1 
ATOM   1319 N N   . LYS A 1 173 ? -2.362  -15.087 11.662  1.00 40.00 ? 173 LYS A N   1 
ATOM   1320 C CA  . LYS A 1 173 ? -2.816  -15.702 12.908  1.00 40.00 ? 173 LYS A CA  1 
ATOM   1321 C C   . LYS A 1 173 ? -2.123  -17.001 13.323  1.00 40.00 ? 173 LYS A C   1 
ATOM   1322 O O   . LYS A 1 173 ? -2.620  -17.677 14.222  1.00 40.00 ? 173 LYS A O   1 
ATOM   1323 C CB  . LYS A 1 173 ? -4.325  -15.913 12.879  1.00 40.00 ? 173 LYS A CB  1 
ATOM   1324 C CG  . LYS A 1 173 ? -5.060  -14.797 13.546  1.00 40.00 ? 173 LYS A CG  1 
ATOM   1325 C CD  . LYS A 1 173 ? -6.559  -14.925 13.493  1.00 40.00 ? 173 LYS A CD  1 
ATOM   1326 C CE  . LYS A 1 173 ? -7.205  -13.697 14.178  1.00 40.00 ? 173 LYS A CE  1 
ATOM   1327 N NZ  . LYS A 1 173 ? -8.709  -13.585 14.020  1.00 40.00 ? 173 LYS A NZ  1 
HETATM 1328 O O   . HOH B 2 .   ? 5.917   6.425   -13.138 1.00 20.57 ? 176 HOH A O   1 
HETATM 1329 O O   . HOH B 2 .   ? -2.879  -1.707  10.209  1.00 19.45 ? 177 HOH A O   1 
HETATM 1330 O O   . HOH B 2 .   ? 6.600   14.313  0.887   1.00 47.33 ? 178 HOH A O   1 
HETATM 1331 O O   . HOH B 2 .   ? 7.536   9.249   -2.687  1.00 32.70 ? 179 HOH A O   1 
HETATM 1332 O O   . HOH B 2 .   ? 4.751   14.293  4.289   1.00 30.79 ? 180 HOH A O   1 
HETATM 1333 O O   . HOH B 2 .   ? -8.895  -19.197 10.393  1.00 41.76 ? 181 HOH A O   1 
HETATM 1334 O O   . HOH B 2 .   ? 5.927   3.283   17.242  1.00 41.98 ? 182 HOH A O   1 
HETATM 1335 O O   . HOH B 2 .   ? -1.202  10.543  -2.774  1.00 21.11 ? 183 HOH A O   1 
HETATM 1336 O O   . HOH B 2 .   ? -13.442 -10.768 -1.283  1.00 35.44 ? 184 HOH A O   1 
HETATM 1337 O O   . HOH B 2 .   ? -10.400 0.302   9.655   1.00 22.57 ? 185 HOH A O   1 
HETATM 1338 O O   . HOH B 2 .   ? -17.417 4.707   12.629  1.00 37.04 ? 186 HOH A O   1 
HETATM 1339 O O   . HOH B 2 .   ? 13.584  14.315  2.993   1.00 23.31 ? 187 HOH A O   1 
HETATM 1340 O O   . HOH B 2 .   ? 18.711  1.915   8.958   1.00 24.83 ? 188 HOH A O   1 
HETATM 1341 O O   . HOH B 2 .   ? 10.782  6.331   14.792  1.00 30.88 ? 189 HOH A O   1 
HETATM 1342 O O   . HOH B 2 .   ? 10.549  9.455   1.746   1.00 23.82 ? 190 HOH A O   1 
HETATM 1343 O O   . HOH B 2 .   ? -3.538  -11.543 12.488  1.00 37.35 ? 191 HOH A O   1 
HETATM 1344 O O   . HOH B 2 .   ? 9.262   0.225   3.002   1.00 53.36 ? 192 HOH A O   1 
HETATM 1345 O O   . HOH B 2 .   ? 10.529  11.384  3.442   1.00 38.96 ? 193 HOH A O   1 
HETATM 1346 O O   . HOH B 2 .   ? 12.620  11.873  4.929   1.00 28.04 ? 194 HOH A O   1 
HETATM 1347 O O   . HOH B 2 .   ? -15.605 4.402   3.258   1.00 41.00 ? 195 HOH A O   1 
HETATM 1348 O O   . HOH B 2 .   ? 8.997   5.551   17.643  1.00 51.32 ? 196 HOH A O   1 
HETATM 1349 O O   . HOH B 2 .   ? 3.189   -2.026  12.895  1.00 40.50 ? 197 HOH A O   1 
HETATM 1350 O O   . HOH B 2 .   ? 10.556  13.861  1.440   1.00 37.94 ? 198 HOH A O   1 
HETATM 1351 O O   . HOH B 2 .   ? 19.862  8.365   -3.591  1.00 49.87 ? 199 HOH A O   1 
HETATM 1352 O O   . HOH B 2 .   ? 11.368  -1.909  -10.770 1.00 40.60 ? 200 HOH A O   1 
HETATM 1353 O O   . HOH B 2 .   ? -15.007 -9.812  1.152   1.00 44.38 ? 201 HOH A O   1 
HETATM 1354 O O   . HOH B 2 .   ? 2.017   2.267   -16.928 1.00 42.29 ? 202 HOH A O   1 
HETATM 1355 O O   . HOH B 2 .   ? -15.881 -5.513  -6.571  1.00 46.90 ? 203 HOH A O   1 
HETATM 1356 O O   . HOH B 2 .   ? -2.248  -14.623 -0.136  1.00 49.18 ? 204 HOH A O   1 
HETATM 1357 O O   . HOH B 2 .   ? 21.016  10.411  -4.683  1.00 40.20 ? 205 HOH A O   1 
HETATM 1358 O O   . HOH B 2 .   ? 18.664  11.033  -5.880  1.00 36.48 ? 206 HOH A O   1 
HETATM 1359 O O   . HOH B 2 .   ? -6.649  -12.857 -7.035  1.00 46.84 ? 207 HOH A O   1 
HETATM 1360 O O   . HOH B 2 .   ? -6.236  -12.263 -4.612  1.00 39.01 ? 208 HOH A O   1 
HETATM 1361 O O   . HOH B 2 .   ? 15.584  -3.186  16.616  1.00 46.24 ? 209 HOH A O   1 
HETATM 1362 O O   . HOH B 2 .   ? 9.231   -2.952  20.901  1.00 59.37 ? 210 HOH A O   1 
HETATM 1363 O O   . HOH B 2 .   ? -0.625  -11.685 13.900  1.00 40.09 ? 211 HOH A O   1 
HETATM 1364 O O   . HOH B 2 .   ? 13.394  14.812  -5.002  1.00 36.55 ? 212 HOH A O   1 
HETATM 1365 O O   . HOH B 2 .   ? 14.643  17.462  -0.707  1.00 53.38 ? 213 HOH A O   1 
HETATM 1366 O O   . HOH B 2 .   ? 21.802  4.485   -3.865  1.00 44.57 ? 214 HOH A O   1 
HETATM 1367 O O   . HOH B 2 .   ? 9.790   8.288   -2.395  1.00 41.89 ? 215 HOH A O   1 
HETATM 1368 O O   . HOH B 2 .   ? -14.645 6.613   0.720   1.00 37.11 ? 216 HOH A O   1 
HETATM 1369 O O   . HOH B 2 .   ? 5.137   1.877   -19.184 1.00 59.18 ? 217 HOH A O   1 
HETATM 1370 O O   . HOH B 2 .   ? 7.740   1.744   -20.067 1.00 47.20 ? 218 HOH A O   1 
HETATM 1371 O O   . HOH B 2 .   ? 10.558  -3.894  -15.838 1.00 42.05 ? 219 HOH A O   1 
HETATM 1372 O O   . HOH B 2 .   ? 8.913   -4.835  -6.147  1.00 42.46 ? 220 HOH A O   1 
HETATM 1373 O O   . HOH B 2 .   ? -0.389  -20.215 2.031   1.00 54.04 ? 221 HOH A O   1 
HETATM 1374 O O   . HOH B 2 .   ? 17.681  8.898   -1.777  1.00 59.15 ? 222 HOH A O   1 
HETATM 1375 O O   . HOH B 2 .   ? 16.697  1.414   -8.169  1.00 43.21 ? 223 HOH A O   1 
HETATM 1376 O O   . HOH B 2 .   ? -8.572  13.511  -6.139  1.00 57.65 ? 224 HOH A O   1 
HETATM 1377 O O   . HOH B 2 .   ? -6.297  11.922  -4.812  1.00 50.70 ? 225 HOH A O   1 
HETATM 1378 O O   . HOH B 2 .   ? -0.768  13.003  -1.756  1.00 34.54 ? 226 HOH A O   1 
HETATM 1379 O O   . HOH B 2 .   ? -4.540  -0.604  19.874  1.00 55.10 ? 227 HOH A O   1 
HETATM 1380 O O   . HOH B 2 .   ? -3.209  -4.997  17.867  1.00 55.51 ? 228 HOH A O   1 
HETATM 1381 O O   . HOH B 2 .   ? 4.043   17.079  4.316   1.00 53.95 ? 229 HOH A O   1 
HETATM 1382 O O   . HOH B 2 .   ? 10.794  13.518  -4.758  1.00 56.38 ? 230 HOH A O   1 
HETATM 1383 O O   . HOH B 2 .   ? -12.510 7.692   11.137  1.00 52.83 ? 231 HOH A O   1 
HETATM 1384 O O   . HOH B 2 .   ? 7.420   -3.149  7.896   1.00 54.72 ? 232 HOH A O   1 
HETATM 1385 O O   . HOH B 2 .   ? 6.827   -4.103  10.432  1.00 58.46 ? 233 HOH A O   1 
HETATM 1386 O O   . HOH B 2 .   ? 1.851   -7.272  -0.195  1.00 58.94 ? 234 HOH A O   1 
HETATM 1387 O O   . HOH B 2 .   ? 0.604   -12.940 -0.547  1.00 57.44 ? 235 HOH A O   1 
HETATM 1388 O O   . HOH B 2 .   ? 18.639  -1.054  8.721   1.00 57.31 ? 236 HOH A O   1 
HETATM 1389 O O   . HOH B 2 .   ? 15.541  -14.406 -10.170 1.00 59.59 ? 237 HOH A O   1 
HETATM 1390 O O   . HOH B 2 .   ? 15.968  -3.292  -15.608 1.00 49.58 ? 238 HOH A O   1 
HETATM 1391 O O   . HOH B 2 .   ? 17.380  8.508   -6.375  1.00 50.37 ? 239 HOH A O   1 
HETATM 1392 O O   . HOH B 2 .   ? 22.516  7.117   -2.817  1.00 49.70 ? 240 HOH A O   1 
HETATM 1393 O O   . HOH B 2 .   ? 11.423  -3.419  3.611   1.00 54.73 ? 241 HOH A O   1 
HETATM 1394 O O   . HOH B 2 .   ? 14.819  1.156   -5.338  1.00 55.55 ? 242 HOH A O   1 
HETATM 1395 O O   . HOH B 2 .   ? 20.867  -6.468  -8.533  1.00 50.94 ? 243 HOH A O   1 
HETATM 1396 O O   . HOH B 2 .   ? 14.235  -3.480  10.765  1.00 56.15 ? 244 HOH A O   1 
HETATM 1397 O O   . HOH B 2 .   ? 7.935   10.706  10.585  1.00 45.63 ? 245 HOH A O   1 
HETATM 1398 O O   . HOH B 2 .   ? -6.704  -2.566  19.578  1.00 50.26 ? 246 HOH A O   1 
HETATM 1399 O O   . HOH B 2 .   ? -18.251 9.926   3.446   1.00 56.38 ? 247 HOH A O   1 
HETATM 1400 O O   . HOH B 2 .   ? -5.665  -7.002  14.039  1.00 52.46 ? 248 HOH A O   1 
HETATM 1401 O O   . HOH B 2 .   ? 2.826   -8.979  10.153  1.00 53.10 ? 249 HOH A O   1 
HETATM 1402 O O   . HOH B 2 .   ? -0.641  -12.330 -3.900  1.00 50.42 ? 250 HOH A O   1 
HETATM 1403 O O   . HOH B 2 .   ? -14.454 -0.736  -1.679  1.00 56.50 ? 251 HOH A O   1 
HETATM 1404 O O   . HOH B 2 .   ? -14.466 1.212   4.485   1.00 52.06 ? 252 HOH A O   1 
HETATM 1405 O O   . HOH B 2 .   ? -16.859 -0.662  10.361  1.00 54.64 ? 253 HOH A O   1 
HETATM 1406 O O   . HOH B 2 .   ? -3.369  11.174  -5.375  1.00 54.76 ? 254 HOH A O   1 
HETATM 1407 O O   . HOH B 2 .   ? 0.319   15.016  -3.203  1.00 56.51 ? 255 HOH A O   1 
HETATM 1408 O O   . HOH B 2 .   ? -14.238 8.176   -11.118 1.00 57.73 ? 256 HOH A O   1 
# 
